data_2NND
# 
_entry.id   2NND 
# 
_audit_conform.dict_name       mmcif_pdbx.dic 
_audit_conform.dict_version    5.380 
_audit_conform.dict_location   http://mmcif.pdb.org/dictionaries/ascii/mmcif_pdbx.dic 
# 
loop_
_database_2.database_id 
_database_2.database_code 
_database_2.pdbx_database_accession 
_database_2.pdbx_DOI 
PDB   2NND         pdb_00002nnd 10.2210/pdb2nnd/pdb 
RCSB  RCSB040072   ?            ?                   
WWPDB D_1000040072 ?            ?                   
# 
_pdbx_database_related.db_name        PDB 
_pdbx_database_related.db_id          2NNE 
_pdbx_database_related.details        'the same protein' 
_pdbx_database_related.content_type   unspecified 
# 
_pdbx_database_status.status_code                     REL 
_pdbx_database_status.entry_id                        2NND 
_pdbx_database_status.recvd_initial_deposition_date   2006-10-24 
_pdbx_database_status.deposit_site                    RCSB 
_pdbx_database_status.process_site                    PDBJ 
_pdbx_database_status.status_code_sf                  REL 
_pdbx_database_status.status_code_mr                  ? 
_pdbx_database_status.SG_entry                        ? 
_pdbx_database_status.pdb_format_compatible           Y 
_pdbx_database_status.status_code_cs                  ? 
_pdbx_database_status.methods_development_category    ? 
_pdbx_database_status.status_code_nmr_data            ? 
# 
loop_
_audit_author.name 
_audit_author.pdbx_ordinal 
'Redondo, C.'     1 
'Bingham, R.J.'   2 
'Vouropoulou, M.' 3 
'Homans, S.W.'    4 
'Findlay, J.B.'   5 
# 
_citation.id                        primary 
_citation.title                     
'Identification of the retinol-binding protein (RBP) interaction site and functional state of RBPs for the membrane receptor.' 
_citation.journal_abbrev            'Faseb J.' 
_citation.journal_volume            22 
_citation.page_first                1043 
_citation.page_last                 1054 
_citation.year                      2008 
_citation.journal_id_ASTM           FAJOEC 
_citation.country                   US 
_citation.journal_id_ISSN           0892-6638 
_citation.journal_id_CSD            2074 
_citation.book_publisher            ? 
_citation.pdbx_database_id_PubMed   17991731 
_citation.pdbx_database_id_DOI      10.1096/fj.07-8939com 
# 
loop_
_citation_author.citation_id 
_citation_author.name 
_citation_author.ordinal 
_citation_author.identifier_ORCID 
primary 'Redondo, C.'     1 ? 
primary 'Vouropoulou, M.' 2 ? 
primary 'Evans, J.'       3 ? 
primary 'Findlay, J.B.'   4 ? 
# 
_cell.entry_id           2NND 
_cell.length_a           53.636 
_cell.length_b           53.636 
_cell.length_c           137.347 
_cell.angle_alpha        90.00 
_cell.angle_beta         90.00 
_cell.angle_gamma        90.00 
_cell.Z_PDB              8 
_cell.pdbx_unique_axis   ? 
_cell.length_a_esd       ? 
_cell.length_b_esd       ? 
_cell.length_c_esd       ? 
_cell.angle_alpha_esd    ? 
_cell.angle_beta_esd     ? 
_cell.angle_gamma_esd    ? 
# 
_symmetry.entry_id                         2NND 
_symmetry.space_group_name_H-M             'P 43 21 2' 
_symmetry.pdbx_full_space_group_name_H-M   ? 
_symmetry.cell_setting                     ? 
_symmetry.Int_Tables_number                96 
_symmetry.space_group_name_Hall            ? 
# 
loop_
_entity.id 
_entity.type 
_entity.src_method 
_entity.pdbx_description 
_entity.formula_weight 
_entity.pdbx_number_of_molecules 
_entity.pdbx_ec 
_entity.pdbx_mutation 
_entity.pdbx_fragment 
_entity.details 
1 polymer     man 'Major urinary protein 2'    20635.045 1   ? ? ? ? 
2 non-polymer syn 'CADMIUM ION'                112.411   4   ? ? ? ? 
3 non-polymer syn 2-ISOBUTYL-3-METHOXYPYRAZINE 166.220   1   ? ? ? ? 
4 water       nat water                        18.015    225 ? ? ? ? 
# 
_entity_name_com.entity_id   1 
_entity_name_com.name        'MUP 2' 
# 
_entity_poly.entity_id                      1 
_entity_poly.type                           'polypeptide(L)' 
_entity_poly.nstd_linkage                   no 
_entity_poly.nstd_monomer                   no 
_entity_poly.pdbx_seq_one_letter_code       
;MRGSHHHHHHGSEEASSTGRNFNVEKINGEWHTIILASDKREKIEDNGNFRLFLEQIHVLEKSLVLKFHGRVRLLNNWDC
SELSMVADKTEKAGEYSVTYDGFNTFTIPKTDYDNFLMAHLINEKDGETFQLMGLYGREPDLSSDIKERFAQLCEEHGIL
RENIIDLSNANRCLQARE
;
_entity_poly.pdbx_seq_one_letter_code_can   
;MRGSHHHHHHGSEEASSTGRNFNVEKINGEWHTIILASDKREKIEDNGNFRLFLEQIHVLEKSLVLKFHGRVRLLNNWDC
SELSMVADKTEKAGEYSVTYDGFNTFTIPKTDYDNFLMAHLINEKDGETFQLMGLYGREPDLSSDIKERFAQLCEEHGIL
RENIIDLSNANRCLQARE
;
_entity_poly.pdbx_strand_id                 A 
_entity_poly.pdbx_target_identifier         ? 
# 
loop_
_entity_poly_seq.entity_id 
_entity_poly_seq.num 
_entity_poly_seq.mon_id 
_entity_poly_seq.hetero 
1 1   MET n 
1 2   ARG n 
1 3   GLY n 
1 4   SER n 
1 5   HIS n 
1 6   HIS n 
1 7   HIS n 
1 8   HIS n 
1 9   HIS n 
1 10  HIS n 
1 11  GLY n 
1 12  SER n 
1 13  GLU n 
1 14  GLU n 
1 15  ALA n 
1 16  SER n 
1 17  SER n 
1 18  THR n 
1 19  GLY n 
1 20  ARG n 
1 21  ASN n 
1 22  PHE n 
1 23  ASN n 
1 24  VAL n 
1 25  GLU n 
1 26  LYS n 
1 27  ILE n 
1 28  ASN n 
1 29  GLY n 
1 30  GLU n 
1 31  TRP n 
1 32  HIS n 
1 33  THR n 
1 34  ILE n 
1 35  ILE n 
1 36  LEU n 
1 37  ALA n 
1 38  SER n 
1 39  ASP n 
1 40  LYS n 
1 41  ARG n 
1 42  GLU n 
1 43  LYS n 
1 44  ILE n 
1 45  GLU n 
1 46  ASP n 
1 47  ASN n 
1 48  GLY n 
1 49  ASN n 
1 50  PHE n 
1 51  ARG n 
1 52  LEU n 
1 53  PHE n 
1 54  LEU n 
1 55  GLU n 
1 56  GLN n 
1 57  ILE n 
1 58  HIS n 
1 59  VAL n 
1 60  LEU n 
1 61  GLU n 
1 62  LYS n 
1 63  SER n 
1 64  LEU n 
1 65  VAL n 
1 66  LEU n 
1 67  LYS n 
1 68  PHE n 
1 69  HIS n 
1 70  GLY n 
1 71  ARG n 
1 72  VAL n 
1 73  ARG n 
1 74  LEU n 
1 75  LEU n 
1 76  ASN n 
1 77  ASN n 
1 78  TRP n 
1 79  ASP n 
1 80  CYS n 
1 81  SER n 
1 82  GLU n 
1 83  LEU n 
1 84  SER n 
1 85  MET n 
1 86  VAL n 
1 87  ALA n 
1 88  ASP n 
1 89  LYS n 
1 90  THR n 
1 91  GLU n 
1 92  LYS n 
1 93  ALA n 
1 94  GLY n 
1 95  GLU n 
1 96  TYR n 
1 97  SER n 
1 98  VAL n 
1 99  THR n 
1 100 TYR n 
1 101 ASP n 
1 102 GLY n 
1 103 PHE n 
1 104 ASN n 
1 105 THR n 
1 106 PHE n 
1 107 THR n 
1 108 ILE n 
1 109 PRO n 
1 110 LYS n 
1 111 THR n 
1 112 ASP n 
1 113 TYR n 
1 114 ASP n 
1 115 ASN n 
1 116 PHE n 
1 117 LEU n 
1 118 MET n 
1 119 ALA n 
1 120 HIS n 
1 121 LEU n 
1 122 ILE n 
1 123 ASN n 
1 124 GLU n 
1 125 LYS n 
1 126 ASP n 
1 127 GLY n 
1 128 GLU n 
1 129 THR n 
1 130 PHE n 
1 131 GLN n 
1 132 LEU n 
1 133 MET n 
1 134 GLY n 
1 135 LEU n 
1 136 TYR n 
1 137 GLY n 
1 138 ARG n 
1 139 GLU n 
1 140 PRO n 
1 141 ASP n 
1 142 LEU n 
1 143 SER n 
1 144 SER n 
1 145 ASP n 
1 146 ILE n 
1 147 LYS n 
1 148 GLU n 
1 149 ARG n 
1 150 PHE n 
1 151 ALA n 
1 152 GLN n 
1 153 LEU n 
1 154 CYS n 
1 155 GLU n 
1 156 GLU n 
1 157 HIS n 
1 158 GLY n 
1 159 ILE n 
1 160 LEU n 
1 161 ARG n 
1 162 GLU n 
1 163 ASN n 
1 164 ILE n 
1 165 ILE n 
1 166 ASP n 
1 167 LEU n 
1 168 SER n 
1 169 ASN n 
1 170 ALA n 
1 171 ASN n 
1 172 ARG n 
1 173 CYS n 
1 174 LEU n 
1 175 GLN n 
1 176 ALA n 
1 177 ARG n 
1 178 GLU n 
# 
loop_
_entity_src_gen.entity_id 
_entity_src_gen.pdbx_src_id 
_entity_src_gen.pdbx_alt_source_flag 
_entity_src_gen.pdbx_seq_type 
_entity_src_gen.pdbx_beg_seq_num 
_entity_src_gen.pdbx_end_seq_num 
_entity_src_gen.gene_src_common_name 
_entity_src_gen.gene_src_genus 
_entity_src_gen.pdbx_gene_src_gene 
_entity_src_gen.gene_src_species 
_entity_src_gen.gene_src_strain 
_entity_src_gen.gene_src_tissue 
_entity_src_gen.gene_src_tissue_fraction 
_entity_src_gen.gene_src_details 
_entity_src_gen.pdbx_gene_src_fragment 
_entity_src_gen.pdbx_gene_src_scientific_name 
_entity_src_gen.pdbx_gene_src_ncbi_taxonomy_id 
_entity_src_gen.pdbx_gene_src_variant 
_entity_src_gen.pdbx_gene_src_cell_line 
_entity_src_gen.pdbx_gene_src_atcc 
_entity_src_gen.pdbx_gene_src_organ 
_entity_src_gen.pdbx_gene_src_organelle 
_entity_src_gen.pdbx_gene_src_cell 
_entity_src_gen.pdbx_gene_src_cellular_location 
_entity_src_gen.host_org_common_name 
_entity_src_gen.pdbx_host_org_scientific_name 
_entity_src_gen.pdbx_host_org_ncbi_taxonomy_id 
_entity_src_gen.host_org_genus 
_entity_src_gen.pdbx_host_org_gene 
_entity_src_gen.pdbx_host_org_organ 
_entity_src_gen.host_org_species 
_entity_src_gen.pdbx_host_org_tissue 
_entity_src_gen.pdbx_host_org_tissue_fraction 
_entity_src_gen.pdbx_host_org_strain 
_entity_src_gen.pdbx_host_org_variant 
_entity_src_gen.pdbx_host_org_cell_line 
_entity_src_gen.pdbx_host_org_atcc 
_entity_src_gen.pdbx_host_org_culture_collection 
_entity_src_gen.pdbx_host_org_cell 
_entity_src_gen.pdbx_host_org_organelle 
_entity_src_gen.pdbx_host_org_cellular_location 
_entity_src_gen.pdbx_host_org_vector_type 
_entity_src_gen.pdbx_host_org_vector 
_entity_src_gen.host_org_details 
_entity_src_gen.expression_system_id 
_entity_src_gen.plasmid_name 
_entity_src_gen.plasmid_details 
_entity_src_gen.pdbx_description 
1 1 sample ? 13 69  'house mouse' Mus 'MUP1, Mup2' ? ? ? ? ? ? 'Mus musculus' 10090 ? ? ? ? ? ? ? ? 'Escherichia coli' 562 
Escherichia ? ? ? ? ? 'BL21 GOLD' ? ? ? ? ? ? ? PLASMID ? ? ? 'pQE30 (QIAGEN)' ? ? 
1 2 sample ? 80 178 'house mouse' Mus 'MUP1, Mup2' ? ? ? ? ? ? 'Mus musculus' 10090 ? ? ? ? ? ? ? ? 'Escherichia coli' 562 
Escherichia ? ? ? ? ? 'BL21 GOLD' ? ? ? ? ? ? ? PLASMID ? ? ? 'pQE30 (QIAGEN)' ? ? 
# 
_struct_ref.id                         1 
_struct_ref.db_name                    UNP 
_struct_ref.db_code                    MUP2_MOUSE 
_struct_ref.pdbx_db_accession          P11589 
_struct_ref.entity_id                  1 
_struct_ref.pdbx_seq_one_letter_code   ? 
_struct_ref.pdbx_align_begin           19 
_struct_ref.pdbx_db_isoform            ? 
# 
loop_
_struct_ref_seq.align_id 
_struct_ref_seq.ref_id 
_struct_ref_seq.pdbx_PDB_id_code 
_struct_ref_seq.pdbx_strand_id 
_struct_ref_seq.seq_align_beg 
_struct_ref_seq.pdbx_seq_align_beg_ins_code 
_struct_ref_seq.seq_align_end 
_struct_ref_seq.pdbx_seq_align_end_ins_code 
_struct_ref_seq.pdbx_db_accession 
_struct_ref_seq.db_align_beg 
_struct_ref_seq.pdbx_db_align_beg_ins_code 
_struct_ref_seq.db_align_end 
_struct_ref_seq.pdbx_db_align_end_ins_code 
_struct_ref_seq.pdbx_auth_seq_align_beg 
_struct_ref_seq.pdbx_auth_seq_align_end 
1 1 2NND A 13 ? 69  ? P11589 19 ? 75  ? 1  57  
2 1 2NND A 80 ? 178 ? P11589 82 ? 180 ? 68 166 
# 
loop_
_struct_ref_seq_dif.align_id 
_struct_ref_seq_dif.pdbx_pdb_id_code 
_struct_ref_seq_dif.mon_id 
_struct_ref_seq_dif.pdbx_pdb_strand_id 
_struct_ref_seq_dif.seq_num 
_struct_ref_seq_dif.pdbx_pdb_ins_code 
_struct_ref_seq_dif.pdbx_seq_db_name 
_struct_ref_seq_dif.pdbx_seq_db_accession_code 
_struct_ref_seq_dif.db_mon_id 
_struct_ref_seq_dif.pdbx_seq_db_seq_num 
_struct_ref_seq_dif.details 
_struct_ref_seq_dif.pdbx_auth_seq_num 
_struct_ref_seq_dif.pdbx_ordinal 
1 2NND MET A 1   ? UNP P11589 ?   ?   'expression tag' -11 1  
1 2NND ARG A 2   ? UNP P11589 ?   ?   'expression tag' -10 2  
1 2NND GLY A 3   ? UNP P11589 ?   ?   'expression tag' -9  3  
1 2NND SER A 4   ? UNP P11589 ?   ?   'expression tag' -8  4  
1 2NND HIS A 5   ? UNP P11589 ?   ?   'expression tag' -7  5  
1 2NND HIS A 6   ? UNP P11589 ?   ?   'expression tag' -6  6  
1 2NND HIS A 7   ? UNP P11589 ?   ?   'expression tag' -5  7  
1 2NND HIS A 8   ? UNP P11589 ?   ?   'expression tag' -4  8  
1 2NND HIS A 9   ? UNP P11589 ?   ?   'expression tag' -3  9  
1 2NND HIS A 10  ? UNP P11589 ?   ?   'expression tag' -2  10 
1 2NND GLY A 11  ? UNP P11589 ?   ?   'expression tag' -1  11 
1 2NND SER A 12  ? UNP P11589 ?   ?   'expression tag' 0   12 
1 2NND GLY A 70  ? UNP P11589 ?   ?   linker           58  13 
1 2NND ARG A 71  ? UNP P11589 ?   ?   linker           59  14 
1 2NND VAL A 72  ? UNP P11589 ?   ?   linker           60  15 
1 2NND ARG A 73  ? UNP P11589 ?   ?   linker           61  16 
1 2NND LEU A 74  ? UNP P11589 ?   ?   linker           62  17 
1 2NND LEU A 75  ? UNP P11589 ?   ?   linker           63  18 
1 2NND ASN A 76  ? UNP P11589 ?   ?   linker           64  19 
1 2NND ASN A 77  ? UNP P11589 ?   ?   linker           65  20 
1 2NND TRP A 78  ? UNP P11589 ?   ?   linker           66  21 
1 2NND ASP A 79  ? UNP P11589 ?   ?   linker           67  22 
1 2NND GLN A 152 ? UNP P11589 LYS 154 'SEE REMARK 999' 140 23 
# 
loop_
_chem_comp.id 
_chem_comp.type 
_chem_comp.mon_nstd_flag 
_chem_comp.name 
_chem_comp.pdbx_synonyms 
_chem_comp.formula 
_chem_comp.formula_weight 
ALA 'L-peptide linking' y ALANINE                      ? 'C3 H7 N O2'     89.093  
ARG 'L-peptide linking' y ARGININE                     ? 'C6 H15 N4 O2 1' 175.209 
ASN 'L-peptide linking' y ASPARAGINE                   ? 'C4 H8 N2 O3'    132.118 
ASP 'L-peptide linking' y 'ASPARTIC ACID'              ? 'C4 H7 N O4'     133.103 
CD  non-polymer         . 'CADMIUM ION'                ? 'Cd 2'           112.411 
CYS 'L-peptide linking' y CYSTEINE                     ? 'C3 H7 N O2 S'   121.158 
GLN 'L-peptide linking' y GLUTAMINE                    ? 'C5 H10 N2 O3'   146.144 
GLU 'L-peptide linking' y 'GLUTAMIC ACID'              ? 'C5 H9 N O4'     147.129 
GLY 'peptide linking'   y GLYCINE                      ? 'C2 H5 N O2'     75.067  
HIS 'L-peptide linking' y HISTIDINE                    ? 'C6 H10 N3 O2 1' 156.162 
HOH non-polymer         . WATER                        ? 'H2 O'           18.015  
ILE 'L-peptide linking' y ISOLEUCINE                   ? 'C6 H13 N O2'    131.173 
LEU 'L-peptide linking' y LEUCINE                      ? 'C6 H13 N O2'    131.173 
LYS 'L-peptide linking' y LYSINE                       ? 'C6 H15 N2 O2 1' 147.195 
MET 'L-peptide linking' y METHIONINE                   ? 'C5 H11 N O2 S'  149.211 
PHE 'L-peptide linking' y PHENYLALANINE                ? 'C9 H11 N O2'    165.189 
PRO 'L-peptide linking' y PROLINE                      ? 'C5 H9 N O2'     115.130 
PRZ non-polymer         . 2-ISOBUTYL-3-METHOXYPYRAZINE ? 'C9 H14 N2 O'    166.220 
SER 'L-peptide linking' y SERINE                       ? 'C3 H7 N O3'     105.093 
THR 'L-peptide linking' y THREONINE                    ? 'C4 H9 N O3'     119.119 
TRP 'L-peptide linking' y TRYPTOPHAN                   ? 'C11 H12 N2 O2'  204.225 
TYR 'L-peptide linking' y TYROSINE                     ? 'C9 H11 N O3'    181.189 
VAL 'L-peptide linking' y VALINE                       ? 'C5 H11 N O2'    117.146 
# 
_exptl.entry_id          2NND 
_exptl.method            'X-RAY DIFFRACTION' 
_exptl.crystals_number   1 
# 
_exptl_crystal.id                    1 
_exptl_crystal.density_meas          ? 
_exptl_crystal.density_Matthews      2.39 
_exptl_crystal.density_percent_sol   48.61 
_exptl_crystal.description           ? 
_exptl_crystal.F_000                 ? 
_exptl_crystal.preparation           ? 
# 
_exptl_crystal_grow.crystal_id      1 
_exptl_crystal_grow.method          'VAPOR DIFFUSION, HANGING DROP' 
_exptl_crystal_grow.temp            291 
_exptl_crystal_grow.temp_details    ? 
_exptl_crystal_grow.pH              4.9 
_exptl_crystal_grow.pdbx_details    'CdCl, malate buffer, pH 4.9, VAPOR DIFFUSION, HANGING DROP, temperature 291K' 
_exptl_crystal_grow.pdbx_pH_range   . 
# 
_diffrn.id                     1 
_diffrn.ambient_temp           100 
_diffrn.ambient_temp_details   ? 
_diffrn.crystal_id             1 
# 
_diffrn_detector.diffrn_id              1 
_diffrn_detector.detector               CCD 
_diffrn_detector.type                   'ADSC QUANTUM 4' 
_diffrn_detector.pdbx_collection_date   2004-11-20 
_diffrn_detector.details                MIRROR 
# 
_diffrn_radiation.diffrn_id                        1 
_diffrn_radiation.wavelength_id                    1 
_diffrn_radiation.pdbx_monochromatic_or_laue_m_l   M 
_diffrn_radiation.monochromator                    SI111 
_diffrn_radiation.pdbx_diffrn_protocol             'SINGLE WAVELENGTH' 
_diffrn_radiation.pdbx_scattering_type             x-ray 
# 
_diffrn_radiation_wavelength.id           1 
_diffrn_radiation_wavelength.wavelength   1.488 
_diffrn_radiation_wavelength.wt           1.0 
# 
_diffrn_source.diffrn_id                   1 
_diffrn_source.source                      SYNCHROTRON 
_diffrn_source.type                        'SRS BEAMLINE PX14.1' 
_diffrn_source.pdbx_synchrotron_site       SRS 
_diffrn_source.pdbx_synchrotron_beamline   PX14.1 
_diffrn_source.pdbx_wavelength             ? 
_diffrn_source.pdbx_wavelength_list        1.488 
# 
_reflns.entry_id                     2NND 
_reflns.observed_criterion_sigma_F   0 
_reflns.observed_criterion_sigma_I   0 
_reflns.d_resolution_high            1.6 
_reflns.d_resolution_low             42.3 
_reflns.number_all                   27306 
_reflns.number_obs                   27306 
_reflns.percent_possible_obs         99.8 
_reflns.pdbx_Rmerge_I_obs            0.093 
_reflns.pdbx_Rsym_value              0.093 
_reflns.pdbx_netI_over_sigmaI        3.8 
_reflns.B_iso_Wilson_estimate        15.7 
_reflns.pdbx_redundancy              7.5 
_reflns.R_free_details               ? 
_reflns.limit_h_max                  ? 
_reflns.limit_h_min                  ? 
_reflns.limit_k_max                  ? 
_reflns.limit_k_min                  ? 
_reflns.limit_l_max                  ? 
_reflns.limit_l_min                  ? 
_reflns.observed_criterion_F_max     ? 
_reflns.observed_criterion_F_min     ? 
_reflns.pdbx_chi_squared             ? 
_reflns.pdbx_scaling_rejects         ? 
_reflns.pdbx_diffrn_id               1 
_reflns.pdbx_ordinal                 1 
# 
_reflns_shell.d_res_high             1.6 
_reflns_shell.d_res_low              1.69 
_reflns_shell.percent_possible_all   100 
_reflns_shell.Rmerge_I_obs           0.306 
_reflns_shell.pdbx_Rsym_value        0.306 
_reflns_shell.meanI_over_sigI_obs    2.4 
_reflns_shell.pdbx_redundancy        7.4 
_reflns_shell.percent_possible_obs   ? 
_reflns_shell.number_unique_all      3897 
_reflns_shell.number_measured_all    ? 
_reflns_shell.number_measured_obs    ? 
_reflns_shell.number_unique_obs      ? 
_reflns_shell.pdbx_chi_squared       ? 
_reflns_shell.pdbx_diffrn_id         ? 
_reflns_shell.pdbx_ordinal           1 
# 
_refine.entry_id                                 2NND 
_refine.ls_number_reflns_obs                     25898 
_refine.ls_number_reflns_all                     25898 
_refine.pdbx_ls_sigma_I                          0 
_refine.pdbx_ls_sigma_F                          0 
_refine.pdbx_data_cutoff_high_absF               ? 
_refine.pdbx_data_cutoff_low_absF                ? 
_refine.pdbx_data_cutoff_high_rms_absF           ? 
_refine.ls_d_res_low                             42.3 
_refine.ls_d_res_high                            1.6 
_refine.ls_percent_reflns_obs                    99.67 
_refine.ls_R_factor_obs                          0.198 
_refine.ls_R_factor_all                          0.198 
_refine.ls_R_factor_R_work                       0.19 
_refine.ls_R_factor_R_free                       0.22741 
_refine.ls_R_factor_R_free_error                 ? 
_refine.ls_R_factor_R_free_error_details         ? 
_refine.ls_percent_reflns_R_free                 5.1 
_refine.ls_number_reflns_R_free                  1372 
_refine.ls_number_parameters                     ? 
_refine.ls_number_restraints                     ? 
_refine.occupancy_min                            ? 
_refine.occupancy_max                            ? 
_refine.correlation_coeff_Fo_to_Fc               0.951 
_refine.correlation_coeff_Fo_to_Fc_free          0.936 
_refine.B_iso_mean                               19.189 
_refine.aniso_B[1][1]                            0.43 
_refine.aniso_B[2][2]                            0.43 
_refine.aniso_B[3][3]                            -0.85 
_refine.aniso_B[1][2]                            0.00 
_refine.aniso_B[1][3]                            0.00 
_refine.aniso_B[2][3]                            0.00 
_refine.solvent_model_details                    MASK 
_refine.solvent_model_param_ksol                 ? 
_refine.solvent_model_param_bsol                 ? 
_refine.pdbx_solvent_vdw_probe_radii             1.40 
_refine.pdbx_solvent_ion_probe_radii             0.80 
_refine.pdbx_solvent_shrinkage_radii             0.80 
_refine.pdbx_ls_cross_valid_method               THROUGHOUT 
_refine.details                                  'HYDROGENS HAVE BEEN ADDED IN THE RIDING POSITIONS' 
_refine.pdbx_starting_model                      1QY0 
_refine.pdbx_method_to_determine_struct          'MOLECULAR REPLACEMENT' 
_refine.pdbx_isotropic_thermal_model             Isotropic 
_refine.pdbx_stereochemistry_target_values       'MAXIMUM LIKELIHOOD' 
_refine.pdbx_stereochem_target_val_spec_case     ? 
_refine.pdbx_R_Free_selection_details            RANDOM 
_refine.pdbx_overall_ESU_R                       0.073 
_refine.pdbx_overall_ESU_R_Free                  0.075 
_refine.overall_SU_ML                            0.047 
_refine.overall_SU_B                             1.206 
_refine.ls_redundancy_reflns_obs                 ? 
_refine.B_iso_min                                ? 
_refine.B_iso_max                                ? 
_refine.overall_SU_R_Cruickshank_DPI             ? 
_refine.overall_SU_R_free                        ? 
_refine.ls_wR_factor_R_free                      ? 
_refine.ls_wR_factor_R_work                      ? 
_refine.overall_FOM_free_R_set                   ? 
_refine.overall_FOM_work_R_set                   ? 
_refine.pdbx_refine_id                           'X-RAY DIFFRACTION' 
_refine.pdbx_overall_phase_error                 ? 
_refine.pdbx_diffrn_id                           1 
_refine.pdbx_TLS_residual_ADP_flag               ? 
_refine.pdbx_overall_SU_R_free_Cruickshank_DPI   ? 
_refine.pdbx_overall_SU_R_Blow_DPI               ? 
_refine.pdbx_overall_SU_R_free_Blow_DPI          ? 
# 
_refine_hist.pdbx_refine_id                   'X-RAY DIFFRACTION' 
_refine_hist.cycle_id                         LAST 
_refine_hist.pdbx_number_atoms_protein        1184 
_refine_hist.pdbx_number_atoms_nucleic_acid   0 
_refine_hist.pdbx_number_atoms_ligand         16 
_refine_hist.number_atoms_solvent             225 
_refine_hist.number_atoms_total               1425 
_refine_hist.d_res_high                       1.6 
_refine_hist.d_res_low                        42.3 
# 
loop_
_refine_ls_restr.type 
_refine_ls_restr.dev_ideal 
_refine_ls_restr.dev_ideal_target 
_refine_ls_restr.weight 
_refine_ls_restr.number 
_refine_ls_restr.pdbx_refine_id 
_refine_ls_restr.pdbx_restraint_function 
r_bond_refined_d             0.009  0.022  ? 1226 'X-RAY DIFFRACTION' ? 
r_bond_other_d               ?      ?      ? ?    'X-RAY DIFFRACTION' ? 
r_angle_refined_deg          1.224  1.961  ? 1646 'X-RAY DIFFRACTION' ? 
r_angle_other_deg            ?      ?      ? ?    'X-RAY DIFFRACTION' ? 
r_dihedral_angle_1_deg       6.034  5.000  ? 146  'X-RAY DIFFRACTION' ? 
r_dihedral_angle_2_deg       34.967 25.303 ? 66   'X-RAY DIFFRACTION' ? 
r_dihedral_angle_3_deg       12.898 15.000 ? 224  'X-RAY DIFFRACTION' ? 
r_dihedral_angle_4_deg       8.698  15.000 ? 6    'X-RAY DIFFRACTION' ? 
r_chiral_restr               0.087  0.200  ? 178  'X-RAY DIFFRACTION' ? 
r_gen_planes_refined         0.005  0.020  ? 929  'X-RAY DIFFRACTION' ? 
r_gen_planes_other           ?      ?      ? ?    'X-RAY DIFFRACTION' ? 
r_nbd_refined                0.209  0.200  ? 534  'X-RAY DIFFRACTION' ? 
r_nbd_other                  ?      ?      ? ?    'X-RAY DIFFRACTION' ? 
r_nbtor_refined              0.310  0.200  ? 829  'X-RAY DIFFRACTION' ? 
r_nbtor_other                ?      ?      ? ?    'X-RAY DIFFRACTION' ? 
r_xyhbond_nbd_refined        0.137  0.200  ? 199  'X-RAY DIFFRACTION' ? 
r_xyhbond_nbd_other          ?      ?      ? ?    'X-RAY DIFFRACTION' ? 
r_metal_ion_refined          0.035  0.200  ? 1    'X-RAY DIFFRACTION' ? 
r_metal_ion_other            ?      ?      ? ?    'X-RAY DIFFRACTION' ? 
r_symmetry_vdw_refined       0.206  0.200  ? 42   'X-RAY DIFFRACTION' ? 
r_symmetry_vdw_other         ?      ?      ? ?    'X-RAY DIFFRACTION' ? 
r_symmetry_hbond_refined     0.343  0.200  ? 37   'X-RAY DIFFRACTION' ? 
r_symmetry_hbond_other       ?      ?      ? ?    'X-RAY DIFFRACTION' ? 
r_symmetry_metal_ion_refined ?      ?      ? ?    'X-RAY DIFFRACTION' ? 
r_symmetry_metal_ion_other   ?      ?      ? ?    'X-RAY DIFFRACTION' ? 
r_mcbond_it                  0.885  1.500  ? 752  'X-RAY DIFFRACTION' ? 
r_mcbond_other               ?      ?      ? ?    'X-RAY DIFFRACTION' ? 
r_mcangle_it                 1.477  2.000  ? 1171 'X-RAY DIFFRACTION' ? 
r_scbond_it                  2.213  3.000  ? 527  'X-RAY DIFFRACTION' ? 
r_scangle_it                 3.544  4.500  ? 475  'X-RAY DIFFRACTION' ? 
r_rigid_bond_restr           ?      ?      ? ?    'X-RAY DIFFRACTION' ? 
r_sphericity_free            ?      ?      ? ?    'X-RAY DIFFRACTION' ? 
r_sphericity_bonded          ?      ?      ? ?    'X-RAY DIFFRACTION' ? 
# 
_refine_ls_shell.pdbx_total_number_of_bins_used   20 
_refine_ls_shell.d_res_high                       1.6 
_refine_ls_shell.d_res_low                        1.642 
_refine_ls_shell.number_reflns_R_work             2191 
_refine_ls_shell.R_factor_R_work                  0.234 
_refine_ls_shell.percent_reflns_obs               100 
_refine_ls_shell.R_factor_R_free                  0.256 
_refine_ls_shell.R_factor_R_free_error            ? 
_refine_ls_shell.percent_reflns_R_free            ? 
_refine_ls_shell.number_reflns_R_free             101 
_refine_ls_shell.number_reflns_all                ? 
_refine_ls_shell.R_factor_all                     ? 
_refine_ls_shell.number_reflns_obs                1859 
_refine_ls_shell.redundancy_reflns_obs            ? 
_refine_ls_shell.pdbx_refine_id                   'X-RAY DIFFRACTION' 
# 
_struct.entry_id                  2NND 
_struct.title                     
'The Structural Identification of the Interaction Site and Functional State of RBP for its Membrane Receptor' 
_struct.pdbx_model_details        ? 
_struct.pdbx_CASP_flag            ? 
_struct.pdbx_model_type_details   ? 
# 
_struct_keywords.entry_id        2NND 
_struct_keywords.pdbx_keywords   'TRANSPORT PROTEIN' 
_struct_keywords.text            'LIPOCALIN BETA-BARREL, TRANSPORT PROTEIN' 
# 
loop_
_struct_asym.id 
_struct_asym.pdbx_blank_PDB_chainid_flag 
_struct_asym.pdbx_modified 
_struct_asym.entity_id 
_struct_asym.details 
A N N 1 ? 
B N N 2 ? 
C N N 2 ? 
D N N 2 ? 
E N N 2 ? 
F N N 3 ? 
G N N 4 ? 
# 
_struct_biol.id        1 
_struct_biol.details   ? 
# 
loop_
_struct_conf.conf_type_id 
_struct_conf.id 
_struct_conf.pdbx_PDB_helix_id 
_struct_conf.beg_label_comp_id 
_struct_conf.beg_label_asym_id 
_struct_conf.beg_label_seq_id 
_struct_conf.pdbx_beg_PDB_ins_code 
_struct_conf.end_label_comp_id 
_struct_conf.end_label_asym_id 
_struct_conf.end_label_seq_id 
_struct_conf.pdbx_end_PDB_ins_code 
_struct_conf.beg_auth_comp_id 
_struct_conf.beg_auth_asym_id 
_struct_conf.beg_auth_seq_id 
_struct_conf.end_auth_comp_id 
_struct_conf.end_auth_asym_id 
_struct_conf.end_auth_seq_id 
_struct_conf.pdbx_PDB_helix_class 
_struct_conf.details 
_struct_conf.pdbx_PDB_helix_length 
HELX_P HELX_P1 1 ASN A 23  ? ASN A 28  ? ASN A 11  ASN A 16  5 ? 6  
HELX_P HELX_P2 2 LYS A 40  ? GLU A 45  ? LYS A 28  GLU A 33  5 ? 6  
HELX_P HELX_P3 3 SER A 143 ? HIS A 157 ? SER A 131 HIS A 145 1 ? 15 
HELX_P HELX_P4 4 LEU A 160 ? GLU A 162 ? LEU A 148 GLU A 150 5 ? 3  
# 
_struct_conf_type.id          HELX_P 
_struct_conf_type.criteria    ? 
_struct_conf_type.reference   ? 
# 
_struct_sheet.id               A 
_struct_sheet.type             ? 
_struct_sheet.number_strands   10 
_struct_sheet.details          ? 
# 
loop_
_struct_sheet_order.sheet_id 
_struct_sheet_order.range_id_1 
_struct_sheet_order.range_id_2 
_struct_sheet_order.offset 
_struct_sheet_order.sense 
A 1 2  ? anti-parallel 
A 2 3  ? anti-parallel 
A 3 4  ? anti-parallel 
A 4 5  ? anti-parallel 
A 5 6  ? anti-parallel 
A 6 7  ? anti-parallel 
A 7 8  ? anti-parallel 
A 8 9  ? anti-parallel 
A 9 10 ? anti-parallel 
# 
loop_
_struct_sheet_range.sheet_id 
_struct_sheet_range.id 
_struct_sheet_range.beg_label_comp_id 
_struct_sheet_range.beg_label_asym_id 
_struct_sheet_range.beg_label_seq_id 
_struct_sheet_range.pdbx_beg_PDB_ins_code 
_struct_sheet_range.end_label_comp_id 
_struct_sheet_range.end_label_asym_id 
_struct_sheet_range.end_label_seq_id 
_struct_sheet_range.pdbx_end_PDB_ins_code 
_struct_sheet_range.beg_auth_comp_id 
_struct_sheet_range.beg_auth_asym_id 
_struct_sheet_range.beg_auth_seq_id 
_struct_sheet_range.end_auth_comp_id 
_struct_sheet_range.end_auth_asym_id 
_struct_sheet_range.end_auth_seq_id 
A 1  GLY A 29  ? GLU A 30  ? GLY A 17  GLU A 18  
A 2  PHE A 53  ? VAL A 59  ? PHE A 41  VAL A 47  
A 3  SER A 63  ? HIS A 69  ? SER A 51  HIS A 57  
A 4  LEU A 83  ? LYS A 89  ? LEU A 71  LYS A 77  
A 5  TYR A 96  ? THR A 99  ? TYR A 84  THR A 87  
A 6  PHE A 103 ? THR A 111 ? PHE A 91  THR A 99  
A 7  PHE A 116 ? LYS A 125 ? PHE A 104 LYS A 113 
A 8  GLU A 128 ? GLY A 137 ? GLU A 116 GLY A 125 
A 9  HIS A 32  ? SER A 38  ? HIS A 20  SER A 26  
A 10 ILE A 164 ? ASP A 166 ? ILE A 152 ASP A 154 
# 
loop_
_pdbx_struct_sheet_hbond.sheet_id 
_pdbx_struct_sheet_hbond.range_id_1 
_pdbx_struct_sheet_hbond.range_id_2 
_pdbx_struct_sheet_hbond.range_1_label_atom_id 
_pdbx_struct_sheet_hbond.range_1_label_comp_id 
_pdbx_struct_sheet_hbond.range_1_label_asym_id 
_pdbx_struct_sheet_hbond.range_1_label_seq_id 
_pdbx_struct_sheet_hbond.range_1_PDB_ins_code 
_pdbx_struct_sheet_hbond.range_1_auth_atom_id 
_pdbx_struct_sheet_hbond.range_1_auth_comp_id 
_pdbx_struct_sheet_hbond.range_1_auth_asym_id 
_pdbx_struct_sheet_hbond.range_1_auth_seq_id 
_pdbx_struct_sheet_hbond.range_2_label_atom_id 
_pdbx_struct_sheet_hbond.range_2_label_comp_id 
_pdbx_struct_sheet_hbond.range_2_label_asym_id 
_pdbx_struct_sheet_hbond.range_2_label_seq_id 
_pdbx_struct_sheet_hbond.range_2_PDB_ins_code 
_pdbx_struct_sheet_hbond.range_2_auth_atom_id 
_pdbx_struct_sheet_hbond.range_2_auth_comp_id 
_pdbx_struct_sheet_hbond.range_2_auth_asym_id 
_pdbx_struct_sheet_hbond.range_2_auth_seq_id 
A 1 2  N GLY A 29  ? N GLY A 17  O ILE A 57  ? O ILE A 45  
A 2 3  N GLU A 55  ? N GLU A 43  O LYS A 67  ? O LYS A 55  
A 3 4  N LEU A 64  ? N LEU A 52  O ALA A 87  ? O ALA A 75  
A 4 5  N ASP A 88  ? N ASP A 76  O SER A 97  ? O SER A 85  
A 5 6  N TYR A 96  ? N TYR A 84  O PHE A 106 ? O PHE A 94  
A 6 7  N THR A 105 ? N THR A 93  O ILE A 122 ? O ILE A 110 
A 7 8  N LEU A 121 ? N LEU A 109 O LEU A 132 ? O LEU A 120 
A 8 9  O MET A 133 ? O MET A 121 N ALA A 37  ? N ALA A 25  
A 9 10 N LEU A 36  ? N LEU A 24  O ILE A 165 ? O ILE A 153 
# 
loop_
_struct_site.id 
_struct_site.pdbx_evidence_code 
_struct_site.pdbx_auth_asym_id 
_struct_site.pdbx_auth_comp_id 
_struct_site.pdbx_auth_seq_id 
_struct_site.pdbx_auth_ins_code 
_struct_site.pdbx_num_residues 
_struct_site.details 
AC1 Software A CD  200 ? 5 'BINDING SITE FOR RESIDUE CD A 200'  
AC2 Software A CD  201 ? 5 'BINDING SITE FOR RESIDUE CD A 201'  
AC3 Software A CD  202 ? 7 'BINDING SITE FOR RESIDUE CD A 202'  
AC4 Software A CD  373 ? 5 'BINDING SITE FOR RESIDUE CD A 373'  
AC5 Software A PRZ 300 ? 4 'BINDING SITE FOR RESIDUE PRZ A 300' 
# 
loop_
_struct_site_gen.id 
_struct_site_gen.site_id 
_struct_site_gen.pdbx_num_res 
_struct_site_gen.label_comp_id 
_struct_site_gen.label_asym_id 
_struct_site_gen.label_seq_id 
_struct_site_gen.pdbx_auth_ins_code 
_struct_site_gen.auth_comp_id 
_struct_site_gen.auth_asym_id 
_struct_site_gen.auth_seq_id 
_struct_site_gen.label_atom_id 
_struct_site_gen.label_alt_id 
_struct_site_gen.symmetry 
_struct_site_gen.details 
1  AC1 5 GLU A 30  ? GLU A 18  . ? 5_645 ? 
2  AC1 5 GLU A 155 ? GLU A 143 . ? 1_555 ? 
3  AC1 5 HOH G .   ? HOH A 381 . ? 1_555 ? 
4  AC1 5 HOH G .   ? HOH A 583 . ? 8_665 ? 
5  AC1 5 HOH G .   ? HOH A 594 . ? 1_555 ? 
6  AC2 5 GLU A 25  ? GLU A 13  . ? 1_555 ? 
7  AC2 5 ASP A 126 ? ASP A 114 . ? 8_675 ? 
8  AC2 5 HOH G .   ? HOH A 431 . ? 1_555 ? 
9  AC2 5 HOH G .   ? HOH A 433 . ? 1_555 ? 
10 AC2 5 HOH G .   ? HOH A 448 . ? 1_555 ? 
11 AC3 7 HIS A 120 ? HIS A 108 . ? 1_555 ? 
12 AC3 7 CD  E .   ? CD  A 373 . ? 1_555 ? 
13 AC3 7 HOH G .   ? HOH A 383 . ? 8_665 ? 
14 AC3 7 HOH G .   ? HOH A 430 . ? 1_555 ? 
15 AC3 7 HOH G .   ? HOH A 487 . ? 1_555 ? 
16 AC3 7 HOH G .   ? HOH A 547 . ? 1_555 ? 
17 AC3 7 HOH G .   ? HOH A 551 . ? 8_665 ? 
18 AC4 5 HIS A 157 ? HIS A 145 . ? 1_555 ? 
19 AC4 5 CD  D .   ? CD  A 202 . ? 1_555 ? 
20 AC4 5 HOH G .   ? HOH A 383 . ? 8_665 ? 
21 AC4 5 HOH G .   ? HOH A 480 . ? 1_555 ? 
22 AC4 5 HOH G .   ? HOH A 547 . ? 1_555 ? 
23 AC5 4 PHE A 50  ? PHE A 38  . ? 1_555 ? 
24 AC5 4 LEU A 52  ? LEU A 40  . ? 1_555 ? 
25 AC5 4 LEU A 121 ? LEU A 109 . ? 1_555 ? 
26 AC5 4 TYR A 136 ? TYR A 124 . ? 1_555 ? 
# 
_atom_sites.entry_id                    2NND 
_atom_sites.fract_transf_matrix[1][1]   -0.00055567 
_atom_sites.fract_transf_matrix[1][2]   -0.01219186 
_atom_sites.fract_transf_matrix[1][3]   0.01409427 
_atom_sites.fract_transf_matrix[2][1]   -0.00763112 
_atom_sites.fract_transf_matrix[2][2]   -0.01271527 
_atom_sites.fract_transf_matrix[2][3]   -0.01129985 
_atom_sites.fract_transf_matrix[3][1]   0.00663962 
_atom_sites.fract_transf_matrix[3][2]   -0.00238443 
_atom_sites.fract_transf_matrix[3][3]   -0.00180082 
_atom_sites.fract_transf_vector[1]      0.859921 
_atom_sites.fract_transf_vector[2]      0.434802 
_atom_sites.fract_transf_vector[3]      0.307633 
# 
loop_
_atom_type.symbol 
C  
CD 
N  
O  
S  
# 
loop_
_atom_site.group_PDB 
_atom_site.id 
_atom_site.type_symbol 
_atom_site.label_atom_id 
_atom_site.label_alt_id 
_atom_site.label_comp_id 
_atom_site.label_asym_id 
_atom_site.label_entity_id 
_atom_site.label_seq_id 
_atom_site.pdbx_PDB_ins_code 
_atom_site.Cartn_x 
_atom_site.Cartn_y 
_atom_site.Cartn_z 
_atom_site.occupancy 
_atom_site.B_iso_or_equiv 
_atom_site.pdbx_formal_charge 
_atom_site.auth_seq_id 
_atom_site.auth_comp_id 
_atom_site.auth_asym_id 
_atom_site.auth_atom_id 
_atom_site.pdbx_PDB_model_num 
ATOM   1    N  N   . GLU A 1 13  ? 3.824   4.348   -18.968 1.00 20.00  ? 1   GLU A N   1 
ATOM   2    C  CA  . GLU A 1 13  ? 2.550   4.950   -18.591 1.00 20.00  ? 1   GLU A CA  1 
ATOM   3    C  C   . GLU A 1 13  ? 2.273   4.767   -17.102 1.00 20.00  ? 1   GLU A C   1 
ATOM   4    O  O   . GLU A 1 13  ? 2.551   3.694   -16.543 1.00 27.89  ? 1   GLU A O   1 
ATOM   5    C  CB  . GLU A 1 13  ? 1.419   4.358   -19.419 1.00 20.00  ? 1   GLU A CB  1 
ATOM   6    N  N   . GLU A 1 14  ? 1.771   5.814   -16.464 1.00 25.30  ? 2   GLU A N   1 
ATOM   7    C  CA  . GLU A 1 14  ? 1.426   5.768   -15.044 1.00 23.48  ? 2   GLU A CA  1 
ATOM   8    C  C   . GLU A 1 14  ? -0.045  6.072   -14.821 1.00 22.07  ? 2   GLU A C   1 
ATOM   9    O  O   . GLU A 1 14  ? -0.705  6.698   -15.658 1.00 22.04  ? 2   GLU A O   1 
ATOM   10   C  CB  . GLU A 1 14  ? 2.313   6.711   -14.231 1.00 23.34  ? 2   GLU A CB  1 
ATOM   11   C  CG  . GLU A 1 14  ? 3.768   6.245   -14.187 1.00 23.91  ? 2   GLU A CG  1 
ATOM   12   C  CD  . GLU A 1 14  ? 4.688   7.152   -13.394 1.00 24.65  ? 2   GLU A CD  1 
ATOM   13   O  OE1 . GLU A 1 14  ? 5.904   6.848   -13.376 1.00 25.95  ? 2   GLU A OE1 1 
ATOM   14   O  OE2 . GLU A 1 14  ? 4.212   8.152   -12.802 1.00 25.76  ? 2   GLU A OE2 1 
ATOM   15   N  N   . ALA A 1 15  ? -0.558  5.619   -13.684 1.00 19.80  ? 3   ALA A N   1 
ATOM   16   C  CA  . ALA A 1 15  ? -1.982  5.735   -13.391 1.00 18.49  ? 3   ALA A CA  1 
ATOM   17   C  C   . ALA A 1 15  ? -2.243  5.813   -11.891 1.00 17.52  ? 3   ALA A C   1 
ATOM   18   O  O   . ALA A 1 15  ? -1.414  5.400   -11.085 1.00 16.25  ? 3   ALA A O   1 
ATOM   19   C  CB  . ALA A 1 15  ? -2.747  4.561   -13.997 1.00 19.06  ? 3   ALA A CB  1 
ATOM   20   N  N   . SER A 1 16  ? -3.406  6.358   -11.544 1.00 17.08  ? 4   SER A N   1 
ATOM   21   C  CA  . SER A 1 16  ? -3.942  6.327   -10.190 1.00 16.91  ? 4   SER A CA  1 
ATOM   22   C  C   . SER A 1 16  ? -5.207  5.487   -10.242 1.00 16.24  ? 4   SER A C   1 
ATOM   23   O  O   . SER A 1 16  ? -5.917  5.511   -11.249 1.00 15.94  ? 4   SER A O   1 
ATOM   24   C  CB  . SER A 1 16  ? -4.294  7.739   -9.722  1.00 17.71  ? 4   SER A CB  1 
ATOM   25   O  OG  . SER A 1 16  ? -5.114  7.699   -8.557  1.00 21.52  ? 4   SER A OG  1 
ATOM   26   N  N   . SER A 1 17  ? -5.493  4.749   -9.169  1.00 15.47  ? 5   SER A N   1 
ATOM   27   C  CA  . SER A 1 17  ? -6.703  3.922   -9.121  1.00 15.89  ? 5   SER A CA  1 
ATOM   28   C  C   . SER A 1 17  ? -7.980  4.752   -9.265  1.00 16.99  ? 5   SER A C   1 
ATOM   29   O  O   . SER A 1 17  ? -9.010  4.253   -9.720  1.00 17.19  ? 5   SER A O   1 
ATOM   30   C  CB  . SER A 1 17  ? -6.744  3.053   -7.857  1.00 15.90  ? 5   SER A CB  1 
ATOM   31   O  OG  . SER A 1 17  ? -6.929  3.847   -6.698  1.00 12.37  ? 5   SER A OG  1 
ATOM   32   N  N   . THR A 1 18  ? -7.896  6.025   -8.901  1.00 17.84  ? 6   THR A N   1 
ATOM   33   C  CA  . THR A 1 18  ? -9.061  6.904   -8.947  1.00 19.48  ? 6   THR A CA  1 
ATOM   34   C  C   . THR A 1 18  ? -9.197  7.592   -10.301 1.00 20.54  ? 6   THR A C   1 
ATOM   35   O  O   . THR A 1 18  ? -10.193 8.267   -10.553 1.00 21.51  ? 6   THR A O   1 
ATOM   36   C  CB  . THR A 1 18  ? -9.048  7.928   -7.801  1.00 19.22  ? 6   THR A CB  1 
ATOM   37   O  OG1 . THR A 1 18  ? -7.790  8.609   -7.774  1.00 21.16  ? 6   THR A OG1 1 
ATOM   38   C  CG2 . THR A 1 18  ? -9.272  7.217   -6.472  1.00 19.50  ? 6   THR A CG2 1 
ATOM   39   N  N   . GLY A 1 19  ? -8.202  7.393   -11.167 1.00 21.37  ? 7   GLY A N   1 
ATOM   40   C  CA  . GLY A 1 19  ? -8.175  7.993   -12.502 1.00 22.79  ? 7   GLY A CA  1 
ATOM   41   C  C   . GLY A 1 19  ? -9.013  7.251   -13.527 1.00 23.75  ? 7   GLY A C   1 
ATOM   42   O  O   . GLY A 1 19  ? -9.279  6.053   -13.393 1.00 23.90  ? 7   GLY A O   1 
ATOM   43   N  N   . ARG A 1 20  ? -9.398  7.953   -14.581 1.00 20.00  ? 8   ARG A N   1 
ATOM   44   C  CA  . ARG A 1 20  ? -10.293 7.428   -15.605 1.00 20.00  ? 8   ARG A CA  1 
ATOM   45   C  C   . ARG A 1 20  ? -9.644  6.277   -16.367 1.00 20.00  ? 8   ARG A C   1 
ATOM   46   O  O   . ARG A 1 20  ? -10.366 5.322   -16.764 1.00 26.82  ? 8   ARG A O   1 
ATOM   47   C  CB  . ARG A 1 20  ? -10.709 8.534   -16.563 1.00 20.00  ? 8   ARG A CB  1 
ATOM   48   N  N   . ASN A 1 21  ? -8.357  6.341   -16.608 1.00 25.40  ? 9   ASN A N   1 
ATOM   49   C  CA  . ASN A 1 21  ? -7.675  5.331   -17.416 1.00 24.65  ? 9   ASN A CA  1 
ATOM   50   C  C   . ASN A 1 21  ? -7.030  4.184   -16.621 1.00 23.22  ? 9   ASN A C   1 
ATOM   51   O  O   . ASN A 1 21  ? -6.258  3.411   -17.181 1.00 23.30  ? 9   ASN A O   1 
ATOM   52   C  CB  . ASN A 1 21  ? -6.666  5.984   -18.377 1.00 25.51  ? 9   ASN A CB  1 
ATOM   53   C  CG  . ASN A 1 21  ? -5.419  6.511   -17.674 1.00 28.10  ? 9   ASN A CG  1 
ATOM   54   O  OD1 . ASN A 1 21  ? -5.345  6.552   -16.442 1.00 31.85  ? 9   ASN A OD1 1 
ATOM   55   N  ND2 . ASN A 1 21  ? -4.427  6.917   -18.465 1.00 30.96  ? 9   ASN A ND2 1 
ATOM   56   N  N   . PHE A 1 22  ? -7.345  4.077   -15.327 1.00 20.97  ? 10  PHE A N   1 
ATOM   57   C  CA  . PHE A 1 22  ? -6.803  2.999   -14.489 1.00 19.28  ? 10  PHE A CA  1 
ATOM   58   C  C   . PHE A 1 22  ? -7.238  1.630   -14.993 1.00 18.90  ? 10  PHE A C   1 
ATOM   59   O  O   . PHE A 1 22  ? -8.417  1.404   -15.286 1.00 18.82  ? 10  PHE A O   1 
ATOM   60   C  CB  . PHE A 1 22  ? -7.241  3.172   -13.035 1.00 18.97  ? 10  PHE A CB  1 
ATOM   61   C  CG  . PHE A 1 22  ? -6.628  2.172   -12.081 1.00 17.10  ? 10  PHE A CG  1 
ATOM   62   C  CD1 . PHE A 1 22  ? -5.247  2.125   -11.877 1.00 18.04  ? 10  PHE A CD1 1 
ATOM   63   C  CD2 . PHE A 1 22  ? -7.436  1.306   -11.361 1.00 15.74  ? 10  PHE A CD2 1 
ATOM   64   C  CE1 . PHE A 1 22  ? -4.687  1.208   -10.983 1.00 16.62  ? 10  PHE A CE1 1 
ATOM   65   C  CE2 . PHE A 1 22  ? -6.885  0.395   -10.459 1.00 16.96  ? 10  PHE A CE2 1 
ATOM   66   C  CZ  . PHE A 1 22  ? -5.506  0.342   -10.279 1.00 16.90  ? 10  PHE A CZ  1 
ATOM   67   N  N   . ASN A 1 23  ? -6.274  0.717   -15.079 1.00 18.05  ? 11  ASN A N   1 
ATOM   68   C  CA  . ASN A 1 23  ? -6.542  -0.654  -15.480 1.00 17.92  ? 11  ASN A CA  1 
ATOM   69   C  C   . ASN A 1 23  ? -6.182  -1.587  -14.331 1.00 16.75  ? 11  ASN A C   1 
ATOM   70   O  O   . ASN A 1 23  ? -5.045  -2.042  -14.224 1.00 16.49  ? 11  ASN A O   1 
ATOM   71   C  CB  . ASN A 1 23  ? -5.739  -1.013  -16.735 1.00 18.78  ? 11  ASN A CB  1 
ATOM   72   C  CG  . ASN A 1 23  ? -6.150  -2.351  -17.328 1.00 20.49  ? 11  ASN A CG  1 
ATOM   73   O  OD1 . ASN A 1 23  ? -6.888  -3.129  -16.712 1.00 23.20  ? 11  ASN A OD1 1 
ATOM   74   N  ND2 . ASN A 1 23  ? -5.677  -2.623  -18.541 1.00 22.84  ? 11  ASN A ND2 1 
ATOM   75   N  N   . VAL A 1 24  ? -7.159  -1.876  -13.475 1.00 16.05  ? 12  VAL A N   1 
ATOM   76   C  CA  . VAL A 1 24  ? -6.930  -2.693  -12.285 1.00 15.24  ? 12  VAL A CA  1 
ATOM   77   C  C   . VAL A 1 24  ? -6.313  -4.063  -12.583 1.00 15.28  ? 12  VAL A C   1 
ATOM   78   O  O   . VAL A 1 24  ? -5.540  -4.596  -11.788 1.00 14.55  ? 12  VAL A O   1 
ATOM   79   C  CB  . VAL A 1 24  ? -8.224  -2.845  -11.435 1.00 15.85  ? 12  VAL A CB  1 
ATOM   80   C  CG1 . VAL A 1 24  ? -9.258  -3.723  -12.150 1.00 16.89  ? 12  VAL A CG1 1 
ATOM   81   C  CG2 . VAL A 1 24  ? -7.894  -3.371  -10.029 1.00 15.49  ? 12  VAL A CG2 1 
ATOM   82   N  N   . GLU A 1 25  ? -6.641  -4.636  -13.736 1.00 14.32  ? 13  GLU A N   1 
ATOM   83   C  CA  . GLU A 1 25  ? -6.083  -5.953  -14.075 1.00 14.85  ? 13  GLU A CA  1 
ATOM   84   C  C   . GLU A 1 25  ? -4.555  -5.923  -14.098 1.00 13.79  ? 13  GLU A C   1 
ATOM   85   O  O   . GLU A 1 25  ? -3.899  -6.930  -13.799 1.00 14.11  ? 13  GLU A O   1 
ATOM   86   C  CB  . GLU A 1 25  ? -6.603  -6.445  -15.429 1.00 15.37  ? 13  GLU A CB  1 
ATOM   87   C  CG  . GLU A 1 25  ? -8.040  -6.905  -15.402 1.00 16.37  ? 13  GLU A CG  1 
ATOM   88   C  CD  . GLU A 1 25  ? -8.572  -7.255  -16.804 1.00 16.61  ? 13  GLU A CD  1 
ATOM   89   O  OE1 . GLU A 1 25  ? -8.254  -6.537  -17.785 1.00 18.04  ? 13  GLU A OE1 1 
ATOM   90   O  OE2 . GLU A 1 25  ? -9.324  -8.248  -16.919 1.00 23.37  ? 13  GLU A OE2 1 
ATOM   91   N  N   . LYS A 1 26  ? -4.000  -4.770  -14.459 1.00 13.76  ? 14  LYS A N   1 
ATOM   92   C  CA  . LYS A 1 26  ? -2.560  -4.638  -14.613 1.00 13.51  ? 14  LYS A CA  1 
ATOM   93   C  C   . LYS A 1 26  ? -1.798  -4.633  -13.281 1.00 13.00  ? 14  LYS A C   1 
ATOM   94   O  O   . LYS A 1 26  ? -0.565  -4.748  -13.271 1.00 12.67  ? 14  LYS A O   1 
ATOM   95   C  CB  . LYS A 1 26  ? -2.185  -3.447  -15.491 1.00 14.16  ? 14  LYS A CB  1 
ATOM   96   C  CG  . LYS A 1 26  ? -2.494  -3.659  -16.968 1.00 17.69  ? 14  LYS A CG  1 
ATOM   97   C  CD  . LYS A 1 26  ? -1.988  -2.526  -17.836 1.00 21.40  ? 14  LYS A CD  1 
ATOM   98   C  CE  . LYS A 1 26  ? -2.104  -2.913  -19.310 1.00 24.68  ? 14  LYS A CE  1 
ATOM   99   N  NZ  . LYS A 1 26  ? -1.443  -1.931  -20.217 1.00 28.69  ? 14  LYS A NZ  1 
ATOM   100  N  N   . ILE A 1 27  ? -2.509  -4.511  -12.157 1.00 11.66  ? 15  ILE A N   1 
ATOM   101  C  CA  . ILE A 1 27  ? -1.815  -4.660  -10.865 1.00 11.31  ? 15  ILE A CA  1 
ATOM   102  C  C   . ILE A 1 27  ? -1.838  -6.086  -10.330 1.00 10.88  ? 15  ILE A C   1 
ATOM   103  O  O   . ILE A 1 27  ? -1.297  -6.365  -9.276  1.00 11.27  ? 15  ILE A O   1 
ATOM   104  C  CB  . ILE A 1 27  ? -2.292  -3.665  -9.760  1.00 11.13  ? 15  ILE A CB  1 
ATOM   105  C  CG1 . ILE A 1 27  ? -3.704  -4.009  -9.261  1.00 11.63  ? 15  ILE A CG1 1 
ATOM   106  C  CG2 . ILE A 1 27  ? -2.194  -2.234  -10.258 1.00 11.13  ? 15  ILE A CG2 1 
ATOM   107  C  CD1 . ILE A 1 27  ? -4.104  -3.293  -7.963  1.00 12.74  ? 15  ILE A CD1 1 
ATOM   108  N  N   . ASN A 1 28  ? -2.440  -7.005  -11.079 1.00 11.28  ? 16  ASN A N   1 
ATOM   109  C  CA  . ASN A 1 28  ? -2.447  -8.390  -10.674 1.00 11.82  ? 16  ASN A CA  1 
ATOM   110  C  C   . ASN A 1 28  ? -1.025  -8.932  -10.573 1.00 11.50  ? 16  ASN A C   1 
ATOM   111  O  O   . ASN A 1 28  ? -0.130  -8.502  -11.323 1.00 11.62  ? 16  ASN A O   1 
ATOM   112  C  CB  . ASN A 1 28  ? -3.256  -9.210  -11.680 1.00 11.58  ? 16  ASN A CB  1 
ATOM   113  C  CG  . ASN A 1 28  ? -3.466  -10.633 -11.242 1.00 11.77  ? 16  ASN A CG  1 
ATOM   114  O  OD1 . ASN A 1 28  ? -4.184  -10.900 -10.276 1.00 13.12  ? 16  ASN A OD1 1 
ATOM   115  N  ND2 . ASN A 1 28  ? -2.860  -11.570 -11.966 1.00 12.85  ? 16  ASN A ND2 1 
ATOM   116  N  N   . GLY A 1 29  ? -0.825  -9.849  -9.624  1.00 11.13  ? 17  GLY A N   1 
ATOM   117  C  CA  . GLY A 1 29  ? 0.386   -10.681 -9.559  1.00 10.68  ? 17  GLY A CA  1 
ATOM   118  C  C   . GLY A 1 29  ? 1.368   -10.354 -8.436  1.00 10.24  ? 17  GLY A C   1 
ATOM   119  O  O   . GLY A 1 29  ? 0.993   -9.839  -7.380  1.00 9.89   ? 17  GLY A O   1 
ATOM   120  N  N   . GLU A 1 30  ? 2.644   -10.651 -8.682  1.00 9.83   ? 18  GLU A N   1 
ATOM   121  C  CA  . GLU A 1 30  ? 3.713   -10.528 -7.689  1.00 9.40   ? 18  GLU A CA  1 
ATOM   122  C  C   . GLU A 1 30  ? 3.993   -9.066  -7.307  1.00 9.07   ? 18  GLU A C   1 
ATOM   123  O  O   . GLU A 1 30  ? 4.169   -8.217  -8.171  1.00 9.67   ? 18  GLU A O   1 
ATOM   124  C  CB  . GLU A 1 30  ? 4.990   -11.137 -8.288  1.00 9.94   ? 18  GLU A CB  1 
ATOM   125  C  CG  . GLU A 1 30  ? 6.248   -11.069 -7.399  1.00 10.16  ? 18  GLU A CG  1 
ATOM   126  C  CD  . GLU A 1 30  ? 7.542   -11.511 -8.111  1.00 10.89  ? 18  GLU A CD  1 
ATOM   127  O  OE1 . GLU A 1 30  ? 7.527   -11.829 -9.332  1.00 11.98  ? 18  GLU A OE1 1 
ATOM   128  O  OE2 . GLU A 1 30  ? 8.602   -11.516 -7.442  1.00 10.03  ? 18  GLU A OE2 1 
ATOM   129  N  N   . TRP A 1 31  ? 4.038   -8.815  -5.992  1.00 9.77   ? 19  TRP A N   1 
ATOM   130  C  CA  . TRP A 1 31  ? 4.486   -7.537  -5.424  1.00 10.85  ? 19  TRP A CA  1 
ATOM   131  C  C   . TRP A 1 31  ? 5.235   -7.804  -4.130  1.00 11.19  ? 19  TRP A C   1 
ATOM   132  O  O   . TRP A 1 31  ? 5.000   -8.815  -3.478  1.00 13.76  ? 19  TRP A O   1 
ATOM   133  C  CB  . TRP A 1 31  ? 3.309   -6.617  -5.103  1.00 10.58  ? 19  TRP A CB  1 
ATOM   134  C  CG  . TRP A 1 31  ? 2.597   -6.095  -6.313  1.00 10.14  ? 19  TRP A CG  1 
ATOM   135  C  CD1 . TRP A 1 31  ? 1.399   -6.524  -6.820  1.00 10.60  ? 19  TRP A CD1 1 
ATOM   136  C  CD2 . TRP A 1 31  ? 3.028   -5.022  -7.147  1.00 10.62  ? 19  TRP A CD2 1 
ATOM   137  N  NE1 . TRP A 1 31  ? 1.065   -5.795  -7.946  1.00 10.49  ? 19  TRP A NE1 1 
ATOM   138  C  CE2 . TRP A 1 31  ? 2.055   -4.862  -8.161  1.00 8.50   ? 19  TRP A CE2 1 
ATOM   139  C  CE3 . TRP A 1 31  ? 4.165   -4.203  -7.165  1.00 8.54   ? 19  TRP A CE3 1 
ATOM   140  C  CZ2 . TRP A 1 31  ? 2.170   -3.892  -9.161  1.00 9.44   ? 19  TRP A CZ2 1 
ATOM   141  C  CZ3 . TRP A 1 31  ? 4.286   -3.253  -8.166  1.00 9.09   ? 19  TRP A CZ3 1 
ATOM   142  C  CH2 . TRP A 1 31  ? 3.288   -3.108  -9.162  1.00 8.99   ? 19  TRP A CH2 1 
ATOM   143  N  N   . HIS A 1 32  ? 6.125   -6.883  -3.756  1.00 10.02  ? 20  HIS A N   1 
ATOM   144  C  CA  . HIS A 1 32  ? 6.906   -7.005  -2.525  1.00 11.04  ? 20  HIS A CA  1 
ATOM   145  C  C   . HIS A 1 32  ? 6.813   -5.685  -1.791  1.00 9.90   ? 20  HIS A C   1 
ATOM   146  O  O   . HIS A 1 32  ? 6.804   -4.621  -2.424  1.00 9.46   ? 20  HIS A O   1 
ATOM   147  C  CB  . HIS A 1 32  ? 8.379   -7.274  -2.827  1.00 11.11  ? 20  HIS A CB  1 
ATOM   148  C  CG  . HIS A 1 32  ? 8.615   -8.533  -3.595  1.00 12.42  ? 20  HIS A CG  1 
ATOM   149  N  ND1 . HIS A 1 32  ? 8.996   -9.713  -2.993  1.00 14.43  ? 20  HIS A ND1 1 
ATOM   150  C  CD2 . HIS A 1 32  ? 8.536   -8.789  -4.922  1.00 13.65  ? 20  HIS A CD2 1 
ATOM   151  C  CE1 . HIS A 1 32  ? 9.128   -10.649 -3.921  1.00 14.87  ? 20  HIS A CE1 1 
ATOM   152  N  NE2 . HIS A 1 32  ? 8.845   -10.117 -5.099  1.00 13.57  ? 20  HIS A NE2 1 
ATOM   153  N  N   . THR A 1 33  ? 6.753   -5.745  -0.455  1.00 9.48   ? 21  THR A N   1 
ATOM   154  C  CA  . THR A 1 33  ? 6.832   -4.512  0.336   1.00 10.13  ? 21  THR A CA  1 
ATOM   155  C  C   . THR A 1 33  ? 8.251   -3.994  0.290   1.00 9.83   ? 21  THR A C   1 
ATOM   156  O  O   . THR A 1 33  ? 9.188   -4.718  0.654   1.00 10.36  ? 21  THR A O   1 
ATOM   157  C  CB  . THR A 1 33  ? 6.454   -4.761  1.784   1.00 10.55  ? 21  THR A CB  1 
ATOM   158  O  OG1 . THR A 1 33  ? 5.075   -5.155  1.838   1.00 9.70   ? 21  THR A OG1 1 
ATOM   159  C  CG2 . THR A 1 33  ? 6.694   -3.483  2.645   1.00 10.53  ? 21  THR A CG2 1 
ATOM   160  N  N   . ILE A 1 34  ? 8.410   -2.749  -0.158  1.00 9.77   ? 22  ILE A N   1 
ATOM   161  C  CA  . ILE A 1 34  ? 9.732   -2.127  -0.220  1.00 9.81   ? 22  ILE A CA  1 
ATOM   162  C  C   . ILE A 1 34  ? 9.896   -1.080  0.879   1.00 9.62   ? 22  ILE A C   1 
ATOM   163  O  O   . ILE A 1 34  ? 10.894  -1.069  1.592   1.00 10.80  ? 22  ILE A O   1 
ATOM   164  C  CB  . ILE A 1 34  ? 10.004  -1.443  -1.592  1.00 10.04  ? 22  ILE A CB  1 
ATOM   165  C  CG1 . ILE A 1 34  ? 9.689   -2.381  -2.758  1.00 10.39  ? 22  ILE A CG1 1 
ATOM   166  C  CG2 . ILE A 1 34  ? 11.470  -0.965  -1.702  1.00 11.11  ? 22  ILE A CG2 1 
ATOM   167  C  CD1 . ILE A 1 34  ? 10.393  -3.735  -2.668  1.00 12.28  ? 22  ILE A CD1 1 
ATOM   168  N  N   . ILE A 1 35  ? 8.920   -0.185  0.971   1.00 9.11   ? 23  ILE A N   1 
ATOM   169  C  CA  . ILE A 1 35  ? 8.945   0.853   2.012   1.00 9.94   ? 23  ILE A CA  1 
ATOM   170  C  C   . ILE A 1 35  ? 7.552   1.009   2.597   1.00 9.07   ? 23  ILE A C   1 
ATOM   171  O  O   . ILE A 1 35  ? 6.565   0.951   1.869   1.00 8.77   ? 23  ILE A O   1 
ATOM   172  C  CB  . ILE A 1 35  ? 9.391   2.234   1.455   1.00 10.36  ? 23  ILE A CB  1 
ATOM   173  C  CG1 . ILE A 1 35  ? 10.718  2.138   0.682   1.00 10.84  ? 23  ILE A CG1 1 
ATOM   174  C  CG2 . ILE A 1 35  ? 9.476   3.277   2.591   1.00 11.55  ? 23  ILE A CG2 1 
ATOM   175  C  CD1 . ILE A 1 35  ? 11.172  3.459   0.075   1.00 12.20  ? 23  ILE A CD1 1 
ATOM   176  N  N   . LEU A 1 36  ? 7.474   1.244   3.907   1.00 9.14   ? 24  LEU A N   1 
ATOM   177  C  CA  . LEU A 1 36  ? 6.204   1.634   4.528   1.00 9.60   ? 24  LEU A CA  1 
ATOM   178  C  C   . LEU A 1 36  ? 6.402   2.955   5.233   1.00 9.40   ? 24  LEU A C   1 
ATOM   179  O  O   . LEU A 1 36  ? 7.493   3.250   5.715   1.00 9.92   ? 24  LEU A O   1 
ATOM   180  C  CB  . LEU A 1 36  ? 5.715   0.597   5.546   1.00 10.02  ? 24  LEU A CB  1 
ATOM   181  C  CG  . LEU A 1 36  ? 5.379   -0.772  4.946   1.00 10.45  ? 24  LEU A CG  1 
ATOM   182  C  CD1 . LEU A 1 36  ? 5.040   -1.781  6.032   1.00 11.02  ? 24  LEU A CD1 1 
ATOM   183  C  CD2 . LEU A 1 36  ? 4.245   -0.706  3.921   1.00 10.28  ? 24  LEU A CD2 1 
ATOM   184  N  N   . ALA A 1 37  ? 5.320   3.713   5.337   1.00 8.73   ? 25  ALA A N   1 
ATOM   185  C  CA  . ALA A 1 37  ? 5.359   4.991   6.037   1.00 9.10   ? 25  ALA A CA  1 
ATOM   186  C  C   . ALA A 1 37  ? 4.072   5.204   6.798   1.00 9.57   ? 25  ALA A C   1 
ATOM   187  O  O   . ALA A 1 37  ? 3.020   4.757   6.365   1.00 9.37   ? 25  ALA A O   1 
ATOM   188  C  CB  . ALA A 1 37  ? 5.561   6.110   5.049   1.00 9.44   ? 25  ALA A CB  1 
ATOM   189  N  N   . SER A 1 38  ? 4.151   5.907   7.921   1.00 10.05  ? 26  SER A N   1 
ATOM   190  C  CA  . SER A 1 38  ? 2.948   6.148   8.716   1.00 11.57  ? 26  SER A CA  1 
ATOM   191  C  C   . SER A 1 38  ? 3.064   7.396   9.532   1.00 12.65  ? 26  SER A C   1 
ATOM   192  O  O   . SER A 1 38  ? 4.143   7.697   10.046  1.00 13.20  ? 26  SER A O   1 
ATOM   193  C  CB  . SER A 1 38  ? 2.700   4.990   9.674   1.00 12.55  ? 26  SER A CB  1 
ATOM   194  O  OG  . SER A 1 38  ? 1.445   5.173   10.332  1.00 15.62  ? 26  SER A OG  1 
ATOM   195  N  N   . ASP A 1 39  ? 1.942   8.093   9.704   1.00 13.02  ? 27  ASP A N   1 
ATOM   196  C  CA  . ASP A 1 39  ? 1.954   9.216   10.640  1.00 14.17  ? 27  ASP A CA  1 
ATOM   197  C  C   . ASP A 1 39  ? 1.824   8.758   12.096  1.00 14.90  ? 27  ASP A C   1 
ATOM   198  O  O   . ASP A 1 39  ? 1.926   9.577   13.011  1.00 16.63  ? 27  ASP A O   1 
ATOM   199  C  CB  . ASP A 1 39  ? 1.004   10.367  10.244  1.00 14.26  ? 27  ASP A CB  1 
ATOM   200  C  CG  . ASP A 1 39  ? -0.442  9.936   10.109  1.00 15.38  ? 27  ASP A CG  1 
ATOM   201  O  OD1 . ASP A 1 39  ? -0.762  8.788   10.470  1.00 14.66  ? 27  ASP A OD1 1 
ATOM   202  O  OD2 . ASP A 1 39  ? -1.260  10.781  9.649   1.00 16.71  ? 27  ASP A OD2 1 
ATOM   203  N  N   . LYS A 1 40  ? 1.620   7.451   12.293  1.00 14.50  ? 28  LYS A N   1 
ATOM   204  C  CA  . LYS A 1 40  ? 1.785   6.804   13.608  1.00 15.31  ? 28  LYS A CA  1 
ATOM   205  C  C   . LYS A 1 40  ? 2.853   5.712   13.468  1.00 14.64  ? 28  LYS A C   1 
ATOM   206  O  O   . LYS A 1 40  ? 2.544   4.574   13.115  1.00 13.79  ? 28  LYS A O   1 
ATOM   207  C  CB  . LYS A 1 40  ? 0.457   6.229   14.120  1.00 15.82  ? 28  LYS A CB  1 
ATOM   208  C  CG  . LYS A 1 40  ? -0.467  7.302   14.677  1.00 18.08  ? 28  LYS A CG  1 
ATOM   209  C  CD  . LYS A 1 40  ? -1.683  6.723   15.402  1.00 17.70  ? 28  LYS A CD  1 
ATOM   210  C  CE  . LYS A 1 40  ? -2.644  7.851   15.789  1.00 21.55  ? 28  LYS A CE  1 
ATOM   211  N  NZ  . LYS A 1 40  ? -3.934  7.367   16.361  1.00 23.39  ? 28  LYS A NZ  1 
ATOM   212  N  N   . ARG A 1 41  ? 4.107   6.081   13.741  1.00 13.79  ? 29  ARG A N   1 
ATOM   213  C  CA  . ARG A 1 41  ? 5.243   5.222   13.372  1.00 14.47  ? 29  ARG A CA  1 
ATOM   214  C  C   . ARG A 1 41  ? 5.194   3.835   14.005  1.00 14.14  ? 29  ARG A C   1 
ATOM   215  O  O   . ARG A 1 41  ? 5.645   2.868   13.406  1.00 14.27  ? 29  ARG A O   1 
ATOM   216  C  CB  . ARG A 1 41  ? 6.575   5.902   13.691  1.00 14.71  ? 29  ARG A CB  1 
ATOM   217  C  CG  . ARG A 1 41  ? 7.731   5.453   12.807  1.00 16.48  ? 29  ARG A CG  1 
ATOM   218  C  CD  . ARG A 1 41  ? 9.002   6.133   13.274  1.00 16.88  ? 29  ARG A CD  1 
ATOM   219  N  NE  . ARG A 1 41  ? 10.111  5.967   12.340  1.00 18.20  ? 29  ARG A NE  1 
ATOM   220  C  CZ  . ARG A 1 41  ? 10.991  4.968   12.378  1.00 19.69  ? 29  ARG A CZ  1 
ATOM   221  N  NH1 . ARG A 1 41  ? 10.902  4.013   13.299  1.00 20.21  ? 29  ARG A NH1 1 
ATOM   222  N  NH2 . ARG A 1 41  ? 11.966  4.922   11.482  1.00 19.40  ? 29  ARG A NH2 1 
ATOM   223  N  N   . GLU A 1 42  ? 4.634   3.737   15.207  1.00 14.10  ? 30  GLU A N   1 
ATOM   224  C  CA  . GLU A 1 42  ? 4.578   2.460   15.937  1.00 14.70  ? 30  GLU A CA  1 
ATOM   225  C  C   . GLU A 1 42  ? 3.896   1.349   15.143  1.00 14.01  ? 30  GLU A C   1 
ATOM   226  O  O   . GLU A 1 42  ? 4.208   0.168   15.320  1.00 14.37  ? 30  GLU A O   1 
ATOM   227  C  CB  . GLU A 1 42  ? 3.870   2.647   17.287  1.00 16.27  ? 30  GLU A CB  1 
ATOM   228  C  CG  . GLU A 1 42  ? 2.414   3.080   17.167  1.00 20.73  ? 30  GLU A CG  1 
ATOM   229  C  CD  . GLU A 1 42  ? 1.925   3.884   18.364  1.00 27.17  ? 30  GLU A CD  1 
ATOM   230  O  OE1 . GLU A 1 42  ? 2.207   3.479   19.515  1.00 29.45  ? 30  GLU A OE1 1 
ATOM   231  O  OE2 . GLU A 1 42  ? 1.259   4.925   18.156  1.00 29.98  ? 30  GLU A OE2 1 
ATOM   232  N  N   . LYS A 1 43  ? 2.976   1.739   14.254  1.00 13.37  ? 31  LYS A N   1 
ATOM   233  C  CA  . LYS A 1 43  ? 2.168   0.766   13.510  1.00 13.24  ? 31  LYS A CA  1 
ATOM   234  C  C   . LYS A 1 43  ? 2.981   -0.048  12.508  1.00 12.67  ? 31  LYS A C   1 
ATOM   235  O  O   . LYS A 1 43  ? 2.552   -1.125  12.089  1.00 12.90  ? 31  LYS A O   1 
ATOM   236  C  CB  . LYS A 1 43  ? 1.036   1.479   12.767  1.00 12.82  ? 31  LYS A CB  1 
ATOM   237  C  CG  . LYS A 1 43  ? 0.053   2.237   13.674  1.00 14.46  ? 31  LYS A CG  1 
ATOM   238  C  CD  . LYS A 1 43  ? -0.773  1.239   14.511  1.00 19.11  ? 31  LYS A CD  1 
ATOM   239  C  CE  . LYS A 1 43  ? -2.046  1.833   15.119  1.00 22.75  ? 31  LYS A CE  1 
ATOM   240  N  NZ  . LYS A 1 43  ? -2.062  3.303   15.139  1.00 24.66  ? 31  LYS A NZ  1 
ATOM   241  N  N   . ILE A 1 44  ? 4.137   0.494   12.119  1.00 12.74  ? 32  ILE A N   1 
ATOM   242  C  CA  . ILE A 1 44  ? 5.003   -0.172  11.144  1.00 13.12  ? 32  ILE A CA  1 
ATOM   243  C  C   . ILE A 1 44  ? 6.385   -0.510  11.697  1.00 13.98  ? 32  ILE A C   1 
ATOM   244  O  O   . ILE A 1 44  ? 7.246   -1.016  10.971  1.00 14.84  ? 32  ILE A O   1 
ATOM   245  C  CB  . ILE A 1 44  ? 5.162   0.674   9.866   1.00 12.81  ? 32  ILE A CB  1 
ATOM   246  C  CG1 . ILE A 1 44  ? 5.653   2.080   10.201  1.00 13.21  ? 32  ILE A CG1 1 
ATOM   247  C  CG2 . ILE A 1 44  ? 3.831   0.747   9.134   1.00 13.06  ? 32  ILE A CG2 1 
ATOM   248  C  CD1 . ILE A 1 44  ? 6.124   2.836   8.992   1.00 12.39  ? 32  ILE A CD1 1 
ATOM   249  N  N   . GLU A 1 45  ? 6.595   -0.234  12.980  1.00 15.36  ? 33  GLU A N   1 
ATOM   250  C  CA  . GLU A 1 45  ? 7.826   -0.650  13.657  1.00 17.45  ? 33  GLU A CA  1 
ATOM   251  C  C   . GLU A 1 45  ? 7.809   -2.158  13.935  1.00 18.59  ? 33  GLU A C   1 
ATOM   252  O  O   . GLU A 1 45  ? 6.829   -2.840  13.617  1.00 18.09  ? 33  GLU A O   1 
ATOM   253  C  CB  . GLU A 1 45  ? 8.044   0.190   14.922  1.00 17.57  ? 33  GLU A CB  1 
ATOM   254  C  CG  . GLU A 1 45  ? 8.540   1.598   14.604  1.00 18.56  ? 33  GLU A CG  1 
ATOM   255  C  CD  . GLU A 1 45  ? 8.495   2.556   15.786  1.00 18.91  ? 33  GLU A CD  1 
ATOM   256  O  OE1 . GLU A 1 45  ? 7.954   2.196   16.858  1.00 21.00  ? 33  GLU A OE1 1 
ATOM   257  O  OE2 . GLU A 1 45  ? 9.003   3.689   15.636  1.00 21.16  ? 33  GLU A OE2 1 
ATOM   258  N  N   . ASP A 1 46  ? 8.898   -2.671  14.518  1.00 20.59  ? 34  ASP A N   1 
ATOM   259  C  CA  . ASP A 1 46  ? 9.113   -4.120  14.661  1.00 22.92  ? 34  ASP A CA  1 
ATOM   260  C  C   . ASP A 1 46  ? 7.916   -4.929  15.160  1.00 23.49  ? 34  ASP A C   1 
ATOM   261  O  O   . ASP A 1 46  ? 7.666   -6.038  14.671  1.00 24.67  ? 34  ASP A O   1 
ATOM   262  C  CB  . ASP A 1 46  ? 10.354  -4.414  15.522  1.00 23.78  ? 34  ASP A CB  1 
ATOM   263  C  CG  . ASP A 1 46  ? 11.633  -4.498  14.694  1.00 26.39  ? 34  ASP A CG  1 
ATOM   264  O  OD1 . ASP A 1 46  ? 11.918  -3.557  13.922  1.00 30.08  ? 34  ASP A OD1 1 
ATOM   265  O  OD2 . ASP A 1 46  ? 12.364  -5.509  14.818  1.00 31.02  ? 34  ASP A OD2 1 
ATOM   266  N  N   . ASN A 1 47  ? 7.170   -4.386  16.113  1.00 23.67  ? 35  ASN A N   1 
ATOM   267  C  CA  . ASN A 1 47  ? 6.026   -5.118  16.647  1.00 24.12  ? 35  ASN A CA  1 
ATOM   268  C  C   . ASN A 1 47  ? 4.678   -4.578  16.152  1.00 23.17  ? 35  ASN A C   1 
ATOM   269  O  O   . ASN A 1 47  ? 3.626   -4.902  16.709  1.00 23.88  ? 35  ASN A O   1 
ATOM   270  C  CB  . ASN A 1 47  ? 6.094   -5.151  18.178  1.00 25.03  ? 35  ASN A CB  1 
ATOM   271  C  CG  . ASN A 1 47  ? 7.425   -5.700  18.696  1.00 27.06  ? 35  ASN A CG  1 
ATOM   272  O  OD1 . ASN A 1 47  ? 8.128   -5.030  19.459  1.00 31.18  ? 35  ASN A OD1 1 
ATOM   273  N  ND2 . ASN A 1 47  ? 7.778   -6.914  18.273  1.00 29.28  ? 35  ASN A ND2 1 
ATOM   274  N  N   . GLY A 1 48  ? 4.715   -3.777  15.086  1.00 21.93  ? 36  GLY A N   1 
ATOM   275  C  CA  . GLY A 1 48  ? 3.508   -3.136  14.579  1.00 20.01  ? 36  GLY A CA  1 
ATOM   276  C  C   . GLY A 1 48  ? 2.662   -4.055  13.721  1.00 18.61  ? 36  GLY A C   1 
ATOM   277  O  O   . GLY A 1 48  ? 3.187   -4.858  12.937  1.00 18.23  ? 36  GLY A O   1 
ATOM   278  N  N   . ASN A 1 49  ? 1.344   -3.925  13.846  1.00 17.52  ? 37  ASN A N   1 
ATOM   279  C  CA  . ASN A 1 49  ? 0.419   -4.786  13.112  1.00 16.28  ? 37  ASN A CA  1 
ATOM   280  C  C   . ASN A 1 49  ? 0.432   -4.548  11.610  1.00 15.21  ? 37  ASN A C   1 
ATOM   281  O  O   . ASN A 1 49  ? -0.072  -5.370  10.850  1.00 14.72  ? 37  ASN A O   1 
ATOM   282  C  CB  . ASN A 1 49  ? -1.010  -4.625  13.641  1.00 17.00  ? 37  ASN A CB  1 
ATOM   283  C  CG  . ASN A 1 49  ? -1.222  -5.293  14.994  1.00 19.51  ? 37  ASN A CG  1 
ATOM   284  O  OD1 . ASN A 1 49  ? -2.029  -4.828  15.804  1.00 22.18  ? 37  ASN A OD1 1 
ATOM   285  N  ND2 . ASN A 1 49  ? -0.512  -6.393  15.236  1.00 20.87  ? 37  ASN A ND2 1 
ATOM   286  N  N   . PHE A 1 50  ? 0.986   -3.417  11.193  1.00 13.76  ? 38  PHE A N   1 
ATOM   287  C  CA  . PHE A 1 50  ? 1.003   -3.081  9.765   1.00 12.71  ? 38  PHE A CA  1 
ATOM   288  C  C   . PHE A 1 50  ? 2.360   -3.248  9.104   1.00 12.65  ? 38  PHE A C   1 
ATOM   289  O  O   . PHE A 1 50  ? 2.531   -2.870  7.941   1.00 12.65  ? 38  PHE A O   1 
ATOM   290  C  CB  . PHE A 1 50  ? 0.426   -1.681  9.522   1.00 12.45  ? 38  PHE A CB  1 
ATOM   291  C  CG  . PHE A 1 50  ? -1.048  -1.605  9.794   1.00 12.15  ? 38  PHE A CG  1 
ATOM   292  C  CD1 . PHE A 1 50  ? -1.504  -1.489  11.104  1.00 12.71  ? 38  PHE A CD1 1 
ATOM   293  C  CD2 . PHE A 1 50  ? -1.973  -1.704  8.758   1.00 13.88  ? 38  PHE A CD2 1 
ATOM   294  C  CE1 . PHE A 1 50  ? -2.864  -1.456  11.385  1.00 13.06  ? 38  PHE A CE1 1 
ATOM   295  C  CE2 . PHE A 1 50  ? -3.351  -1.663  9.032   1.00 13.13  ? 38  PHE A CE2 1 
ATOM   296  C  CZ  . PHE A 1 50  ? -3.788  -1.533  10.352  1.00 13.04  ? 38  PHE A CZ  1 
ATOM   297  N  N   . ARG A 1 51  ? 3.309   -3.847  9.821   1.00 12.35  ? 39  ARG A N   1 
ATOM   298  C  CA  . ARG A 1 51  ? 4.598   -4.168  9.228   1.00 12.76  ? 39  ARG A CA  1 
ATOM   299  C  C   . ARG A 1 51  ? 4.392   -5.483  8.479   1.00 13.13  ? 39  ARG A C   1 
ATOM   300  O  O   . ARG A 1 51  ? 4.742   -6.559  8.977   1.00 13.76  ? 39  ARG A O   1 
ATOM   301  C  CB  . ARG A 1 51  ? 5.654   -4.336  10.306  1.00 12.68  ? 39  ARG A CB  1 
ATOM   302  C  CG  . ARG A 1 51  ? 7.060   -4.477  9.766   1.00 15.74  ? 39  ARG A CG  1 
ATOM   303  C  CD  . ARG A 1 51  ? 7.996   -4.578  10.953  1.00 17.84  ? 39  ARG A CD  1 
ATOM   304  N  NE  . ARG A 1 51  ? 9.411   -4.630  10.604  1.00 21.45  ? 39  ARG A NE  1 
ATOM   305  C  CZ  . ARG A 1 51  ? 10.248  -3.590  10.634  1.00 22.01  ? 39  ARG A CZ  1 
ATOM   306  N  NH1 . ARG A 1 51  ? 9.829   -2.364  10.950  1.00 21.65  ? 39  ARG A NH1 1 
ATOM   307  N  NH2 . ARG A 1 51  ? 11.523  -3.773  10.318  1.00 24.33  ? 39  ARG A NH2 1 
ATOM   308  N  N   . LEU A 1 52  ? 3.781   -5.386  7.304   1.00 12.77  ? 40  LEU A N   1 
ATOM   309  C  CA  . LEU A 1 52  ? 3.388   -6.560  6.546   1.00 12.68  ? 40  LEU A CA  1 
ATOM   310  C  C   . LEU A 1 52  ? 4.136   -6.616  5.221   1.00 12.48  ? 40  LEU A C   1 
ATOM   311  O  O   . LEU A 1 52  ? 4.397   -5.574  4.595   1.00 12.44  ? 40  LEU A O   1 
ATOM   312  C  CB  . LEU A 1 52  ? 1.878   -6.567  6.314   1.00 12.63  ? 40  LEU A CB  1 
ATOM   313  C  CG  . LEU A 1 52  ? 0.980   -6.630  7.550   1.00 13.90  ? 40  LEU A CG  1 
ATOM   314  C  CD1 . LEU A 1 52  ? -0.464  -6.644  7.104   1.00 14.50  ? 40  LEU A CD1 1 
ATOM   315  C  CD2 . LEU A 1 52  ? 1.276   -7.869  8.372   1.00 15.94  ? 40  LEU A CD2 1 
ATOM   316  N  N   . PHE A 1 53  ? 4.500   -7.835  4.826   1.00 12.09  ? 41  PHE A N   1 
ATOM   317  C  CA  . PHE A 1 53  ? 5.284   -8.059  3.618   1.00 12.48  ? 41  PHE A CA  1 
ATOM   318  C  C   . PHE A 1 53  ? 4.421   -8.671  2.537   1.00 12.23  ? 41  PHE A C   1 
ATOM   319  O  O   . PHE A 1 53  ? 4.100   -9.840  2.592   1.00 12.18  ? 41  PHE A O   1 
ATOM   320  C  CB  . PHE A 1 53  ? 6.500   -8.921  3.939   1.00 12.87  ? 41  PHE A CB  1 
ATOM   321  C  CG  . PHE A 1 53  ? 7.450   -8.258  4.898   1.00 13.25  ? 41  PHE A CG  1 
ATOM   322  C  CD1 . PHE A 1 53  ? 7.323   -8.449  6.270   1.00 15.31  ? 41  PHE A CD1 1 
ATOM   323  C  CD2 . PHE A 1 53  ? 8.439   -7.410  4.431   1.00 14.06  ? 41  PHE A CD2 1 
ATOM   324  C  CE1 . PHE A 1 53  ? 8.193   -7.796  7.159   1.00 16.57  ? 41  PHE A CE1 1 
ATOM   325  C  CE2 . PHE A 1 53  ? 9.316   -6.768  5.307   1.00 16.26  ? 41  PHE A CE2 1 
ATOM   326  C  CZ  . PHE A 1 53  ? 9.187   -6.958  6.665   1.00 15.47  ? 41  PHE A CZ  1 
ATOM   327  N  N   . LEU A 1 54  ? 4.017   -7.851  1.576   1.00 11.80  ? 42  LEU A N   1 
ATOM   328  C  CA  . LEU A 1 54  ? 3.137   -8.283  0.504   1.00 11.85  ? 42  LEU A CA  1 
ATOM   329  C  C   . LEU A 1 54  ? 3.837   -9.329  -0.360  1.00 12.27  ? 42  LEU A C   1 
ATOM   330  O  O   . LEU A 1 54  ? 5.069   -9.287  -0.547  1.00 12.80  ? 42  LEU A O   1 
ATOM   331  C  CB  . LEU A 1 54  ? 2.726   -7.077  -0.348  1.00 11.92  ? 42  LEU A CB  1 
ATOM   332  C  CG  . LEU A 1 54  ? 1.624   -7.253  -1.396  1.00 11.31  ? 42  LEU A CG  1 
ATOM   333  C  CD1 . LEU A 1 54  ? 0.289   -7.624  -0.771  1.00 11.40  ? 42  LEU A CD1 1 
ATOM   334  C  CD2 . LEU A 1 54  ? 1.474   -5.957  -2.173  1.00 11.27  ? 42  LEU A CD2 1 
ATOM   335  N  N   . GLU A 1 55  ? 3.040   -10.249 -0.899  1.00 12.63  ? 43  GLU A N   1 
ATOM   336  C  CA  . GLU A 1 55  ? 3.554   -11.257 -1.807  1.00 13.75  ? 43  GLU A CA  1 
ATOM   337  C  C   . GLU A 1 55  ? 2.862   -11.185 -3.146  1.00 13.36  ? 43  GLU A C   1 
ATOM   338  O  O   . GLU A 1 55  ? 3.482   -11.392 -4.183  1.00 12.99  ? 43  GLU A O   1 
ATOM   339  C  CB  . GLU A 1 55  ? 3.343   -12.644 -1.230  1.00 14.90  ? 43  GLU A CB  1 
ATOM   340  C  CG  . GLU A 1 55  ? 4.153   -12.929 -0.007  1.00 19.84  ? 43  GLU A CG  1 
ATOM   341  C  CD  . GLU A 1 55  ? 4.132   -14.393 0.320   1.00 26.52  ? 43  GLU A CD  1 
ATOM   342  O  OE1 . GLU A 1 55  ? 3.021   -14.940 0.526   1.00 28.28  ? 43  GLU A OE1 1 
ATOM   343  O  OE2 . GLU A 1 55  ? 5.226   -14.997 0.334   1.00 29.53  ? 43  GLU A OE2 1 
ATOM   344  N  N   . GLN A 1 56  ? 1.563   -10.925 -3.123  1.00 13.31  ? 44  GLN A N   1 
ATOM   345  C  CA  . GLN A 1 56  ? 0.817   -10.836 -4.365  1.00 14.27  ? 44  GLN A CA  1 
ATOM   346  C  C   . GLN A 1 56  ? -0.517  -10.138 -4.187  1.00 13.38  ? 44  GLN A C   1 
ATOM   347  O  O   . GLN A 1 56  ? -1.060  -10.067 -3.077  1.00 13.28  ? 44  GLN A O   1 
ATOM   348  C  CB  . GLN A 1 56  ? 0.622   -12.214 -4.996  1.00 16.23  ? 44  GLN A CB  1 
ATOM   349  C  CG  . GLN A 1 56  ? -0.429  -13.047 -4.367  1.00 19.62  ? 44  GLN A CG  1 
ATOM   350  C  CD  . GLN A 1 56  ? -0.758  -14.271 -5.199  1.00 24.66  ? 44  GLN A CD  1 
ATOM   351  O  OE1 . GLN A 1 56  ? -1.826  -14.354 -5.814  1.00 27.32  ? 44  GLN A OE1 1 
ATOM   352  N  NE2 . GLN A 1 56  ? 0.171   -15.221 -5.242  1.00 26.35  ? 44  GLN A NE2 1 
ATOM   353  N  N   . ILE A 1 57  ? -1.032  -9.625  -5.298  1.00 12.91  ? 45  ILE A N   1 
ATOM   354  C  CA  . ILE A 1 57  ? -2.374  -9.081  -5.350  1.00 13.18  ? 45  ILE A CA  1 
ATOM   355  C  C   . ILE A 1 57  ? -3.111  -9.886  -6.404  1.00 13.89  ? 45  ILE A C   1 
ATOM   356  O  O   . ILE A 1 57  ? -2.674  -9.959  -7.547  1.00 14.09  ? 45  ILE A O   1 
ATOM   357  C  CB  . ILE A 1 57  ? -2.385  -7.598  -5.753  1.00 12.71  ? 45  ILE A CB  1 
ATOM   358  C  CG1 . ILE A 1 57  ? -1.709  -6.739  -4.676  1.00 12.49  ? 45  ILE A CG1 1 
ATOM   359  C  CG2 . ILE A 1 57  ? -3.847  -7.124  -6.014  1.00 13.34  ? 45  ILE A CG2 1 
ATOM   360  C  CD1 . ILE A 1 57  ? -1.527  -5.287  -5.073  1.00 13.00  ? 45  ILE A CD1 1 
ATOM   361  N  N   . HIS A 1 58  ? -4.219  -10.501 -6.009  1.00 14.81  ? 46  HIS A N   1 
ATOM   362  C  CA  . HIS A 1 58  ? -5.043  -11.247 -6.938  1.00 16.39  ? 46  HIS A CA  1 
ATOM   363  C  C   . HIS A 1 58  ? -6.268  -10.397 -7.264  1.00 16.37  ? 46  HIS A C   1 
ATOM   364  O  O   . HIS A 1 58  ? -7.080  -10.099 -6.383  1.00 16.14  ? 46  HIS A O   1 
ATOM   365  C  CB  . HIS A 1 58  ? -5.432  -12.572 -6.286  1.00 16.95  ? 46  HIS A CB  1 
ATOM   366  C  CG  . HIS A 1 58  ? -5.847  -13.634 -7.252  1.00 20.81  ? 46  HIS A CG  1 
ATOM   367  N  ND1 . HIS A 1 58  ? -6.667  -14.681 -6.889  1.00 24.86  ? 46  HIS A ND1 1 
ATOM   368  C  CD2 . HIS A 1 58  ? -5.551  -13.818 -8.561  1.00 24.21  ? 46  HIS A CD2 1 
ATOM   369  C  CE1 . HIS A 1 58  ? -6.862  -15.465 -7.936  1.00 25.03  ? 46  HIS A CE1 1 
ATOM   370  N  NE2 . HIS A 1 58  ? -6.194  -14.965 -8.963  1.00 25.48  ? 46  HIS A NE2 1 
ATOM   371  N  N   . VAL A 1 59  ? -6.374  -9.961  -8.516  1.00 15.95  ? 47  VAL A N   1 
ATOM   372  C  CA  . VAL A 1 59  ? -7.465  -9.091  -8.922  1.00 16.95  ? 47  VAL A CA  1 
ATOM   373  C  C   . VAL A 1 59  ? -8.656  -9.953  -9.287  1.00 18.86  ? 47  VAL A C   1 
ATOM   374  O  O   . VAL A 1 59  ? -8.553  -10.843 -10.135 1.00 18.34  ? 47  VAL A O   1 
ATOM   375  C  CB  . VAL A 1 59  ? -7.077  -8.158  -10.102 1.00 16.79  ? 47  VAL A CB  1 
ATOM   376  C  CG1 . VAL A 1 59  ? -8.276  -7.320  -10.561 1.00 15.70  ? 47  VAL A CG1 1 
ATOM   377  C  CG2 . VAL A 1 59  ? -5.912  -7.242  -9.712  1.00 15.78  ? 47  VAL A CG2 1 
ATOM   378  N  N   . LEU A 1 60  ? -9.771  -9.705  -8.609  1.00 20.29  ? 48  LEU A N   1 
ATOM   379  C  CA  . LEU A 1 60  ? -11.032 -10.372 -8.931  1.00 22.31  ? 48  LEU A CA  1 
ATOM   380  C  C   . LEU A 1 60  ? -12.034 -9.342  -9.447  1.00 23.33  ? 48  LEU A C   1 
ATOM   381  O  O   . LEU A 1 60  ? -11.737 -8.146  -9.529  1.00 23.23  ? 48  LEU A O   1 
ATOM   382  C  CB  . LEU A 1 60  ? -11.572 -11.133 -7.710  1.00 22.06  ? 48  LEU A CB  1 
ATOM   383  C  CG  . LEU A 1 60  ? -10.631 -12.154 -7.042  1.00 23.17  ? 48  LEU A CG  1 
ATOM   384  C  CD1 . LEU A 1 60  ? -11.234 -12.716 -5.755  1.00 24.74  ? 48  LEU A CD1 1 
ATOM   385  C  CD2 . LEU A 1 60  ? -10.234 -13.292 -7.974  1.00 25.43  ? 48  LEU A CD2 1 
ATOM   386  N  N   . GLU A 1 61  ? -13.233 -9.806  -9.786  1.00 24.97  ? 49  GLU A N   1 
ATOM   387  C  CA  . GLU A 1 61  ? -14.241 -8.949  -10.396 1.00 26.43  ? 49  GLU A CA  1 
ATOM   388  C  C   . GLU A 1 61  ? -14.583 -7.702  -9.553  1.00 25.92  ? 49  GLU A C   1 
ATOM   389  O  O   . GLU A 1 61  ? -14.611 -6.579  -10.068 1.00 26.29  ? 49  GLU A O   1 
ATOM   390  C  CB  . GLU A 1 61  ? -15.491 -9.781  -10.683 1.00 26.67  ? 49  GLU A CB  1 
ATOM   391  C  CG  . GLU A 1 61  ? -16.470 -9.140  -11.639 1.00 28.76  ? 49  GLU A CG  1 
ATOM   392  C  CD  . GLU A 1 61  ? -17.660 -10.042 -11.925 1.00 28.86  ? 49  GLU A CD  1 
ATOM   393  O  OE1 . GLU A 1 61  ? -17.694 -11.180 -11.394 1.00 32.54  ? 49  GLU A OE1 1 
ATOM   394  O  OE2 . GLU A 1 61  ? -18.555 -9.617  -12.685 1.00 32.45  ? 49  GLU A OE2 1 
ATOM   395  N  N   . LYS A 1 62  ? -14.821 -7.908  -8.261  1.00 25.78  ? 50  LYS A N   1 
ATOM   396  C  CA  . LYS A 1 62  ? -15.261 -6.827  -7.379  1.00 25.63  ? 50  LYS A CA  1 
ATOM   397  C  C   . LYS A 1 62  ? -14.381 -6.660  -6.141  1.00 24.48  ? 50  LYS A C   1 
ATOM   398  O  O   . LYS A 1 62  ? -14.786 -6.017  -5.166  1.00 24.66  ? 50  LYS A O   1 
ATOM   399  C  CB  . LYS A 1 62  ? -16.716 -7.053  -6.948  1.00 26.04  ? 50  LYS A CB  1 
ATOM   400  C  CG  . LYS A 1 62  ? -17.757 -6.742  -8.020  1.00 27.32  ? 50  LYS A CG  1 
ATOM   401  C  CD  . LYS A 1 62  ? -19.162 -7.020  -7.494  1.00 27.47  ? 50  LYS A CD  1 
ATOM   402  C  CE  . LYS A 1 62  ? -20.227 -6.671  -8.532  1.00 30.64  ? 50  LYS A CE  1 
ATOM   403  N  NZ  . LYS A 1 62  ? -21.599 -7.067  -8.069  1.00 32.61  ? 50  LYS A NZ  1 
ATOM   404  N  N   . SER A 1 63  ? -13.181 -7.234  -6.182  1.00 22.76  ? 51  SER A N   1 
ATOM   405  C  CA  . SER A 1 63  ? -12.318 -7.260  -5.004  1.00 20.96  ? 51  SER A CA  1 
ATOM   406  C  C   . SER A 1 63  ? -10.867 -7.514  -5.374  1.00 19.72  ? 51  SER A C   1 
ATOM   407  O  O   . SER A 1 63  ? -10.561 -7.866  -6.520  1.00 19.83  ? 51  SER A O   1 
ATOM   408  C  CB  . SER A 1 63  ? -12.790 -8.332  -4.018  1.00 21.42  ? 51  SER A CB  1 
ATOM   409  O  OG  . SER A 1 63  ? -12.723 -9.624  -4.603  1.00 22.31  ? 51  SER A OG  1 
ATOM   410  N  N   . LEU A 1 64  ? -9.988  -7.303  -4.397  1.00 17.70  ? 52  LEU A N   1 
ATOM   411  C  CA  . LEU A 1 64  ? -8.577  -7.675  -4.499  1.00 16.48  ? 52  LEU A CA  1 
ATOM   412  C  C   . LEU A 1 64  ? -8.260  -8.614  -3.351  1.00 16.41  ? 52  LEU A C   1 
ATOM   413  O  O   . LEU A 1 64  ? -8.618  -8.320  -2.213  1.00 16.76  ? 52  LEU A O   1 
ATOM   414  C  CB  . LEU A 1 64  ? -7.675  -6.444  -4.369  1.00 16.09  ? 52  LEU A CB  1 
ATOM   415  C  CG  . LEU A 1 64  ? -7.848  -5.265  -5.332  1.00 15.76  ? 52  LEU A CG  1 
ATOM   416  C  CD1 . LEU A 1 64  ? -6.932  -4.087  -4.955  1.00 16.79  ? 52  LEU A CD1 1 
ATOM   417  C  CD2 . LEU A 1 64  ? -7.575  -5.706  -6.760  1.00 17.73  ? 52  LEU A CD2 1 
ATOM   418  N  N   . VAL A 1 65  ? -7.580  -9.723  -3.622  1.00 15.27  ? 53  VAL A N   1 
ATOM   419  C  CA  . VAL A 1 65  ? -7.087  -10.560 -2.526  1.00 15.72  ? 53  VAL A CA  1 
ATOM   420  C  C   . VAL A 1 65  ? -5.621  -10.229 -2.298  1.00 15.06  ? 53  VAL A C   1 
ATOM   421  O  O   . VAL A 1 65  ? -4.790  -10.394 -3.192  1.00 14.92  ? 53  VAL A O   1 
ATOM   422  C  CB  . VAL A 1 65  ? -7.255  -12.073 -2.774  1.00 15.95  ? 53  VAL A CB  1 
ATOM   423  C  CG1 . VAL A 1 65  ? -6.843  -12.855 -1.529  1.00 17.21  ? 53  VAL A CG1 1 
ATOM   424  C  CG2 . VAL A 1 65  ? -8.695  -12.386 -3.154  1.00 17.85  ? 53  VAL A CG2 1 
ATOM   425  N  N   . LEU A 1 66  ? -5.317  -9.777  -1.085  1.00 14.87  ? 54  LEU A N   1 
ATOM   426  C  CA  . LEU A 1 66  ? -3.975  -9.374  -0.720  1.00 14.95  ? 54  LEU A CA  1 
ATOM   427  C  C   . LEU A 1 66  ? -3.329  -10.470 0.114   1.00 15.35  ? 54  LEU A C   1 
ATOM   428  O  O   . LEU A 1 66  ? -3.848  -10.836 1.176   1.00 16.01  ? 54  LEU A O   1 
ATOM   429  C  CB  . LEU A 1 66  ? -4.032  -8.068  0.074   1.00 14.88  ? 54  LEU A CB  1 
ATOM   430  C  CG  . LEU A 1 66  ? -4.831  -6.908  -0.527  1.00 15.30  ? 54  LEU A CG  1 
ATOM   431  C  CD1 . LEU A 1 66  ? -4.824  -5.764  0.486   1.00 16.33  ? 54  LEU A CD1 1 
ATOM   432  C  CD2 . LEU A 1 66  ? -4.267  -6.445  -1.877  1.00 16.62  ? 54  LEU A CD2 1 
ATOM   433  N  N   . LYS A 1 67  ? -2.196  -10.979 -0.362  1.00 15.07  ? 55  LYS A N   1 
ATOM   434  C  CA  . LYS A 1 67  ? -1.459  -12.030 0.335   1.00 15.86  ? 55  LYS A CA  1 
ATOM   435  C  C   . LYS A 1 67  ? -0.174  -11.450 0.916   1.00 15.80  ? 55  LYS A C   1 
ATOM   436  O  O   . LYS A 1 67  ? 0.621   -10.847 0.179   1.00 15.46  ? 55  LYS A O   1 
ATOM   437  C  CB  . LYS A 1 67  ? -1.135  -13.178 -0.628  1.00 16.89  ? 55  LYS A CB  1 
ATOM   438  C  CG  . LYS A 1 67  ? -2.359  -13.746 -1.350  1.00 20.31  ? 55  LYS A CG  1 
ATOM   439  C  CD  . LYS A 1 67  ? -3.152  -14.700 -0.455  1.00 25.06  ? 55  LYS A CD  1 
ATOM   440  C  CE  . LYS A 1 67  ? -4.209  -15.467 -1.242  1.00 26.69  ? 55  LYS A CE  1 
ATOM   441  N  NZ  . LYS A 1 67  ? -5.106  -16.251 -0.349  1.00 28.73  ? 55  LYS A NZ  1 
ATOM   442  N  N   . PHE A 1 68  ? 0.011   -11.612 2.228   1.00 16.23  ? 56  PHE A N   1 
ATOM   443  C  CA  . PHE A 1 68  ? 1.190   -11.121 2.938   1.00 16.53  ? 56  PHE A CA  1 
ATOM   444  C  C   . PHE A 1 68  ? 1.864   -12.225 3.719   1.00 18.02  ? 56  PHE A C   1 
ATOM   445  O  O   . PHE A 1 68  ? 1.292   -13.300 3.922   1.00 18.26  ? 56  PHE A O   1 
ATOM   446  C  CB  . PHE A 1 68  ? 0.783   -10.117 4.020   1.00 15.70  ? 56  PHE A CB  1 
ATOM   447  C  CG  . PHE A 1 68  ? 0.053   -8.908  3.521   1.00 14.19  ? 56  PHE A CG  1 
ATOM   448  C  CD1 . PHE A 1 68  ? -1.340  -8.890  3.437   1.00 13.16  ? 56  PHE A CD1 1 
ATOM   449  C  CD2 . PHE A 1 68  ? 0.759   -7.756  3.195   1.00 12.15  ? 56  PHE A CD2 1 
ATOM   450  C  CE1 . PHE A 1 68  ? -2.006  -7.743  3.007   1.00 12.81  ? 56  PHE A CE1 1 
ATOM   451  C  CE2 . PHE A 1 68  ? 0.098   -6.611  2.765   1.00 13.21  ? 56  PHE A CE2 1 
ATOM   452  C  CZ  . PHE A 1 68  ? -1.283  -6.606  2.673   1.00 13.63  ? 56  PHE A CZ  1 
ATOM   453  N  N   . HIS A 1 69  ? 3.061   -11.912 4.208   1.00 19.14  ? 57  HIS A N   1 
ATOM   454  C  CA  . HIS A 1 69  ? 3.554   -12.513 5.452   1.00 21.01  ? 57  HIS A CA  1 
ATOM   455  C  C   . HIS A 1 69  ? 3.915   -11.454 6.520   1.00 21.58  ? 57  HIS A C   1 
ATOM   456  O  O   . HIS A 1 69  ? 4.119   -10.271 6.220   1.00 20.09  ? 57  HIS A O   1 
ATOM   457  C  CB  . HIS A 1 69  ? 4.695   -13.506 5.200   1.00 21.26  ? 57  HIS A CB  1 
ATOM   458  C  CG  . HIS A 1 69  ? 5.844   -12.946 4.423   1.00 23.95  ? 57  HIS A CG  1 
ATOM   459  N  ND1 . HIS A 1 69  ? 6.984   -12.459 5.024   1.00 27.10  ? 57  HIS A ND1 1 
ATOM   460  C  CD2 . HIS A 1 69  ? 6.041   -12.825 3.089   1.00 26.18  ? 57  HIS A CD2 1 
ATOM   461  C  CE1 . HIS A 1 69  ? 7.832   -12.053 4.095   1.00 26.75  ? 57  HIS A CE1 1 
ATOM   462  N  NE2 . HIS A 1 69  ? 7.280   -12.260 2.911   1.00 27.77  ? 57  HIS A NE2 1 
ATOM   463  N  N   . GLY A 1 70  ? 3.956   -11.878 7.780   1.00 22.47  ? 58  GLY A N   1 
ATOM   464  C  CA  . GLY A 1 70  ? 4.336   -10.978 8.870   1.00 23.72  ? 58  GLY A CA  1 
ATOM   465  C  C   . GLY A 1 70  ? 4.532   -11.695 10.192  1.00 24.59  ? 58  GLY A C   1 
ATOM   466  O  O   . GLY A 1 70  ? 3.790   -12.625 10.519  1.00 25.90  ? 58  GLY A O   1 
ATOM   467  N  N   . SER A 1 81  ? 4.217   -15.781 9.671   1.00 33.07  ? 69  SER A N   1 
ATOM   468  C  CA  . SER A 1 81  ? 3.024   -16.485 9.216   1.00 32.88  ? 69  SER A CA  1 
ATOM   469  C  C   . SER A 1 81  ? 2.400   -15.849 7.973   1.00 32.43  ? 69  SER A C   1 
ATOM   470  O  O   . SER A 1 81  ? 2.677   -14.694 7.644   1.00 32.56  ? 69  SER A O   1 
ATOM   471  C  CB  . SER A 1 81  ? 1.992   -16.579 10.345  1.00 33.14  ? 69  SER A CB  1 
ATOM   472  O  OG  . SER A 1 81  ? 1.690   -15.301 10.878  1.00 34.39  ? 69  SER A OG  1 
ATOM   473  N  N   . GLU A 1 82  ? 1.561   -16.621 7.291   1.00 31.78  ? 70  GLU A N   1 
ATOM   474  C  CA  . GLU A 1 82  ? 0.866   -16.166 6.090   1.00 31.44  ? 70  GLU A CA  1 
ATOM   475  C  C   . GLU A 1 82  ? -0.445  -15.481 6.449   1.00 30.63  ? 70  GLU A C   1 
ATOM   476  O  O   . GLU A 1 82  ? -1.148  -15.904 7.374   1.00 30.83  ? 70  GLU A O   1 
ATOM   477  C  CB  . GLU A 1 82  ? 0.602   -17.340 5.144   1.00 31.73  ? 70  GLU A CB  1 
ATOM   478  C  CG  . GLU A 1 82  ? 1.865   -18.028 4.629   1.00 33.59  ? 70  GLU A CG  1 
ATOM   479  C  CD  . GLU A 1 82  ? 2.732   -17.109 3.784   1.00 36.28  ? 70  GLU A CD  1 
ATOM   480  O  OE1 . GLU A 1 82  ? 2.289   -16.718 2.683   1.00 37.83  ? 70  GLU A OE1 1 
ATOM   481  O  OE2 . GLU A 1 82  ? 3.859   -16.787 4.223   1.00 37.26  ? 70  GLU A OE2 1 
ATOM   482  N  N   . LEU A 1 83  ? -0.769  -14.424 5.710   1.00 29.22  ? 71  LEU A N   1 
ATOM   483  C  CA  . LEU A 1 83  ? -1.967  -13.637 5.955   1.00 27.98  ? 71  LEU A CA  1 
ATOM   484  C  C   . LEU A 1 83  ? -2.631  -13.332 4.621   1.00 26.81  ? 71  LEU A C   1 
ATOM   485  O  O   . LEU A 1 83  ? -1.973  -12.903 3.672   1.00 26.30  ? 71  LEU A O   1 
ATOM   486  C  CB  . LEU A 1 83  ? -1.605  -12.330 6.670   1.00 28.67  ? 71  LEU A CB  1 
ATOM   487  C  CG  . LEU A 1 83  ? -2.526  -11.750 7.750   1.00 30.18  ? 71  LEU A CG  1 
ATOM   488  C  CD1 . LEU A 1 83  ? -1.786  -10.674 8.545   1.00 30.77  ? 71  LEU A CD1 1 
ATOM   489  C  CD2 . LEU A 1 83  ? -3.834  -11.203 7.187   1.00 32.05  ? 71  LEU A CD2 1 
ATOM   490  N  N   . SER A 1 84  ? -3.933  -13.578 4.551   1.00 25.39  ? 72  SER A N   1 
ATOM   491  C  CA  . SER A 1 84  ? -4.718  -13.295 3.360   1.00 24.44  ? 72  SER A CA  1 
ATOM   492  C  C   . SER A 1 84  ? -5.869  -12.384 3.751   1.00 23.83  ? 72  SER A C   1 
ATOM   493  O  O   . SER A 1 84  ? -6.485  -12.568 4.810   1.00 23.84  ? 72  SER A O   1 
ATOM   494  C  CB  . SER A 1 84  ? -5.229  -14.595 2.733   1.00 24.62  ? 72  SER A CB  1 
ATOM   495  O  OG  . SER A 1 84  ? -5.879  -14.357 1.501   1.00 26.19  ? 72  SER A OG  1 
ATOM   496  N  N   . MET A 1 85  ? -6.128  -11.387 2.909   1.00 22.43  ? 73  MET A N   1 
ATOM   497  C  CA  . MET A 1 85  ? -7.115  -10.344 3.166   1.00 21.96  ? 73  MET A CA  1 
ATOM   498  C  C   . MET A 1 85  ? -7.894  -10.059 1.910   1.00 20.90  ? 73  MET A C   1 
ATOM   499  O  O   . MET A 1 85  ? -7.309  -9.963  0.834   1.00 20.50  ? 73  MET A O   1 
ATOM   500  C  CB  . MET A 1 85  ? -6.391  -9.046  3.516   1.00 22.18  ? 73  MET A CB  1 
ATOM   501  C  CG  . MET A 1 85  ? -6.363  -8.685  4.947   1.00 24.20  ? 73  MET A CG  1 
ATOM   502  S  SD  . MET A 1 85  ? -5.357  -7.195  5.029   1.00 22.58  ? 73  MET A SD  1 
ATOM   503  C  CE  . MET A 1 85  ? -4.005  -7.807  6.009   1.00 24.72  ? 73  MET A CE  1 
ATOM   504  N  N   . VAL A 1 86  ? -9.204  -9.883  2.034   1.00 19.40  ? 74  VAL A N   1 
ATOM   505  C  CA  . VAL A 1 86  ? -10.016 -9.516  0.881   1.00 19.06  ? 74  VAL A CA  1 
ATOM   506  C  C   . VAL A 1 86  ? -10.423 -8.051  0.958   1.00 18.69  ? 74  VAL A C   1 
ATOM   507  O  O   . VAL A 1 86  ? -11.091 -7.630  1.914   1.00 19.00  ? 74  VAL A O   1 
ATOM   508  C  CB  . VAL A 1 86  ? -11.282 -10.391 0.769   1.00 19.35  ? 74  VAL A CB  1 
ATOM   509  C  CG1 . VAL A 1 86  ? -12.143 -9.930  -0.392  1.00 19.81  ? 74  VAL A CG1 1 
ATOM   510  C  CG2 . VAL A 1 86  ? -10.903 -11.850 0.605   1.00 19.91  ? 74  VAL A CG2 1 
ATOM   511  N  N   . ALA A 1 87  ? -10.028 -7.278  -0.051  1.00 17.34  ? 75  ALA A N   1 
ATOM   512  C  CA  . ALA A 1 87  ? -10.394 -5.871  -0.102  1.00 17.18  ? 75  ALA A CA  1 
ATOM   513  C  C   . ALA A 1 87  ? -11.497 -5.667  -1.129  1.00 17.70  ? 75  ALA A C   1 
ATOM   514  O  O   . ALA A 1 87  ? -11.353 -6.032  -2.300  1.00 17.27  ? 75  ALA A O   1 
ATOM   515  C  CB  . ALA A 1 87  ? -9.182  -5.023  -0.427  1.00 16.94  ? 75  ALA A CB  1 
ATOM   516  N  N   . ASP A 1 88  ? -12.599 -5.073  -0.692  1.00 18.33  ? 76  ASP A N   1 
ATOM   517  C  CA  . ASP A 1 88  ? -13.762 -4.915  -1.557  1.00 20.03  ? 76  ASP A CA  1 
ATOM   518  C  C   . ASP A 1 88  ? -13.826 -3.525  -2.162  1.00 20.20  ? 76  ASP A C   1 
ATOM   519  O  O   . ASP A 1 88  ? -13.480 -2.538  -1.514  1.00 19.69  ? 76  ASP A O   1 
ATOM   520  C  CB  . ASP A 1 88  ? -15.046 -5.183  -0.768  1.00 20.53  ? 76  ASP A CB  1 
ATOM   521  C  CG  . ASP A 1 88  ? -15.170 -6.633  -0.327  1.00 23.59  ? 76  ASP A CG  1 
ATOM   522  O  OD1 . ASP A 1 88  ? -15.057 -7.541  -1.179  1.00 26.52  ? 76  ASP A OD1 1 
ATOM   523  O  OD2 . ASP A 1 88  ? -15.381 -6.871  0.878   1.00 26.93  ? 76  ASP A OD2 1 
ATOM   524  N  N   . LYS A 1 89  ? -14.289 -3.445  -3.407  1.00 20.95  ? 77  LYS A N   1 
ATOM   525  C  CA  . LYS A 1 89  ? -14.591 -2.155  -4.011  1.00 22.97  ? 77  LYS A CA  1 
ATOM   526  C  C   . LYS A 1 89  ? -15.614 -1.403  -3.161  1.00 23.11  ? 77  LYS A C   1 
ATOM   527  O  O   . LYS A 1 89  ? -16.575 -2.003  -2.655  1.00 23.43  ? 77  LYS A O   1 
ATOM   528  C  CB  . LYS A 1 89  ? -15.143 -2.339  -5.430  1.00 22.77  ? 77  LYS A CB  1 
ATOM   529  C  CG  . LYS A 1 89  ? -14.091 -2.625  -6.488  1.00 24.26  ? 77  LYS A CG  1 
ATOM   530  C  CD  . LYS A 1 89  ? -14.716 -3.141  -7.793  1.00 25.02  ? 77  LYS A CD  1 
ATOM   531  C  CE  . LYS A 1 89  ? -15.366 -2.036  -8.616  1.00 29.08  ? 77  LYS A CE  1 
ATOM   532  N  NZ  . LYS A 1 89  ? -14.529 -1.624  -9.781  1.00 30.95  ? 77  LYS A NZ  1 
ATOM   533  N  N   . THR A 1 90  ? -15.394 -0.103  -2.981  1.00 24.09  ? 78  THR A N   1 
ATOM   534  C  CA  . THR A 1 90  ? -16.380 0.752   -2.327  1.00 24.74  ? 78  THR A CA  1 
ATOM   535  C  C   . THR A 1 90  ? -17.140 1.520   -3.403  1.00 25.57  ? 78  THR A C   1 
ATOM   536  O  O   . THR A 1 90  ? -16.986 1.246   -4.599  1.00 25.17  ? 78  THR A O   1 
ATOM   537  C  CB  . THR A 1 90  ? -15.750 1.763   -1.324  1.00 24.63  ? 78  THR A CB  1 
ATOM   538  O  OG1 . THR A 1 90  ? -15.084 2.807   -2.038  1.00 24.48  ? 78  THR A OG1 1 
ATOM   539  C  CG2 . THR A 1 90  ? -14.780 1.082   -0.362  1.00 24.53  ? 78  THR A CG2 1 
ATOM   540  N  N   . GLU A 1 91  ? -17.931 2.499   -2.971  1.00 26.41  ? 79  GLU A N   1 
ATOM   541  C  CA  . GLU A 1 91  ? -18.781 3.271   -3.870  1.00 27.86  ? 79  GLU A CA  1 
ATOM   542  C  C   . GLU A 1 91  ? -18.018 4.274   -4.732  1.00 27.62  ? 79  GLU A C   1 
ATOM   543  O  O   . GLU A 1 91  ? -18.527 4.721   -5.767  1.00 28.05  ? 79  GLU A O   1 
ATOM   544  C  CB  . GLU A 1 91  ? -19.903 3.954   -3.084  1.00 27.69  ? 79  GLU A CB  1 
ATOM   545  C  CG  . GLU A 1 91  ? -20.872 2.951   -2.459  1.00 29.51  ? 79  GLU A CG  1 
ATOM   546  C  CD  . GLU A 1 91  ? -21.999 3.602   -1.683  1.00 30.01  ? 79  GLU A CD  1 
ATOM   547  O  OE1 . GLU A 1 91  ? -21.718 4.367   -0.727  1.00 34.27  ? 79  GLU A OE1 1 
ATOM   548  O  OE2 . GLU A 1 91  ? -23.171 3.326   -2.018  1.00 33.86  ? 79  GLU A OE2 1 
ATOM   549  N  N   . LYS A 1 92  ? -16.802 4.628   -4.322  1.00 27.43  ? 80  LYS A N   1 
ATOM   550  C  CA  . LYS A 1 92  ? -15.974 5.475   -5.177  1.00 27.28  ? 80  LYS A CA  1 
ATOM   551  C  C   . LYS A 1 92  ? -14.944 4.658   -5.945  1.00 26.56  ? 80  LYS A C   1 
ATOM   552  O  O   . LYS A 1 92  ? -14.269 3.792   -5.378  1.00 25.92  ? 80  LYS A O   1 
ATOM   553  C  CB  . LYS A 1 92  ? -15.342 6.645   -4.419  1.00 28.09  ? 80  LYS A CB  1 
ATOM   554  C  CG  . LYS A 1 92  ? -14.536 6.284   -3.202  1.00 29.92  ? 80  LYS A CG  1 
ATOM   555  C  CD  . LYS A 1 92  ? -13.761 7.493   -2.681  1.00 32.42  ? 80  LYS A CD  1 
ATOM   556  C  CE  . LYS A 1 92  ? -14.640 8.402   -1.826  1.00 34.32  ? 80  LYS A CE  1 
ATOM   557  N  NZ  . LYS A 1 92  ? -15.127 7.698   -0.607  1.00 35.35  ? 80  LYS A NZ  1 
ATOM   558  N  N   . ALA A 1 93  ? -14.857 4.932   -7.245  1.00 25.41  ? 81  ALA A N   1 
ATOM   559  C  CA  . ALA A 1 93  ? -13.957 4.212   -8.140  1.00 24.26  ? 81  ALA A CA  1 
ATOM   560  C  C   . ALA A 1 93  ? -12.515 4.328   -7.655  1.00 23.17  ? 81  ALA A C   1 
ATOM   561  O  O   . ALA A 1 93  ? -12.055 5.406   -7.272  1.00 23.99  ? 81  ALA A O   1 
ATOM   562  C  CB  . ALA A 1 93  ? -14.088 4.730   -9.568  1.00 24.66  ? 81  ALA A CB  1 
ATOM   563  N  N   . GLY A 1 94  ? -11.824 3.199   -7.656  1.00 21.64  ? 82  GLY A N   1 
ATOM   564  C  CA  . GLY A 1 94  ? -10.433 3.166   -7.238  1.00 18.96  ? 82  GLY A CA  1 
ATOM   565  C  C   . GLY A 1 94  ? -10.196 3.080   -5.742  1.00 17.63  ? 82  GLY A C   1 
ATOM   566  O  O   . GLY A 1 94  ? -9.050  3.024   -5.322  1.00 15.88  ? 82  GLY A O   1 
ATOM   567  N  N   . GLU A 1 95  ? -11.268 3.062   -4.944  1.00 16.61  ? 83  GLU A N   1 
ATOM   568  C  CA  . GLU A 1 95  ? -11.158 2.860   -3.494  1.00 16.73  ? 83  GLU A CA  1 
ATOM   569  C  C   . GLU A 1 95  ? -11.601 1.461   -3.068  1.00 15.97  ? 83  GLU A C   1 
ATOM   570  O  O   . GLU A 1 95  ? -12.580 0.917   -3.593  1.00 16.25  ? 83  GLU A O   1 
ATOM   571  C  CB  . GLU A 1 95  ? -11.986 3.892   -2.733  1.00 16.59  ? 83  GLU A CB  1 
ATOM   572  C  CG  . GLU A 1 95  ? -11.612 3.997   -1.252  1.00 18.43  ? 83  GLU A CG  1 
ATOM   573  C  CD  . GLU A 1 95  ? -12.489 4.968   -0.479  1.00 20.62  ? 83  GLU A CD  1 
ATOM   574  O  OE1 . GLU A 1 95  ? -11.932 5.849   0.209   1.00 25.24  ? 83  GLU A OE1 1 
ATOM   575  O  OE2 . GLU A 1 95  ? -13.734 4.856   -0.559  1.00 25.73  ? 83  GLU A OE2 1 
ATOM   576  N  N   . TYR A 1 96  ? -10.878 0.896   -2.104  1.00 14.45  ? 84  TYR A N   1 
ATOM   577  C  CA  . TYR A 1 96  ? -11.159 -0.424  -1.584  1.00 14.28  ? 84  TYR A CA  1 
ATOM   578  C  C   . TYR A 1 96  ? -11.198 -0.358  -0.077  1.00 14.13  ? 84  TYR A C   1 
ATOM   579  O  O   . TYR A 1 96  ? -10.527 0.474   0.523   1.00 13.68  ? 84  TYR A O   1 
ATOM   580  C  CB  . TYR A 1 96  ? -10.071 -1.411  -2.008  1.00 14.86  ? 84  TYR A CB  1 
ATOM   581  C  CG  . TYR A 1 96  ? -10.080 -1.694  -3.481  1.00 16.22  ? 84  TYR A CG  1 
ATOM   582  C  CD1 . TYR A 1 96  ? -9.410  -0.870  -4.364  1.00 17.16  ? 84  TYR A CD1 1 
ATOM   583  C  CD2 . TYR A 1 96  ? -10.770 -2.793  -3.984  1.00 16.62  ? 84  TYR A CD2 1 
ATOM   584  C  CE1 . TYR A 1 96  ? -9.435  -1.136  -5.744  1.00 17.70  ? 84  TYR A CE1 1 
ATOM   585  C  CE2 . TYR A 1 96  ? -10.791 -3.074  -5.340  1.00 18.44  ? 84  TYR A CE2 1 
ATOM   586  C  CZ  . TYR A 1 96  ? -10.124 -2.236  -6.212  1.00 17.52  ? 84  TYR A CZ  1 
ATOM   587  O  OH  . TYR A 1 96  ? -10.138 -2.498  -7.572  1.00 20.96  ? 84  TYR A OH  1 
ATOM   588  N  N   . SER A 1 97  ? -11.979 -1.247  0.526   1.00 14.12  ? 85  SER A N   1 
ATOM   589  C  CA  . SER A 1 97  ? -12.021 -1.346  1.976   1.00 14.66  ? 85  SER A CA  1 
ATOM   590  C  C   . SER A 1 97  ? -11.662 -2.751  2.437   1.00 15.02  ? 85  SER A C   1 
ATOM   591  O  O   . SER A 1 97  ? -11.900 -3.740  1.728   1.00 15.09  ? 85  SER A O   1 
ATOM   592  C  CB  . SER A 1 97  ? -13.409 -0.973  2.497   1.00 15.15  ? 85  SER A CB  1 
ATOM   593  O  OG  . SER A 1 97  ? -14.367 -1.877  1.992   1.00 17.32  ? 85  SER A OG  1 
ATOM   594  N  N   . VAL A 1 98  ? -11.082 -2.838  3.628   1.00 14.59  ? 86  VAL A N   1 
ATOM   595  C  CA  . VAL A 1 98  ? -10.775 -4.138  4.214   1.00 15.66  ? 86  VAL A CA  1 
ATOM   596  C  C   . VAL A 1 98  ? -10.738 -4.038  5.729   1.00 15.26  ? 86  VAL A C   1 
ATOM   597  O  O   . VAL A 1 98  ? -10.275 -3.044  6.301   1.00 15.30  ? 86  VAL A O   1 
ATOM   598  C  CB  . VAL A 1 98  ? -9.446  -4.739  3.664   1.00 16.34  ? 86  VAL A CB  1 
ATOM   599  C  CG1 . VAL A 1 98  ? -8.259  -3.833  3.984   1.00 16.59  ? 86  VAL A CG1 1 
ATOM   600  C  CG2 . VAL A 1 98  ? -9.217  -6.130  4.218   1.00 17.83  ? 86  VAL A CG2 1 
ATOM   601  N  N   . THR A 1 99  ? -11.253 -5.077  6.369   1.00 15.36  ? 87  THR A N   1 
ATOM   602  C  CA  . THR A 1 99  ? -11.172 -5.166  7.806   1.00 15.96  ? 87  THR A CA  1 
ATOM   603  C  C   . THR A 1 99  ? -9.871  -5.847  8.214   1.00 15.54  ? 87  THR A C   1 
ATOM   604  O  O   . THR A 1 99  ? -9.607  -6.989  7.839   1.00 15.84  ? 87  THR A O   1 
ATOM   605  C  CB  . THR A 1 99  ? -12.396 -5.907  8.382   1.00 16.20  ? 87  THR A CB  1 
ATOM   606  O  OG1 . THR A 1 99  ? -13.565 -5.123  8.116   1.00 18.93  ? 87  THR A OG1 1 
ATOM   607  C  CG2 . THR A 1 99  ? -12.246 -6.123  9.899   1.00 17.69  ? 87  THR A CG2 1 
ATOM   608  N  N   . TYR A 1 100 ? -9.057  -5.117  8.972   1.00 15.25  ? 88  TYR A N   1 
ATOM   609  C  CA  . TYR A 1 100 ? -7.812  -5.626  9.526   1.00 14.80  ? 88  TYR A CA  1 
ATOM   610  C  C   . TYR A 1 100 ? -7.338  -4.645  10.585  1.00 14.91  ? 88  TYR A C   1 
ATOM   611  O  O   . TYR A 1 100 ? -7.082  -3.484  10.278  1.00 13.63  ? 88  TYR A O   1 
ATOM   612  C  CB  . TYR A 1 100 ? -6.726  -5.811  8.448   1.00 14.98  ? 88  TYR A CB  1 
ATOM   613  C  CG  . TYR A 1 100 ? -5.394  -6.190  9.068   1.00 13.95  ? 88  TYR A CG  1 
ATOM   614  C  CD1 . TYR A 1 100 ? -5.175  -7.484  9.539   1.00 14.42  ? 88  TYR A CD1 1 
ATOM   615  C  CD2 . TYR A 1 100 ? -4.371  -5.246  9.232   1.00 14.41  ? 88  TYR A CD2 1 
ATOM   616  C  CE1 . TYR A 1 100 ? -3.982  -7.839  10.137  1.00 15.52  ? 88  TYR A CE1 1 
ATOM   617  C  CE2 . TYR A 1 100 ? -3.161  -5.594  9.825   1.00 14.88  ? 88  TYR A CE2 1 
ATOM   618  C  CZ  . TYR A 1 100 ? -2.974  -6.901  10.278  1.00 14.97  ? 88  TYR A CZ  1 
ATOM   619  O  OH  . TYR A 1 100 ? -1.785  -7.276  10.881  1.00 15.57  ? 88  TYR A OH  1 
ATOM   620  N  N   . ASP A 1 101 ? -7.237  -5.099  11.832  1.00 14.08  ? 89  ASP A N   1 
ATOM   621  C  CA  . ASP A 1 101 ? -6.884  -4.205  12.943  1.00 14.04  ? 89  ASP A CA  1 
ATOM   622  C  C   . ASP A 1 101 ? -7.653  -2.882  12.890  1.00 13.20  ? 89  ASP A C   1 
ATOM   623  O  O   . ASP A 1 101 ? -7.064  -1.787  12.983  1.00 13.52  ? 89  ASP A O   1 
ATOM   624  C  CB  . ASP A 1 101 ? -5.370  -3.943  12.977  1.00 14.62  ? 89  ASP A CB  1 
ATOM   625  C  CG  . ASP A 1 101 ? -4.885  -3.467  14.345  1.00 17.31  ? 89  ASP A CG  1 
ATOM   626  O  OD1 . ASP A 1 101 ? -5.423  -3.934  15.377  1.00 20.33  ? 89  ASP A OD1 1 
ATOM   627  O  OD2 . ASP A 1 101 ? -3.948  -2.642  14.399  1.00 19.61  ? 89  ASP A OD2 1 
ATOM   628  N  N   . GLY A 1 102 ? -8.969  -3.005  12.740  1.00 12.44  ? 90  GLY A N   1 
ATOM   629  C  CA  . GLY A 1 102 ? -9.835  -1.861  12.477  1.00 12.64  ? 90  GLY A CA  1 
ATOM   630  C  C   . GLY A 1 102 ? -10.386 -1.873  11.062  1.00 12.24  ? 90  GLY A C   1 
ATOM   631  O  O   . GLY A 1 102 ? -10.328 -2.892  10.351  1.00 13.41  ? 90  GLY A O   1 
ATOM   632  N  N   . PHE A 1 103 ? -10.913 -0.720  10.657  1.00 11.46  ? 91  PHE A N   1 
ATOM   633  C  CA  . PHE A 1 103 ? -11.536 -0.562  9.351   1.00 11.99  ? 91  PHE A CA  1 
ATOM   634  C  C   . PHE A 1 103 ? -10.587 0.253   8.478   1.00 11.63  ? 91  PHE A C   1 
ATOM   635  O  O   . PHE A 1 103 ? -10.201 1.361   8.844   1.00 11.99  ? 91  PHE A O   1 
ATOM   636  C  CB  . PHE A 1 103 ? -12.904 0.124   9.481   1.00 12.63  ? 91  PHE A CB  1 
ATOM   637  C  CG  . PHE A 1 103 ? -13.531 0.454   8.169   1.00 14.04  ? 91  PHE A CG  1 
ATOM   638  C  CD1 . PHE A 1 103 ? -14.005 -0.566  7.347   1.00 15.40  ? 91  PHE A CD1 1 
ATOM   639  C  CD2 . PHE A 1 103 ? -13.632 1.771   7.740   1.00 15.09  ? 91  PHE A CD2 1 
ATOM   640  C  CE1 . PHE A 1 103 ? -14.579 -0.274  6.101   1.00 15.17  ? 91  PHE A CE1 1 
ATOM   641  C  CE2 . PHE A 1 103 ? -14.193 2.077   6.499   1.00 14.19  ? 91  PHE A CE2 1 
ATOM   642  C  CZ  . PHE A 1 103 ? -14.676 1.047   5.681   1.00 14.72  ? 91  PHE A CZ  1 
ATOM   643  N  N   . ASN A 1 104 ? -10.253 -0.291  7.305   1.00 11.17  ? 92  ASN A N   1 
ATOM   644  C  CA  . ASN A 1 104 ? -9.297  0.369   6.403   1.00 11.57  ? 92  ASN A CA  1 
ATOM   645  C  C   . ASN A 1 104 ? -9.921  0.707   5.068   1.00 11.32  ? 92  ASN A C   1 
ATOM   646  O  O   . ASN A 1 104 ? -10.691 -0.078  4.532   1.00 11.83  ? 92  ASN A O   1 
ATOM   647  C  CB  . ASN A 1 104 ? -8.117  -0.554  6.150   1.00 11.17  ? 92  ASN A CB  1 
ATOM   648  C  CG  . ASN A 1 104 ? -7.460  -0.994  7.428   1.00 11.39  ? 92  ASN A CG  1 
ATOM   649  O  OD1 . ASN A 1 104 ? -6.703  -0.247  8.044   1.00 11.16  ? 92  ASN A OD1 1 
ATOM   650  N  ND2 . ASN A 1 104 ? -7.776  -2.219  7.854   1.00 11.43  ? 92  ASN A ND2 1 
ATOM   651  N  N   . THR A 1 105 ? -9.575  1.880   4.536   1.00 11.25  ? 93  THR A N   1 
ATOM   652  C  CA  . THR A 1 105 ? -9.879  2.176   3.136   1.00 12.42  ? 93  THR A CA  1 
ATOM   653  C  C   . THR A 1 105 ? -8.586  2.581   2.454   1.00 11.76  ? 93  THR A C   1 
ATOM   654  O  O   . THR A 1 105 ? -7.753  3.254   3.056   1.00 12.45  ? 93  THR A O   1 
ATOM   655  C  CB  . THR A 1 105 ? -10.891 3.320   2.959   1.00 13.40  ? 93  THR A CB  1 
ATOM   656  O  OG1 . THR A 1 105 ? -10.383 4.503   3.573   1.00 17.29  ? 93  THR A OG1 1 
ATOM   657  C  CG2 . THR A 1 105 ? -12.237 2.941   3.581   1.00 15.18  ? 93  THR A CG2 1 
ATOM   658  N  N   . PHE A 1 106 ? -8.412  2.180   1.200   1.00 10.89  ? 94  PHE A N   1 
ATOM   659  C  CA  . PHE A 1 106 ? -7.194  2.585   0.503   1.00 10.75  ? 94  PHE A CA  1 
ATOM   660  C  C   . PHE A 1 106 ? -7.418  2.856   -0.966  1.00 10.53  ? 94  PHE A C   1 
ATOM   661  O  O   . PHE A 1 106 ? -8.374  2.362   -1.573  1.00 10.13  ? 94  PHE A O   1 
ATOM   662  C  CB  . PHE A 1 106 ? -6.042  1.577   0.700   1.00 10.98  ? 94  PHE A CB  1 
ATOM   663  C  CG  . PHE A 1 106 ? -6.273  0.233   0.065   1.00 11.93  ? 94  PHE A CG  1 
ATOM   664  C  CD1 . PHE A 1 106 ? -6.849  -0.804  0.798   1.00 12.33  ? 94  PHE A CD1 1 
ATOM   665  C  CD2 . PHE A 1 106 ? -5.901  -0.003  -1.253  1.00 12.35  ? 94  PHE A CD2 1 
ATOM   666  C  CE1 . PHE A 1 106 ? -7.048  -2.060  0.228   1.00 12.77  ? 94  PHE A CE1 1 
ATOM   667  C  CE2 . PHE A 1 106 ? -6.105  -1.264  -1.841  1.00 11.96  ? 94  PHE A CE2 1 
ATOM   668  C  CZ  . PHE A 1 106 ? -6.671  -2.280  -1.099  1.00 12.25  ? 94  PHE A CZ  1 
ATOM   669  N  N   . THR A 1 107 ? -6.501  3.644   -1.524  1.00 10.48  ? 95  THR A N   1 
ATOM   670  C  CA  . THR A 1 107 ? -6.417  3.839   -2.956  1.00 10.70  ? 95  THR A CA  1 
ATOM   671  C  C   . THR A 1 107 ? -4.970  3.620   -3.388  1.00 10.88  ? 95  THR A C   1 
ATOM   672  O  O   . THR A 1 107 ? -4.074  3.401   -2.550  1.00 9.78   ? 95  THR A O   1 
ATOM   673  C  CB  . THR A 1 107 ? -6.792  5.261   -3.344  1.00 11.79  ? 95  THR A CB  1 
ATOM   674  O  OG1 . THR A 1 107 ? -5.897  6.161   -2.696  1.00 13.25  ? 95  THR A OG1 1 
ATOM   675  C  CG2 . THR A 1 107 ? -8.242  5.588   -2.916  1.00 12.98  ? 95  THR A CG2 1 
ATOM   676  N  N   . ILE A 1 108 ? -4.759  3.701   -4.697  1.00 11.29  ? 96  ILE A N   1 
ATOM   677  C  CA  . ILE A 1 108 ? -3.422  3.600   -5.273  1.00 11.31  ? 96  ILE A CA  1 
ATOM   678  C  C   . ILE A 1 108 ? -3.143  4.913   -6.021  1.00 11.40  ? 96  ILE A C   1 
ATOM   679  O  O   . ILE A 1 108 ? -3.475  5.044   -7.183  1.00 11.66  ? 96  ILE A O   1 
ATOM   680  C  CB  . ILE A 1 108 ? -3.344  2.376   -6.218  1.00 11.55  ? 96  ILE A CB  1 
ATOM   681  C  CG1 . ILE A 1 108 ? -3.591  1.088   -5.423  1.00 12.91  ? 96  ILE A CG1 1 
ATOM   682  C  CG2 . ILE A 1 108 ? -2.004  2.364   -6.977  1.00 11.77  ? 96  ILE A CG2 1 
ATOM   683  C  CD1 . ILE A 1 108 ? -3.924  -0.112  -6.282  1.00 15.86  ? 96  ILE A CD1 1 
ATOM   684  N  N   . PRO A 1 109 ? -2.575  5.904   -5.328  1.00 11.17  ? 97  PRO A N   1 
ATOM   685  C  CA  . PRO A 1 109 ? -2.318  7.199   -5.972  1.00 11.44  ? 97  PRO A CA  1 
ATOM   686  C  C   . PRO A 1 109 ? -1.388  7.159   -7.185  1.00 11.73  ? 97  PRO A C   1 
ATOM   687  O  O   . PRO A 1 109 ? -1.476  8.042   -8.043  1.00 12.35  ? 97  PRO A O   1 
ATOM   688  C  CB  . PRO A 1 109 ? -1.705  8.052   -4.855  1.00 11.98  ? 97  PRO A CB  1 
ATOM   689  C  CG  . PRO A 1 109 ? -1.377  7.118   -3.741  1.00 12.56  ? 97  PRO A CG  1 
ATOM   690  C  CD  . PRO A 1 109 ? -2.220  5.904   -3.899  1.00 11.46  ? 97  PRO A CD  1 
ATOM   691  N  N   . LYS A 1 110 ? -0.491  6.178   -7.242  1.00 12.04  ? 98  LYS A N   1 
ATOM   692  C  CA  . LYS A 1 110 ? 0.435   6.103   -8.383  1.00 12.05  ? 98  LYS A CA  1 
ATOM   693  C  C   . LYS A 1 110 ? 1.004   4.704   -8.560  1.00 11.50  ? 98  LYS A C   1 
ATOM   694  O  O   . LYS A 1 110 ? 1.499   4.095   -7.611  1.00 11.69  ? 98  LYS A O   1 
ATOM   695  C  CB  . LYS A 1 110 ? 1.587   7.106   -8.223  1.00 12.61  ? 98  LYS A CB  1 
ATOM   696  C  CG  . LYS A 1 110 ? 2.373   7.395   -9.521  1.00 16.40  ? 98  LYS A CG  1 
ATOM   697  C  CD  . LYS A 1 110 ? 1.504   8.063   -10.606 1.00 22.36  ? 98  LYS A CD  1 
ATOM   698  C  CE  . LYS A 1 110 ? 1.254   9.540   -10.299 1.00 24.49  ? 98  LYS A CE  1 
ATOM   699  N  NZ  . LYS A 1 110 ? 0.624   10.272  -11.433 1.00 27.36  ? 98  LYS A NZ  1 
ATOM   700  N  N   . THR A 1 111 ? 0.914   4.203   -9.790  1.00 11.19  ? 99  THR A N   1 
ATOM   701  C  CA  . THR A 1 111 ? 1.582   2.954   -10.170 1.00 10.66  ? 99  THR A CA  1 
ATOM   702  C  C   . THR A 1 111 ? 1.989   3.059   -11.632 1.00 10.86  ? 99  THR A C   1 
ATOM   703  O  O   . THR A 1 111 ? 1.318   3.746   -12.404 1.00 11.38  ? 99  THR A O   1 
ATOM   704  C  CB  . THR A 1 111 ? 0.665   1.713   -9.991  1.00 10.91  ? 99  THR A CB  1 
ATOM   705  O  OG1 . THR A 1 111 ? 1.380   0.523   -10.373 1.00 9.74   ? 99  THR A OG1 1 
ATOM   706  C  CG2 . THR A 1 111 ? -0.606  1.836   -10.844 1.00 11.23  ? 99  THR A CG2 1 
ATOM   707  N  N   . ASP A 1 112 ? 3.065   2.367   -12.003 1.00 10.86  ? 100 ASP A N   1 
ATOM   708  C  CA  . ASP A 1 112 ? 3.404   2.191   -13.413 1.00 11.06  ? 100 ASP A CA  1 
ATOM   709  C  C   . ASP A 1 112 ? 3.169   0.739   -13.849 1.00 11.20  ? 100 ASP A C   1 
ATOM   710  O  O   . ASP A 1 112 ? 3.590   0.345   -14.942 1.00 12.21  ? 100 ASP A O   1 
ATOM   711  C  CB  . ASP A 1 112 ? 4.841   2.644   -13.705 1.00 11.26  ? 100 ASP A CB  1 
ATOM   712  C  CG  . ASP A 1 112 ? 5.891   1.690   -13.177 1.00 12.41  ? 100 ASP A CG  1 
ATOM   713  O  OD1 . ASP A 1 112 ? 5.568   0.808   -12.353 1.00 11.49  ? 100 ASP A OD1 1 
ATOM   714  O  OD2 . ASP A 1 112 ? 7.068   1.831   -13.604 1.00 14.95  ? 100 ASP A OD2 1 
ATOM   715  N  N   . TYR A 1 113 ? 2.490   -0.024  -12.992 1.00 11.62  ? 101 TYR A N   1 
ATOM   716  C  CA  . TYR A 1 113 ? 2.128   -1.429  -13.209 1.00 11.92  ? 101 TYR A CA  1 
ATOM   717  C  C   . TYR A 1 113 ? 3.298   -2.412  -13.271 1.00 11.94  ? 101 TYR A C   1 
ATOM   718  O  O   . TYR A 1 113 ? 3.185   -3.533  -12.774 1.00 12.58  ? 101 TYR A O   1 
ATOM   719  C  CB  . TYR A 1 113 ? 1.294   -1.604  -14.484 1.00 12.24  ? 101 TYR A CB  1 
ATOM   720  C  CG  . TYR A 1 113 ? 0.054   -0.756  -14.587 1.00 13.81  ? 101 TYR A CG  1 
ATOM   721  C  CD1 . TYR A 1 113 ? -1.035  -0.958  -13.732 1.00 14.71  ? 101 TYR A CD1 1 
ATOM   722  C  CD2 . TYR A 1 113 ? -0.053  0.229   -15.571 1.00 15.02  ? 101 TYR A CD2 1 
ATOM   723  C  CE1 . TYR A 1 113 ? -2.187  -0.183  -13.836 1.00 15.22  ? 101 TYR A CE1 1 
ATOM   724  C  CE2 . TYR A 1 113 ? -1.203  1.003   -15.682 1.00 17.33  ? 101 TYR A CE2 1 
ATOM   725  C  CZ  . TYR A 1 113 ? -2.260  0.793   -14.806 1.00 15.71  ? 101 TYR A CZ  1 
ATOM   726  O  OH  . TYR A 1 113 ? -3.403  1.553   -14.917 1.00 16.47  ? 101 TYR A OH  1 
ATOM   727  N  N   . ASP A 1 114 ? 4.390   -1.987  -13.908 1.00 11.84  ? 102 ASP A N   1 
ATOM   728  C  CA  . ASP A 1 114 ? 5.510   -2.867  -14.244 1.00 12.14  ? 102 ASP A CA  1 
ATOM   729  C  C   . ASP A 1 114 ? 6.674   -2.812  -13.287 1.00 11.90  ? 102 ASP A C   1 
ATOM   730  O  O   . ASP A 1 114 ? 7.533   -3.703  -13.303 1.00 12.21  ? 102 ASP A O   1 
ATOM   731  C  CB  . ASP A 1 114 ? 6.062   -2.528  -15.629 1.00 12.76  ? 102 ASP A CB  1 
ATOM   732  C  CG  . ASP A 1 114 ? 5.087   -2.791  -16.732 1.00 15.61  ? 102 ASP A CG  1 
ATOM   733  O  OD1 . ASP A 1 114 ? 4.300   -3.762  -16.616 1.00 16.95  ? 102 ASP A OD1 1 
ATOM   734  O  OD2 . ASP A 1 114 ? 5.158   -2.031  -17.729 1.00 19.60  ? 102 ASP A OD2 1 
ATOM   735  N  N   . ASN A 1 115 ? 6.740   -1.755  -12.479 1.00 10.49  ? 103 ASN A N   1 
ATOM   736  C  CA  . ASN A 1 115 ? 7.824   -1.616  -11.497 1.00 9.97   ? 103 ASN A CA  1 
ATOM   737  C  C   . ASN A 1 115 ? 7.309   -1.369  -10.097 1.00 9.44   ? 103 ASN A C   1 
ATOM   738  O  O   . ASN A 1 115 ? 7.702   -2.066  -9.158  1.00 9.66   ? 103 ASN A O   1 
ATOM   739  C  CB  . ASN A 1 115 ? 8.749   -0.432  -11.840 1.00 11.17  ? 103 ASN A CB  1 
ATOM   740  C  CG  . ASN A 1 115 ? 9.622   -0.695  -13.049 1.00 13.05  ? 103 ASN A CG  1 
ATOM   741  O  OD1 . ASN A 1 115 ? 10.567  -1.497  -13.005 1.00 15.46  ? 103 ASN A OD1 1 
ATOM   742  N  ND2 . ASN A 1 115 ? 9.340   0.020   -14.132 1.00 16.20  ? 103 ASN A ND2 1 
ATOM   743  N  N   . PHE A 1 116 ? 6.483   -0.327  -9.955  1.00 9.31   ? 104 PHE A N   1 
ATOM   744  C  CA  . PHE A 1 116 ? 6.117   0.111   -8.607  1.00 9.66   ? 104 PHE A CA  1 
ATOM   745  C  C   . PHE A 1 116 ? 4.632   0.341   -8.430  1.00 9.46   ? 104 PHE A C   1 
ATOM   746  O  O   . PHE A 1 116 ? 3.915   0.587   -9.397  1.00 9.16   ? 104 PHE A O   1 
ATOM   747  C  CB  . PHE A 1 116 ? 6.867   1.401   -8.227  1.00 9.80   ? 104 PHE A CB  1 
ATOM   748  C  CG  . PHE A 1 116 ? 6.377   2.638   -8.937  1.00 9.44   ? 104 PHE A CG  1 
ATOM   749  C  CD1 . PHE A 1 116 ? 5.310   3.358   -8.423  1.00 10.63  ? 104 PHE A CD1 1 
ATOM   750  C  CD2 . PHE A 1 116 ? 6.979   3.074   -10.113 1.00 12.00  ? 104 PHE A CD2 1 
ATOM   751  C  CE1 . PHE A 1 116 ? 4.849   4.488   -9.052  1.00 11.86  ? 104 PHE A CE1 1 
ATOM   752  C  CE2 . PHE A 1 116 ? 6.522   4.213   -10.746 1.00 12.02  ? 104 PHE A CE2 1 
ATOM   753  C  CZ  . PHE A 1 116 ? 5.448   4.918   -10.212 1.00 11.95  ? 104 PHE A CZ  1 
ATOM   754  N  N   . LEU A 1 117 ? 4.208   0.327   -7.166  1.00 9.09   ? 105 LEU A N   1 
ATOM   755  C  CA  . LEU A 1 117 ? 2.830   0.576   -6.791  1.00 9.83   ? 105 LEU A CA  1 
ATOM   756  C  C   . LEU A 1 117 ? 2.891   1.360   -5.496  1.00 9.54   ? 105 LEU A C   1 
ATOM   757  O  O   . LEU A 1 117 ? 3.582   0.948   -4.567  1.00 9.20   ? 105 LEU A O   1 
ATOM   758  C  CB  . LEU A 1 117 ? 2.095   -0.738  -6.565  1.00 9.87   ? 105 LEU A CB  1 
ATOM   759  C  CG  . LEU A 1 117 ? 0.571   -0.615  -6.389  1.00 12.18  ? 105 LEU A CG  1 
ATOM   760  C  CD1 . LEU A 1 117 ? -0.138  -1.796  -6.983  1.00 14.56  ? 105 LEU A CD1 1 
ATOM   761  C  CD2 . LEU A 1 117 ? 0.197   -0.444  -4.921  1.00 13.55  ? 105 LEU A CD2 1 
ATOM   762  N  N   . MET A 1 118 ? 2.259   2.535   -5.472  1.00 9.19   ? 106 MET A N   1 
ATOM   763  C  CA  . MET A 1 118 ? 2.177   3.325   -4.231  1.00 10.07  ? 106 MET A CA  1 
ATOM   764  C  C   . MET A 1 118 ? 0.745   3.334   -3.736  1.00 9.76   ? 106 MET A C   1 
ATOM   765  O  O   . MET A 1 118 ? -0.156  3.674   -4.504  1.00 10.40  ? 106 MET A O   1 
ATOM   766  C  CB  . MET A 1 118 ? 2.642   4.753   -4.484  1.00 9.57   ? 106 MET A CB  1 
ATOM   767  C  CG  . MET A 1 118 ? 4.064   4.824   -5.026  1.00 10.55  ? 106 MET A CG  1 
ATOM   768  S  SD  . MET A 1 118 ? 4.660   6.517   -5.230  1.00 12.85  ? 106 MET A SD  1 
ATOM   769  C  CE  . MET A 1 118 ? 6.243   6.288   -6.077  1.00 13.81  ? 106 MET A CE  1 
ATOM   770  N  N   . ALA A 1 119 ? 0.549   2.957   -2.471  1.00 8.65   ? 107 ALA A N   1 
ATOM   771  C  CA  . ALA A 1 119 ? -0.791  2.849   -1.896  1.00 8.80   ? 107 ALA A CA  1 
ATOM   772  C  C   . ALA A 1 119 ? -0.915  3.829   -0.743  1.00 8.47   ? 107 ALA A C   1 
ATOM   773  O  O   . ALA A 1 119 ? 0.051   4.062   -0.035  1.00 9.23   ? 107 ALA A O   1 
ATOM   774  C  CB  . ALA A 1 119 ? -1.090  1.426   -1.391  1.00 9.23   ? 107 ALA A CB  1 
ATOM   775  N  N   . HIS A 1 120 ? -2.119  4.380   -0.581  1.00 8.45   ? 108 HIS A N   1 
ATOM   776  C  CA  . HIS A 1 120 ? -2.442  5.240   0.550   1.00 9.05   ? 108 HIS A CA  1 
ATOM   777  C  C   . HIS A 1 120 ? -3.647  4.651   1.285   1.00 8.90   ? 108 HIS A C   1 
ATOM   778  O  O   . HIS A 1 120 ? -4.697  4.432   0.679   1.00 9.58   ? 108 HIS A O   1 
ATOM   779  C  CB  . HIS A 1 120 ? -2.750  6.653   0.085   1.00 9.50   ? 108 HIS A CB  1 
ATOM   780  C  CG  . HIS A 1 120 ? -3.128  7.566   1.205   1.00 11.64  ? 108 HIS A CG  1 
ATOM   781  N  ND1 . HIS A 1 120 ? -4.441  7.846   1.534   1.00 16.22  ? 108 HIS A ND1 1 
ATOM   782  C  CD2 . HIS A 1 120 ? -2.366  8.236   2.100   1.00 12.41  ? 108 HIS A CD2 1 
ATOM   783  C  CE1 . HIS A 1 120 ? -4.462  8.667   2.573   1.00 14.48  ? 108 HIS A CE1 1 
ATOM   784  N  NE2 . HIS A 1 120 ? -3.217  8.931   2.929   1.00 12.18  ? 108 HIS A NE2 1 
ATOM   785  N  N   . LEU A 1 121 ? -3.481  4.406   2.581   1.00 8.59   ? 109 LEU A N   1 
ATOM   786  C  CA  . LEU A 1 121 ? -4.495  3.747   3.376   1.00 8.59   ? 109 LEU A CA  1 
ATOM   787  C  C   . LEU A 1 121 ? -4.836  4.578   4.613   1.00 8.97   ? 109 LEU A C   1 
ATOM   788  O  O   . LEU A 1 121 ? -3.960  5.183   5.224   1.00 9.18   ? 109 LEU A O   1 
ATOM   789  C  CB  . LEU A 1 121 ? -3.985  2.365   3.791   1.00 9.05   ? 109 LEU A CB  1 
ATOM   790  C  CG  . LEU A 1 121 ? -4.852  1.472   4.699   1.00 9.28   ? 109 LEU A CG  1 
ATOM   791  C  CD1 . LEU A 1 121 ? -4.633  -0.006  4.395   1.00 11.32  ? 109 LEU A CD1 1 
ATOM   792  C  CD2 . LEU A 1 121 ? -4.560  1.773   6.178   1.00 11.19  ? 109 LEU A CD2 1 
ATOM   793  N  N   . ILE A 1 122 ? -6.124  4.600   4.944   1.00 8.36   ? 110 ILE A N   1 
ATOM   794  C  CA  . ILE A 1 122 ? -6.598  5.215   6.193   1.00 7.82   ? 110 ILE A CA  1 
ATOM   795  C  C   . ILE A 1 122 ? -7.156  4.095   7.063   1.00 8.26   ? 110 ILE A C   1 
ATOM   796  O  O   . ILE A 1 122 ? -8.031  3.347   6.630   1.00 8.55   ? 110 ILE A O   1 
ATOM   797  C  CB  . ILE A 1 122 ? -7.712  6.231   5.932   1.00 8.05   ? 110 ILE A CB  1 
ATOM   798  C  CG1 . ILE A 1 122 ? -7.187  7.409   5.125   1.00 9.41   ? 110 ILE A CG1 1 
ATOM   799  C  CG2 . ILE A 1 122 ? -8.299  6.762   7.224   1.00 8.70   ? 110 ILE A CG2 1 
ATOM   800  C  CD1 . ILE A 1 122 ? -6.053  8.192   5.811   1.00 10.23  ? 110 ILE A CD1 1 
ATOM   801  N  N   . ASN A 1 123 ? -6.651  4.016   8.295   1.00 8.95   ? 111 ASN A N   1 
ATOM   802  C  CA  . ASN A 1 123 ? -7.139  3.037   9.260   1.00 9.61   ? 111 ASN A CA  1 
ATOM   803  C  C   . ASN A 1 123 ? -7.971  3.774   10.302  1.00 9.88   ? 111 ASN A C   1 
ATOM   804  O  O   . ASN A 1 123 ? -7.621  4.881   10.708  1.00 10.78  ? 111 ASN A O   1 
ATOM   805  C  CB  . ASN A 1 123 ? -5.959  2.356   9.963   1.00 9.88   ? 111 ASN A CB  1 
ATOM   806  C  CG  . ASN A 1 123 ? -6.398  1.454   11.089  1.00 11.24  ? 111 ASN A CG  1 
ATOM   807  O  OD1 . ASN A 1 123 ? -6.379  1.866   12.258  1.00 11.83  ? 111 ASN A OD1 1 
ATOM   808  N  ND2 . ASN A 1 123 ? -6.781  0.226   10.760  1.00 10.42  ? 111 ASN A ND2 1 
ATOM   809  N  N   . GLU A 1 124 ? -9.069  3.138   10.714  1.00 10.01  ? 112 GLU A N   1 
ATOM   810  C  CA  . GLU A 1 124 ? -9.900  3.630   11.825  1.00 10.09  ? 112 GLU A CA  1 
ATOM   811  C  C   . GLU A 1 124 ? -10.062 2.507   12.827  1.00 10.01  ? 112 GLU A C   1 
ATOM   812  O  O   . GLU A 1 124 ? -10.544 1.431   12.485  1.00 9.53   ? 112 GLU A O   1 
ATOM   813  C  CB  . GLU A 1 124 ? -11.261 4.077   11.305  1.00 10.93  ? 112 GLU A CB  1 
ATOM   814  C  CG  . GLU A 1 124 ? -11.076 5.393   10.575  1.00 13.07  ? 112 GLU A CG  1 
ATOM   815  C  CD  . GLU A 1 124 ? -12.170 5.803   9.615   1.00 16.70  ? 112 GLU A CD  1 
ATOM   816  O  OE1 . GLU A 1 124 ? -13.217 5.139   9.556   1.00 16.92  ? 112 GLU A OE1 1 
ATOM   817  O  OE2 . GLU A 1 124 ? -11.952 6.811   8.900   1.00 20.56  ? 112 GLU A OE2 1 
ATOM   818  N  N   . LYS A 1 125 ? -9.607  2.763   14.049  1.00 10.73  ? 113 LYS A N   1 
ATOM   819  C  CA  . LYS A 1 125 ? -9.708  1.772   15.109  1.00 11.75  ? 113 LYS A CA  1 
ATOM   820  C  C   . LYS A 1 125 ? -9.964  2.487   16.421  1.00 11.56  ? 113 LYS A C   1 
ATOM   821  O  O   . LYS A 1 125 ? -9.315  3.483   16.724  1.00 11.16  ? 113 LYS A O   1 
ATOM   822  C  CB  . LYS A 1 125 ? -8.431  0.933   15.200  1.00 12.33  ? 113 LYS A CB  1 
ATOM   823  C  CG  . LYS A 1 125 ? -8.539  -0.256  16.150  1.00 14.11  ? 113 LYS A CG  1 
ATOM   824  C  CD  . LYS A 1 125 ? -7.176  -0.907  16.369  1.00 17.88  ? 113 LYS A CD  1 
ATOM   825  C  CE  . LYS A 1 125 ? -7.148  -1.747  17.617  1.00 22.00  ? 113 LYS A CE  1 
ATOM   826  N  NZ  . LYS A 1 125 ? -5.776  -2.282  17.822  1.00 24.09  ? 113 LYS A NZ  1 
ATOM   827  N  N   . ASP A 1 126 ? -10.953 1.997   17.169  1.00 11.71  ? 114 ASP A N   1 
ATOM   828  C  CA  . ASP A 1 126 ? -11.234 2.511   18.526  1.00 12.17  ? 114 ASP A CA  1 
ATOM   829  C  C   . ASP A 1 126 ? -11.468 4.029   18.531  1.00 12.16  ? 114 ASP A C   1 
ATOM   830  O  O   . ASP A 1 126 ? -11.089 4.726   19.477  1.00 11.92  ? 114 ASP A O   1 
ATOM   831  C  CB  . ASP A 1 126 ? -10.100 2.131   19.491  1.00 13.21  ? 114 ASP A CB  1 
ATOM   832  C  CG  . ASP A 1 126 ? -9.991  0.625   19.709  1.00 14.25  ? 114 ASP A CG  1 
ATOM   833  O  OD1 . ASP A 1 126 ? -8.862  0.138   19.927  1.00 19.59  ? 114 ASP A OD1 1 
ATOM   834  O  OD2 . ASP A 1 126 ? -11.023 -0.066  19.640  1.00 17.73  ? 114 ASP A OD2 1 
ATOM   835  N  N   . GLY A 1 127 ? -12.068 4.529   17.451  1.00 11.44  ? 115 GLY A N   1 
ATOM   836  C  CA  . GLY A 1 127 ? -12.415 5.943   17.350  1.00 12.19  ? 115 GLY A CA  1 
ATOM   837  C  C   . GLY A 1 127 ? -11.279 6.846   16.897  1.00 11.41  ? 115 GLY A C   1 
ATOM   838  O  O   . GLY A 1 127 ? -11.463 8.062   16.792  1.00 12.84  ? 115 GLY A O   1 
ATOM   839  N  N   . GLU A 1 128 ? -10.117 6.245   16.618  1.00 12.26  ? 116 GLU A N   1 
ATOM   840  C  CA  . GLU A 1 128 ? -8.931  6.988   16.178  1.00 12.64  ? 116 GLU A CA  1 
ATOM   841  C  C   . GLU A 1 128 ? -8.657  6.740   14.695  1.00 12.28  ? 116 GLU A C   1 
ATOM   842  O  O   . GLU A 1 128 ? -9.393  6.003   14.030  1.00 13.08  ? 116 GLU A O   1 
ATOM   843  C  CB  . GLU A 1 128 ? -7.701  6.583   17.003  1.00 14.50  ? 116 GLU A CB  1 
ATOM   844  C  CG  . GLU A 1 128 ? -7.893  6.723   18.506  1.00 18.16  ? 116 GLU A CG  1 
ATOM   845  C  CD  . GLU A 1 128 ? -6.587  6.833   19.271  1.00 25.27  ? 116 GLU A CD  1 
ATOM   846  O  OE1 . GLU A 1 128 ? -5.599  6.152   18.901  1.00 27.21  ? 116 GLU A OE1 1 
ATOM   847  O  OE2 . GLU A 1 128 ? -6.552  7.598   20.265  1.00 28.57  ? 116 GLU A OE2 1 
ATOM   848  N  N   . THR A 1 129 ? -7.619  7.385   14.175  1.00 11.11  ? 117 THR A N   1 
ATOM   849  C  CA  . THR A 1 129 ? -7.259  7.164   12.768  1.00 11.12  ? 117 THR A CA  1 
ATOM   850  C  C   . THR A 1 129 ? -5.763  7.312   12.588  1.00 10.46  ? 117 THR A C   1 
ATOM   851  O  O   . THR A 1 129 ? -5.100  7.935   13.411  1.00 11.53  ? 117 THR A O   1 
ATOM   852  C  CB  . THR A 1 129 ? -8.001  8.162   11.828  1.00 12.33  ? 117 THR A CB  1 
ATOM   853  O  OG1 . THR A 1 129 ? -7.881  7.743   10.460  1.00 12.73  ? 117 THR A OG1 1 
ATOM   854  C  CG2 . THR A 1 129 ? -7.446  9.581   11.983  1.00 12.60  ? 117 THR A CG2 1 
ATOM   855  N  N   . PHE A 1 130 ? -5.234  6.710   11.519  1.00 9.52   ? 118 PHE A N   1 
ATOM   856  C  CA  . PHE A 1 130 ? -3.891  7.072   11.067  1.00 8.98   ? 118 PHE A CA  1 
ATOM   857  C  C   . PHE A 1 130 ? -3.797  6.804   9.563   1.00 8.77   ? 118 PHE A C   1 
ATOM   858  O  O   . PHE A 1 130 ? -4.625  6.077   8.991   1.00 8.95   ? 118 PHE A O   1 
ATOM   859  C  CB  . PHE A 1 130 ? -2.788  6.340   11.857  1.00 9.46   ? 118 PHE A CB  1 
ATOM   860  C  CG  . PHE A 1 130 ? -2.613  4.887   11.496  1.00 10.95  ? 118 PHE A CG  1 
ATOM   861  C  CD1 . PHE A 1 130 ? -1.701  4.514   10.521  1.00 13.19  ? 118 PHE A CD1 1 
ATOM   862  C  CD2 . PHE A 1 130 ? -3.334  3.888   12.154  1.00 12.69  ? 118 PHE A CD2 1 
ATOM   863  C  CE1 . PHE A 1 130 ? -1.514  3.185   10.167  1.00 14.27  ? 118 PHE A CE1 1 
ATOM   864  C  CE2 . PHE A 1 130 ? -3.146  2.539   11.793  1.00 13.61  ? 118 PHE A CE2 1 
ATOM   865  C  CZ  . PHE A 1 130 ? -2.239  2.202   10.803  1.00 12.49  ? 118 PHE A CZ  1 
ATOM   866  N  N   . GLN A 1 131 ? -2.780  7.410   8.949   1.00 8.77   ? 119 GLN A N   1 
ATOM   867  C  CA  . GLN A 1 131 ? -2.446  7.183   7.539   1.00 9.11   ? 119 GLN A CA  1 
ATOM   868  C  C   . GLN A 1 131 ? -1.275  6.221   7.391   1.00 9.21   ? 119 GLN A C   1 
ATOM   869  O  O   . GLN A 1 131 ? -0.275  6.367   8.093   1.00 9.59   ? 119 GLN A O   1 
ATOM   870  C  CB  . GLN A 1 131 ? -1.982  8.467   6.879   1.00 9.71   ? 119 GLN A CB  1 
ATOM   871  C  CG  . GLN A 1 131 ? -2.906  9.626   6.911   1.00 10.25  ? 119 GLN A CG  1 
ATOM   872  C  CD  . GLN A 1 131 ? -2.276  10.790  6.186   1.00 12.50  ? 119 GLN A CD  1 
ATOM   873  O  OE1 . GLN A 1 131 ? -1.522  11.580  6.777   1.00 15.02  ? 119 GLN A OE1 1 
ATOM   874  N  NE2 . GLN A 1 131 ? -2.539  10.877  4.894   1.00 11.07  ? 119 GLN A NE2 1 
ATOM   875  N  N   . LEU A 1 132 ? -1.414  5.264   6.469   1.00 8.70   ? 120 LEU A N   1 
ATOM   876  C  CA  . LEU A 1 132 ? -0.332  4.361   6.068   1.00 9.17   ? 120 LEU A CA  1 
ATOM   877  C  C   . LEU A 1 132 ? -0.062  4.594   4.591   1.00 9.81   ? 120 LEU A C   1 
ATOM   878  O  O   . LEU A 1 132 ? -0.995  4.680   3.786   1.00 10.65  ? 120 LEU A O   1 
ATOM   879  C  CB  . LEU A 1 132 ? -0.771  2.915   6.240   1.00 10.46  ? 120 LEU A CB  1 
ATOM   880  C  CG  . LEU A 1 132 ? 0.206   1.804   5.847   1.00 10.55  ? 120 LEU A CG  1 
ATOM   881  C  CD1 . LEU A 1 132 ? 1.421   1.706   6.782   1.00 14.27  ? 120 LEU A CD1 1 
ATOM   882  C  CD2 . LEU A 1 132 ? -0.594  0.490   5.833   1.00 13.65  ? 120 LEU A CD2 1 
ATOM   883  N  N   . MET A 1 133 ? 1.213   4.697   4.233   1.00 9.66   ? 121 MET A N   1 
ATOM   884  C  CA  . MET A 1 133 ? 1.585   4.720   2.828   1.00 11.62  ? 121 MET A CA  1 
ATOM   885  C  C   . MET A 1 133 ? 2.537   3.574   2.560   1.00 9.93   ? 121 MET A C   1 
ATOM   886  O  O   . MET A 1 133 ? 3.354   3.244   3.407   1.00 10.38  ? 121 MET A O   1 
ATOM   887  C  CB  . MET A 1 133 ? 2.216   6.066   2.477   1.00 11.23  ? 121 MET A CB  1 
ATOM   888  C  CG  . MET A 1 133 ? 1.357   7.215   2.956   1.00 15.65  ? 121 MET A CG  1 
ATOM   889  S  SD  . MET A 1 133 ? 1.378   8.598   1.845   1.00 19.23  ? 121 MET A SD  1 
ATOM   890  C  CE  . MET A 1 133 ? 0.743   7.630   0.451   1.00 14.06  ? 121 MET A CE  1 
ATOM   891  N  N   . GLY A 1 134 ? 2.391   2.935   1.399   1.00 9.17   ? 122 GLY A N   1 
ATOM   892  C  CA  . GLY A 1 134 ? 3.269   1.829   1.062   1.00 8.62   ? 122 GLY A CA  1 
ATOM   893  C  C   . GLY A 1 134 ? 3.831   1.936   -0.340  1.00 8.32   ? 122 GLY A C   1 
ATOM   894  O  O   . GLY A 1 134 ? 3.159   2.428   -1.261  1.00 8.11   ? 122 GLY A O   1 
ATOM   895  N  N   . LEU A 1 135 ? 5.084   1.502   -0.480  1.00 7.27   ? 123 LEU A N   1 
ATOM   896  C  CA  . LEU A 1 135 ? 5.725   1.397   -1.790  1.00 8.13   ? 123 LEU A CA  1 
ATOM   897  C  C   . LEU A 1 135 ? 6.025   -0.066  -2.009  1.00 8.64   ? 123 LEU A C   1 
ATOM   898  O  O   . LEU A 1 135 ? 6.716   -0.684  -1.184  1.00 8.23   ? 123 LEU A O   1 
ATOM   899  C  CB  . LEU A 1 135 ? 7.021   2.213   -1.827  1.00 7.78   ? 123 LEU A CB  1 
ATOM   900  C  CG  . LEU A 1 135 ? 7.802   2.076   -3.148  1.00 8.78   ? 123 LEU A CG  1 
ATOM   901  C  CD1 . LEU A 1 135 ? 7.036   2.663   -4.336  1.00 9.06   ? 123 LEU A CD1 1 
ATOM   902  C  CD2 . LEU A 1 135 ? 9.191   2.741   -3.003  1.00 9.27   ? 123 LEU A CD2 1 
ATOM   903  N  N   . TYR A 1 136 ? 5.481   -0.607  -3.103  1.00 7.75   ? 124 TYR A N   1 
ATOM   904  C  CA  . TYR A 1 136 ? 5.597   -2.041  -3.429  1.00 7.51   ? 124 TYR A CA  1 
ATOM   905  C  C   . TYR A 1 136 ? 6.281   -2.152  -4.781  1.00 8.35   ? 124 TYR A C   1 
ATOM   906  O  O   . TYR A 1 136 ? 6.112   -1.302  -5.643  1.00 8.57   ? 124 TYR A O   1 
ATOM   907  C  CB  . TYR A 1 136 ? 4.196   -2.735  -3.443  1.00 8.53   ? 124 TYR A CB  1 
ATOM   908  C  CG  . TYR A 1 136 ? 3.450   -2.384  -2.170  1.00 8.49   ? 124 TYR A CG  1 
ATOM   909  C  CD1 . TYR A 1 136 ? 3.597   -3.154  -1.008  1.00 8.32   ? 124 TYR A CD1 1 
ATOM   910  C  CD2 . TYR A 1 136 ? 2.659   -1.248  -2.117  1.00 9.63   ? 124 TYR A CD2 1 
ATOM   911  C  CE1 . TYR A 1 136 ? 2.970   -2.793  0.166   1.00 9.11   ? 124 TYR A CE1 1 
ATOM   912  C  CE2 . TYR A 1 136 ? 2.026   -0.877  -0.946  1.00 9.88   ? 124 TYR A CE2 1 
ATOM   913  C  CZ  . TYR A 1 136 ? 2.183   -1.646  0.186   1.00 10.41  ? 124 TYR A CZ  1 
ATOM   914  O  OH  . TYR A 1 136 ? 1.528   -1.220  1.333   1.00 11.94  ? 124 TYR A OH  1 
ATOM   915  N  N   . GLY A 1 137 ? 7.076   -3.216  -4.931  1.00 8.06   ? 125 GLY A N   1 
ATOM   916  C  CA  . GLY A 1 137 ? 7.810   -3.430  -6.176  1.00 9.08   ? 125 GLY A CA  1 
ATOM   917  C  C   . GLY A 1 137 ? 7.535   -4.792  -6.791  1.00 9.70   ? 125 GLY A C   1 
ATOM   918  O  O   . GLY A 1 137 ? 7.170   -5.741  -6.110  1.00 9.63   ? 125 GLY A O   1 
ATOM   919  N  N   . ARG A 1 138 ? 7.682   -4.874  -8.107  1.00 8.79   ? 126 ARG A N   1 
ATOM   920  C  CA  . ARG A 1 138 ? 7.570   -6.170  -8.756  1.00 9.31   ? 126 ARG A CA  1 
ATOM   921  C  C   . ARG A 1 138 ? 8.748   -7.069  -8.401  1.00 9.53   ? 126 ARG A C   1 
ATOM   922  O  O   . ARG A 1 138 ? 8.615   -8.306  -8.359  1.00 9.70   ? 126 ARG A O   1 
ATOM   923  C  CB  . ARG A 1 138 ? 7.505   -5.994  -10.261 1.00 9.05   ? 126 ARG A CB  1 
ATOM   924  C  CG  . ARG A 1 138 ? 6.198   -5.386  -10.763 1.00 10.27  ? 126 ARG A CG  1 
ATOM   925  C  CD  . ARG A 1 138 ? 4.998   -6.256  -10.408 1.00 9.58   ? 126 ARG A CD  1 
ATOM   926  N  NE  . ARG A 1 138 ? 3.846   -5.870  -11.225 1.00 8.03   ? 126 ARG A NE  1 
ATOM   927  C  CZ  . ARG A 1 138 ? 2.692   -6.530  -11.232 1.00 10.10  ? 126 ARG A CZ  1 
ATOM   928  N  NH1 . ARG A 1 138 ? 2.537   -7.611  -10.470 1.00 9.42   ? 126 ARG A NH1 1 
ATOM   929  N  NH2 . ARG A 1 138 ? 1.698   -6.106  -12.001 1.00 9.65   ? 126 ARG A NH2 1 
ATOM   930  N  N   . GLU A 1 139 ? 9.903   -6.441  -8.171  1.00 9.56   ? 127 GLU A N   1 
ATOM   931  C  CA  . GLU A 1 139 ? 11.077  -7.117  -7.613  1.00 10.11  ? 127 GLU A CA  1 
ATOM   932  C  C   . GLU A 1 139 ? 11.212  -6.804  -6.127  1.00 10.66  ? 127 GLU A C   1 
ATOM   933  O  O   . GLU A 1 139 ? 10.518  -5.923  -5.614  1.00 10.31  ? 127 GLU A O   1 
ATOM   934  C  CB  . GLU A 1 139 ? 12.360  -6.709  -8.334  1.00 10.62  ? 127 GLU A CB  1 
ATOM   935  C  CG  . GLU A 1 139 ? 12.340  -6.962  -9.813  1.00 12.42  ? 127 GLU A CG  1 
ATOM   936  C  CD  . GLU A 1 139 ? 13.709  -6.813  -10.450 1.00 15.27  ? 127 GLU A CD  1 
ATOM   937  O  OE1 . GLU A 1 139 ? 14.649  -6.297  -9.787  1.00 13.35  ? 127 GLU A OE1 1 
ATOM   938  O  OE2 . GLU A 1 139 ? 13.852  -7.244  -11.614 1.00 17.98  ? 127 GLU A OE2 1 
ATOM   939  N  N   . PRO A 1 140 ? 12.077  -7.539  -5.420  1.00 10.77  ? 128 PRO A N   1 
ATOM   940  C  CA  . PRO A 1 140 ? 12.255  -7.282  -3.987  1.00 10.52  ? 128 PRO A CA  1 
ATOM   941  C  C   . PRO A 1 140 ? 12.922  -5.939  -3.609  1.00 10.85  ? 128 PRO A C   1 
ATOM   942  O  O   . PRO A 1 140 ? 13.139  -5.665  -2.420  1.00 12.16  ? 128 PRO A O   1 
ATOM   943  C  CB  . PRO A 1 140 ? 13.092  -8.478  -3.512  1.00 11.66  ? 128 PRO A CB  1 
ATOM   944  C  CG  . PRO A 1 140 ? 12.907  -9.523  -4.597  1.00 11.11  ? 128 PRO A CG  1 
ATOM   945  C  CD  . PRO A 1 140 ? 12.828  -8.733  -5.849  1.00 10.30  ? 128 PRO A CD  1 
ATOM   946  N  N   . ASP A 1 141 ? 13.242  -5.109  -4.597  1.00 10.05  ? 129 ASP A N   1 
ATOM   947  C  CA  . ASP A 1 141 ? 13.764  -3.764  -4.314  1.00 10.47  ? 129 ASP A CA  1 
ATOM   948  C  C   . ASP A 1 141 ? 13.408  -2.853  -5.479  1.00 10.19  ? 129 ASP A C   1 
ATOM   949  O  O   . ASP A 1 141 ? 12.905  -3.315  -6.507  1.00 10.39  ? 129 ASP A O   1 
ATOM   950  C  CB  . ASP A 1 141 ? 15.282  -3.784  -4.062  1.00 10.92  ? 129 ASP A CB  1 
ATOM   951  C  CG  . ASP A 1 141 ? 15.760  -2.618  -3.191  1.00 14.24  ? 129 ASP A CG  1 
ATOM   952  O  OD1 . ASP A 1 141 ? 14.964  -1.699  -2.841  1.00 13.53  ? 129 ASP A OD1 1 
ATOM   953  O  OD2 . ASP A 1 141 ? 16.968  -2.624  -2.832  1.00 15.05  ? 129 ASP A OD2 1 
ATOM   954  N  N   . LEU A 1 142 ? 13.640  -1.552  -5.299  1.00 10.07  ? 130 LEU A N   1 
ATOM   955  C  CA  . LEU A 1 142 ? 13.340  -0.558  -6.322  1.00 10.04  ? 130 LEU A CA  1 
ATOM   956  C  C   . LEU A 1 142 ? 14.515  0.408   -6.436  1.00 9.76   ? 130 LEU A C   1 
ATOM   957  O  O   . LEU A 1 142 ? 15.357  0.480   -5.530  1.00 11.31  ? 130 LEU A O   1 
ATOM   958  C  CB  . LEU A 1 142 ? 12.058  0.215   -5.957  1.00 10.18  ? 130 LEU A CB  1 
ATOM   959  C  CG  . LEU A 1 142 ? 10.748  -0.529  -6.252  1.00 10.52  ? 130 LEU A CG  1 
ATOM   960  C  CD1 . LEU A 1 142 ? 9.570   0.099   -5.549  1.00 10.37  ? 130 LEU A CD1 1 
ATOM   961  C  CD2 . LEU A 1 142 ? 10.452  -0.573  -7.738  1.00 11.17  ? 130 LEU A CD2 1 
ATOM   962  N  N   . SER A 1 143 ? 14.554  1.164   -7.535  1.00 10.62  ? 131 SER A N   1 
ATOM   963  C  CA  . SER A 1 143 ? 15.619  2.158   -7.710  1.00 11.95  ? 131 SER A CA  1 
ATOM   964  C  C   . SER A 1 143 ? 15.543  3.273   -6.669  1.00 12.72  ? 131 SER A C   1 
ATOM   965  O  O   . SER A 1 143 ? 14.476  3.570   -6.130  1.00 11.90  ? 131 SER A O   1 
ATOM   966  C  CB  . SER A 1 143 ? 15.553  2.772   -9.094  1.00 13.11  ? 131 SER A CB  1 
ATOM   967  O  OG  . SER A 1 143 ? 14.377  3.545   -9.256  1.00 13.75  ? 131 SER A OG  1 
ATOM   968  N  N   . SER A 1 144 ? 16.670  3.921   -6.416  1.00 13.49  ? 132 SER A N   1 
ATOM   969  C  CA  . SER A 1 144 ? 16.661  5.057   -5.504  1.00 14.31  ? 132 SER A CA  1 
ATOM   970  C  C   . SER A 1 144 ? 15.758  6.178   -6.024  1.00 14.35  ? 132 SER A C   1 
ATOM   971  O  O   . SER A 1 144 ? 15.145  6.893   -5.225  1.00 14.59  ? 132 SER A O   1 
ATOM   972  C  CB  . SER A 1 144 ? 18.075  5.588   -5.283  1.00 15.37  ? 132 SER A CB  1 
ATOM   973  O  OG  . SER A 1 144 ? 18.662  5.872   -6.519  1.00 20.27  ? 132 SER A OG  1 
ATOM   974  N  N   . ASP A 1 145 ? 15.683  6.346   -7.343  1.00 14.41  ? 133 ASP A N   1 
ATOM   975  C  CA  . ASP A 1 145 ? 14.817  7.373   -7.945  1.00 15.08  ? 133 ASP A CA  1 
ATOM   976  C  C   . ASP A 1 145 ? 13.342  7.152   -7.602  1.00 13.71  ? 133 ASP A C   1 
ATOM   977  O  O   . ASP A 1 145 ? 12.632  8.095   -7.220  1.00 13.73  ? 133 ASP A O   1 
ATOM   978  C  CB  . ASP A 1 145 ? 15.007  7.454   -9.468  1.00 16.67  ? 133 ASP A CB  1 
ATOM   979  C  CG  . ASP A 1 145 ? 16.321  8.127   -9.868  1.00 21.78  ? 133 ASP A CG  1 
ATOM   980  O  OD1 . ASP A 1 145 ? 17.109  8.525   -8.975  1.00 26.82  ? 133 ASP A OD1 1 
ATOM   981  O  OD2 . ASP A 1 145 ? 16.557  8.268   -11.090 1.00 26.98  ? 133 ASP A OD2 1 
ATOM   982  N  N   . ILE A 1 146 ? 12.892  5.903   -7.712  1.00 12.74  ? 134 ILE A N   1 
ATOM   983  C  CA  . ILE A 1 146 ? 11.515  5.583   -7.351  1.00 11.66  ? 134 ILE A CA  1 
ATOM   984  C  C   . ILE A 1 146 ? 11.299  5.765   -5.845  1.00 11.55  ? 134 ILE A C   1 
ATOM   985  O  O   . ILE A 1 146 ? 10.259  6.265   -5.414  1.00 11.39  ? 134 ILE A O   1 
ATOM   986  C  CB  . ILE A 1 146 ? 11.107  4.163   -7.818  1.00 12.24  ? 134 ILE A CB  1 
ATOM   987  C  CG1 . ILE A 1 146 ? 10.995  4.155   -9.347  1.00 13.82  ? 134 ILE A CG1 1 
ATOM   988  C  CG2 . ILE A 1 146 ? 9.773   3.772   -7.187  1.00 12.71  ? 134 ILE A CG2 1 
ATOM   989  C  CD1 . ILE A 1 146 ? 10.973  2.775   -9.985  1.00 15.85  ? 134 ILE A CD1 1 
ATOM   990  N  N   . LYS A 1 147 ? 12.277  5.374   -5.037  1.00 10.41  ? 135 LYS A N   1 
ATOM   991  C  CA  . LYS A 1 147 ? 12.152  5.566   -3.601  1.00 10.39  ? 135 LYS A CA  1 
ATOM   992  C  C   . LYS A 1 147 ? 12.041  7.044   -3.256  1.00 10.55  ? 135 LYS A C   1 
ATOM   993  O  O   . LYS A 1 147 ? 11.328  7.405   -2.306  1.00 11.78  ? 135 LYS A O   1 
ATOM   994  C  CB  . LYS A 1 147 ? 13.323  4.921   -2.852  1.00 10.08  ? 135 LYS A CB  1 
ATOM   995  C  CG  . LYS A 1 147 ? 13.362  3.414   -2.975  1.00 11.46  ? 135 LYS A CG  1 
ATOM   996  C  CD  . LYS A 1 147 ? 14.507  2.838   -2.151  1.00 12.56  ? 135 LYS A CD  1 
ATOM   997  C  CE  . LYS A 1 147 ? 14.486  1.325   -2.267  1.00 11.51  ? 135 LYS A CE  1 
ATOM   998  N  NZ  . LYS A 1 147 ? 15.612  0.667   -1.524  1.00 13.43  ? 135 LYS A NZ  1 
ATOM   999  N  N   . GLU A 1 148 ? 12.749  7.889   -4.005  1.00 10.68  ? 136 GLU A N   1 
ATOM   1000 C  CA  . GLU A 1 148 ? 12.651  9.343   -3.801  1.00 10.09  ? 136 GLU A CA  1 
ATOM   1001 C  C   . GLU A 1 148 ? 11.266  9.872   -4.179  1.00 10.10  ? 136 GLU A C   1 
ATOM   1002 O  O   . GLU A 1 148 ? 10.692  10.716  -3.465  1.00 10.01  ? 136 GLU A O   1 
ATOM   1003 C  CB  . GLU A 1 148 ? 13.772  10.086  -4.564  1.00 11.26  ? 136 GLU A CB  1 
ATOM   1004 C  CG  . GLU A 1 148 ? 13.709  11.618  -4.480  1.00 13.01  ? 136 GLU A CG  1 
ATOM   1005 C  CD  . GLU A 1 148 ? 13.879  12.171  -3.069  1.00 13.13  ? 136 GLU A CD  1 
ATOM   1006 O  OE1 . GLU A 1 148 ? 14.208  11.422  -2.121  1.00 14.16  ? 136 GLU A OE1 1 
ATOM   1007 O  OE2 . GLU A 1 148 ? 13.682  13.399  -2.913  1.00 15.02  ? 136 GLU A OE2 1 
ATOM   1008 N  N   . ARG A 1 149 ? 10.709  9.382   -5.287  1.00 9.91   ? 137 ARG A N   1 
ATOM   1009 C  CA  . ARG A 1 149 ? 9.355   9.766   -5.666  1.00 10.30  ? 137 ARG A CA  1 
ATOM   1010 C  C   . ARG A 1 149 ? 8.353   9.369   -4.591  1.00 9.58   ? 137 ARG A C   1 
ATOM   1011 O  O   . ARG A 1 149 ? 7.395   10.095  -4.338  1.00 10.38  ? 137 ARG A O   1 
ATOM   1012 C  CB  . ARG A 1 149 ? 8.958   9.110   -6.983  1.00 10.67  ? 137 ARG A CB  1 
ATOM   1013 C  CG  . ARG A 1 149 ? 9.741   9.635   -8.180  1.00 13.54  ? 137 ARG A CG  1 
ATOM   1014 C  CD  . ARG A 1 149 ? 9.237   9.018   -9.491  1.00 16.85  ? 137 ARG A CD  1 
ATOM   1015 N  NE  . ARG A 1 149 ? 7.844   9.368   -9.756  1.00 19.62  ? 137 ARG A NE  1 
ATOM   1016 C  CZ  . ARG A 1 149 ? 7.069   8.785   -10.671 1.00 20.10  ? 137 ARG A CZ  1 
ATOM   1017 N  NH1 . ARG A 1 149 ? 7.540   7.811   -11.443 1.00 18.36  ? 137 ARG A NH1 1 
ATOM   1018 N  NH2 . ARG A 1 149 ? 5.811   9.182   -10.816 1.00 21.59  ? 137 ARG A NH2 1 
ATOM   1019 N  N   . PHE A 1 150 ? 8.584   8.236   -3.941  1.00 9.35   ? 138 PHE A N   1 
ATOM   1020 C  CA  . PHE A 1 150 ? 7.724   7.847   -2.841  1.00 8.27   ? 138 PHE A CA  1 
ATOM   1021 C  C   . PHE A 1 150 ? 7.844   8.799   -1.645  1.00 9.48   ? 138 PHE A C   1 
ATOM   1022 O  O   . PHE A 1 150 ? 6.849   9.149   -0.994  1.00 9.05   ? 138 PHE A O   1 
ATOM   1023 C  CB  . PHE A 1 150 ? 8.037   6.416   -2.411  1.00 8.21   ? 138 PHE A CB  1 
ATOM   1024 C  CG  . PHE A 1 150 ? 7.159   5.914   -1.305  1.00 7.41   ? 138 PHE A CG  1 
ATOM   1025 C  CD1 . PHE A 1 150 ? 5.810   5.678   -1.530  1.00 7.63   ? 138 PHE A CD1 1 
ATOM   1026 C  CD2 . PHE A 1 150 ? 7.681   5.685   -0.047  1.00 8.78   ? 138 PHE A CD2 1 
ATOM   1027 C  CE1 . PHE A 1 150 ? 4.991   5.205   -0.521  1.00 8.44   ? 138 PHE A CE1 1 
ATOM   1028 C  CE2 . PHE A 1 150 ? 6.879   5.210   0.979   1.00 10.05  ? 138 PHE A CE2 1 
ATOM   1029 C  CZ  . PHE A 1 150 ? 5.534   4.986   0.747   1.00 8.18   ? 138 PHE A CZ  1 
ATOM   1030 N  N   . ALA A 1 151 ? 9.063   9.210   -1.334  1.00 8.93   ? 139 ALA A N   1 
ATOM   1031 C  CA  . ALA A 1 151 ? 9.250   10.156  -0.238  1.00 8.46   ? 139 ALA A CA  1 
ATOM   1032 C  C   . ALA A 1 151 ? 8.521   11.463  -0.538  1.00 9.44   ? 139 ALA A C   1 
ATOM   1033 O  O   . ALA A 1 151 ? 7.953   12.078  0.374   1.00 10.41  ? 139 ALA A O   1 
ATOM   1034 C  CB  . ALA A 1 151 ? 10.734  10.399  0.009   1.00 8.93   ? 139 ALA A CB  1 
ATOM   1035 N  N   . GLN A 1 152 ? 8.519   11.863  -1.806  1.00 9.18   ? 140 GLN A N   1 
ATOM   1036 C  CA  . GLN A 1 152 ? 7.797   13.063  -2.213  1.00 10.12  ? 140 GLN A CA  1 
ATOM   1037 C  C   . GLN A 1 152 ? 6.282   12.895  -2.032  1.00 10.21  ? 140 GLN A C   1 
ATOM   1038 O  O   . GLN A 1 152 ? 5.592   13.834  -1.601  1.00 10.85  ? 140 GLN A O   1 
ATOM   1039 C  CB  . GLN A 1 152 ? 8.133   13.464  -3.660  1.00 10.33  ? 140 GLN A CB  1 
ATOM   1040 C  CG  . GLN A 1 152 ? 9.600   13.881  -3.854  1.00 10.47  ? 140 GLN A CG  1 
ATOM   1041 C  CD  . GLN A 1 152 ? 10.013  15.117  -3.034  1.00 10.76  ? 140 GLN A CD  1 
ATOM   1042 O  OE1 . GLN A 1 152 ? 11.160  15.208  -2.551  1.00 15.29  ? 140 GLN A OE1 1 
ATOM   1043 N  NE2 . GLN A 1 152 ? 9.090   16.065  -2.879  1.00 9.25   ? 140 GLN A NE2 1 
ATOM   1044 N  N   . LEU A 1 153 ? 5.769   11.704  -2.345  1.00 9.43   ? 141 LEU A N   1 
ATOM   1045 C  CA  . LEU A 1 153 ? 4.348   11.465  -2.164  1.00 10.04  ? 141 LEU A CA  1 
ATOM   1046 C  C   . LEU A 1 153 ? 3.981   11.466  -0.672  1.00 10.39  ? 141 LEU A C   1 
ATOM   1047 O  O   . LEU A 1 153 ? 2.950   12.018  -0.263  1.00 10.67  ? 141 LEU A O   1 
ATOM   1048 C  CB  . LEU A 1 153 ? 3.949   10.143  -2.824  1.00 10.29  ? 141 LEU A CB  1 
ATOM   1049 C  CG  . LEU A 1 153 ? 2.468   9.802   -2.733  1.00 13.63  ? 141 LEU A CG  1 
ATOM   1050 C  CD1 . LEU A 1 153 ? 1.653   10.703  -3.644  1.00 16.78  ? 141 LEU A CD1 1 
ATOM   1051 C  CD2 . LEU A 1 153 ? 2.281   8.347   -3.098  1.00 16.72  ? 141 LEU A CD2 1 
ATOM   1052 N  N   . CYS A 1 154 ? 4.826   10.868  0.154   1.00 10.14  ? 142 CYS A N   1 
ATOM   1053 C  CA  . CYS A 1 154 ? 4.609   10.929  1.599   1.00 9.27   ? 142 CYS A CA  1 
ATOM   1054 C  C   . CYS A 1 154 ? 4.556   12.378  2.094   1.00 9.30   ? 142 CYS A C   1 
ATOM   1055 O  O   . CYS A 1 154 ? 3.702   12.751  2.904   1.00 10.34  ? 142 CYS A O   1 
ATOM   1056 C  CB  . CYS A 1 154 ? 5.691   10.144  2.342   1.00 9.79   ? 142 CYS A CB  1 
ATOM   1057 S  SG  . CYS A 1 154 ? 5.553   8.371   2.061   1.00 10.79  ? 142 CYS A SG  1 
ATOM   1058 N  N   . GLU A 1 155 ? 5.484   13.195  1.606   1.00 9.54   ? 143 GLU A N   1 
ATOM   1059 C  CA  . GLU A 1 155 ? 5.531   14.604  1.993   1.00 9.99   ? 143 GLU A CA  1 
ATOM   1060 C  C   . GLU A 1 155 ? 4.208   15.300  1.677   1.00 10.42  ? 143 GLU A C   1 
ATOM   1061 O  O   . GLU A 1 155 ? 3.709   16.100  2.490   1.00 10.48  ? 143 GLU A O   1 
ATOM   1062 C  CB  . GLU A 1 155 ? 6.746   15.284  1.334   1.00 11.14  ? 143 GLU A CB  1 
ATOM   1063 C  CG  . GLU A 1 155 ? 6.814   16.795  1.497   1.00 11.41  ? 143 GLU A CG  1 
ATOM   1064 C  CD  . GLU A 1 155 ? 8.087   17.407  0.924   1.00 11.09  ? 143 GLU A CD  1 
ATOM   1065 O  OE1 . GLU A 1 155 ? 8.195   18.635  0.971   1.00 12.20  ? 143 GLU A OE1 1 
ATOM   1066 O  OE2 . GLU A 1 155 ? 8.961   16.667  0.431   1.00 12.45  ? 143 GLU A OE2 1 
ATOM   1067 N  N   . GLU A 1 156 ? 3.631   14.986  0.518   1.00 10.62  ? 144 GLU A N   1 
ATOM   1068 C  CA  . GLU A 1 156 ? 2.368   15.588  0.099   1.00 11.88  ? 144 GLU A CA  1 
ATOM   1069 C  C   . GLU A 1 156 ? 1.216   15.217  1.035   1.00 11.62  ? 144 GLU A C   1 
ATOM   1070 O  O   . GLU A 1 156 ? 0.162   15.868  1.026   1.00 12.31  ? 144 GLU A O   1 
ATOM   1071 C  CB  . GLU A 1 156 ? 2.014   15.154  -1.332  1.00 11.85  ? 144 GLU A CB  1 
ATOM   1072 C  CG  . GLU A 1 156 ? 2.877   15.798  -2.405  1.00 14.73  ? 144 GLU A CG  1 
ATOM   1073 C  CD  . GLU A 1 156 ? 2.730   15.160  -3.787  1.00 16.86  ? 144 GLU A CD  1 
ATOM   1074 O  OE1 . GLU A 1 156 ? 1.942   14.207  -3.948  1.00 22.54  ? 144 GLU A OE1 1 
ATOM   1075 O  OE2 . GLU A 1 156 ? 3.418   15.630  -4.721  1.00 24.06  ? 144 GLU A OE2 1 
ATOM   1076 N  N   . HIS A 1 157 ? 1.410   14.178  1.837   1.00 10.90  ? 145 HIS A N   1 
ATOM   1077 C  CA  . HIS A 1 157 ? 0.369   13.721  2.749   1.00 10.66  ? 145 HIS A CA  1 
ATOM   1078 C  C   . HIS A 1 157 ? 0.735   14.008  4.199   1.00 10.89  ? 145 HIS A C   1 
ATOM   1079 O  O   . HIS A 1 157 ? 0.123   13.465  5.106   1.00 11.65  ? 145 HIS A O   1 
ATOM   1080 C  CB  . HIS A 1 157 ? 0.116   12.226  2.542   1.00 11.29  ? 145 HIS A CB  1 
ATOM   1081 C  CG  . HIS A 1 157 ? -0.564  11.925  1.248   1.00 13.23  ? 145 HIS A CG  1 
ATOM   1082 N  ND1 . HIS A 1 157 ? -1.935  11.825  1.141   1.00 16.31  ? 145 HIS A ND1 1 
ATOM   1083 C  CD2 . HIS A 1 157 ? -0.075  11.752  -0.005  1.00 14.48  ? 145 HIS A CD2 1 
ATOM   1084 C  CE1 . HIS A 1 157 ? -2.257  11.564  -0.113  1.00 14.68  ? 145 HIS A CE1 1 
ATOM   1085 N  NE2 . HIS A 1 157 ? -1.151  11.522  -0.831  1.00 17.24  ? 145 HIS A NE2 1 
ATOM   1086 N  N   . GLY A 1 158 ? 1.744   14.860  4.397   1.00 10.34  ? 146 GLY A N   1 
ATOM   1087 C  CA  . GLY A 1 158 ? 2.146   15.291  5.746   1.00 11.50  ? 146 GLY A CA  1 
ATOM   1088 C  C   . GLY A 1 158 ? 2.882   14.216  6.528   1.00 11.75  ? 146 GLY A C   1 
ATOM   1089 O  O   . GLY A 1 158 ? 2.864   14.209  7.768   1.00 12.51  ? 146 GLY A O   1 
ATOM   1090 N  N   . ILE A 1 159 ? 3.546   13.303  5.813   1.00 12.02  ? 147 ILE A N   1 
ATOM   1091 C  CA  . ILE A 1 159 ? 4.318   12.243  6.496   1.00 12.82  ? 147 ILE A CA  1 
ATOM   1092 C  C   . ILE A 1 159 ? 5.814   12.541  6.384   1.00 13.05  ? 147 ILE A C   1 
ATOM   1093 O  O   . ILE A 1 159 ? 6.346   12.613  5.281   1.00 13.58  ? 147 ILE A O   1 
ATOM   1094 C  CB  . ILE A 1 159 ? 3.981   10.827  5.951   1.00 13.26  ? 147 ILE A CB  1 
ATOM   1095 C  CG1 . ILE A 1 159 ? 2.520   10.472  6.254   1.00 12.67  ? 147 ILE A CG1 1 
ATOM   1096 C  CG2 . ILE A 1 159 ? 4.917   9.774   6.560   1.00 13.53  ? 147 ILE A CG2 1 
ATOM   1097 C  CD1 . ILE A 1 159 ? 2.057   9.190   5.615   1.00 13.50  ? 147 ILE A CD1 1 
ATOM   1098 N  N   . LEU A 1 160 ? 6.476   12.711  7.533   1.00 13.71  ? 148 LEU A N   1 
ATOM   1099 C  CA  . LEU A 1 160 ? 7.888   13.075  7.567   1.00 14.49  ? 148 LEU A CA  1 
ATOM   1100 C  C   . LEU A 1 160 ? 8.756   11.902  7.120   1.00 14.04  ? 148 LEU A C   1 
ATOM   1101 O  O   . LEU A 1 160 ? 8.386   10.761  7.345   1.00 13.85  ? 148 LEU A O   1 
ATOM   1102 C  CB  . LEU A 1 160 ? 8.289   13.461  8.991   1.00 15.12  ? 148 LEU A CB  1 
ATOM   1103 C  CG  . LEU A 1 160 ? 7.899   14.845  9.524   1.00 18.18  ? 148 LEU A CG  1 
ATOM   1104 C  CD1 . LEU A 1 160 ? 8.151   14.896  11.019  1.00 20.54  ? 148 LEU A CD1 1 
ATOM   1105 C  CD2 . LEU A 1 160 ? 8.645   15.969  8.804   1.00 19.22  ? 148 LEU A CD2 1 
ATOM   1106 N  N   . ARG A 1 161 ? 9.901   12.191  6.487   1.00 13.53  ? 149 ARG A N   1 
ATOM   1107 C  CA  . ARG A 1 161 ? 10.844  11.128  6.145   1.00 13.73  ? 149 ARG A CA  1 
ATOM   1108 C  C   . ARG A 1 161 ? 11.257  10.253  7.327   1.00 13.26  ? 149 ARG A C   1 
ATOM   1109 O  O   . ARG A 1 161 ? 11.509  9.055   7.159   1.00 13.41  ? 149 ARG A O   1 
ATOM   1110 C  CB  . ARG A 1 161 ? 12.088  11.677  5.463   1.00 14.48  ? 149 ARG A CB  1 
ATOM   1111 C  CG  . ARG A 1 161 ? 11.867  12.024  4.020   1.00 14.98  ? 149 ARG A CG  1 
ATOM   1112 C  CD  . ARG A 1 161 ? 13.039  12.820  3.517   1.00 15.65  ? 149 ARG A CD  1 
ATOM   1113 N  NE  . ARG A 1 161 ? 12.757  13.468  2.238   1.00 16.86  ? 149 ARG A NE  1 
ATOM   1114 C  CZ  . ARG A 1 161 ? 13.147  12.993  1.060   1.00 17.03  ? 149 ARG A CZ  1 
ATOM   1115 N  NH1 . ARG A 1 161 ? 13.828  11.851  0.975   1.00 17.98  ? 149 ARG A NH1 1 
ATOM   1116 N  NH2 . ARG A 1 161 ? 12.840  13.660  -0.038  1.00 17.79  ? 149 ARG A NH2 1 
ATOM   1117 N  N   . GLU A 1 162 ? 11.330  10.833  8.528   1.00 13.21  ? 150 GLU A N   1 
ATOM   1118 C  CA  . GLU A 1 162 ? 11.714  10.025  9.673   1.00 12.69  ? 150 GLU A CA  1 
ATOM   1119 C  C   . GLU A 1 162 ? 10.661  8.965   10.019  1.00 12.26  ? 150 GLU A C   1 
ATOM   1120 O  O   . GLU A 1 162 ? 10.939  8.059   10.807  1.00 12.84  ? 150 GLU A O   1 
ATOM   1121 C  CB  . GLU A 1 162 ? 12.057  10.888  10.889  1.00 13.45  ? 150 GLU A CB  1 
ATOM   1122 C  CG  . GLU A 1 162 ? 10.883  11.641  11.456  1.00 17.79  ? 150 GLU A CG  1 
ATOM   1123 C  CD  . GLU A 1 162 ? 11.279  12.585  12.573  1.00 23.69  ? 150 GLU A CD  1 
ATOM   1124 O  OE1 . GLU A 1 162 ? 12.414  13.110  12.540  1.00 24.96  ? 150 GLU A OE1 1 
ATOM   1125 O  OE2 . GLU A 1 162 ? 10.454  12.819  13.485  1.00 25.66  ? 150 GLU A OE2 1 
ATOM   1126 N  N   . ASN A 1 163 ? 9.466   9.081   9.420   1.00 11.53  ? 151 ASN A N   1 
ATOM   1127 C  CA  . ASN A 1 163 ? 8.387   8.104   9.588   1.00 11.90  ? 151 ASN A CA  1 
ATOM   1128 C  C   . ASN A 1 163 ? 8.244   7.165   8.380   1.00 11.26  ? 151 ASN A C   1 
ATOM   1129 O  O   . ASN A 1 163 ? 7.229   6.473   8.248   1.00 10.65  ? 151 ASN A O   1 
ATOM   1130 C  CB  . ASN A 1 163 ? 7.047   8.817   9.807   1.00 12.46  ? 151 ASN A CB  1 
ATOM   1131 C  CG  . ASN A 1 163 ? 6.970   9.524   11.128  1.00 15.35  ? 151 ASN A CG  1 
ATOM   1132 O  OD1 . ASN A 1 163 ? 6.163   10.446  11.292  1.00 23.40  ? 151 ASN A OD1 1 
ATOM   1133 N  ND2 . ASN A 1 163 ? 7.815   9.135   12.066  1.00 15.00  ? 151 ASN A ND2 1 
ATOM   1134 N  N   . ILE A 1 164 ? 9.249   7.177   7.504   1.00 10.85  ? 152 ILE A N   1 
ATOM   1135 C  CA  . ILE A 1 164 ? 9.325   6.299   6.336   1.00 11.36  ? 152 ILE A CA  1 
ATOM   1136 C  C   . ILE A 1 164 ? 10.402  5.253   6.618   1.00 11.77  ? 152 ILE A C   1 
ATOM   1137 O  O   . ILE A 1 164 ? 11.552  5.615   6.930   1.00 13.26  ? 152 ILE A O   1 
ATOM   1138 C  CB  . ILE A 1 164 ? 9.699   7.102   5.056   1.00 11.22  ? 152 ILE A CB  1 
ATOM   1139 C  CG1 . ILE A 1 164 ? 8.689   8.245   4.801   1.00 11.33  ? 152 ILE A CG1 1 
ATOM   1140 C  CG2 . ILE A 1 164 ? 9.882   6.160   3.838   1.00 12.09  ? 152 ILE A CG2 1 
ATOM   1141 C  CD1 . ILE A 1 164 ? 9.048   9.144   3.625   1.00 11.51  ? 152 ILE A CD1 1 
ATOM   1142 N  N   . ILE A 1 165 ? 10.031  3.976   6.534   1.00 11.73  ? 153 ILE A N   1 
ATOM   1143 C  CA  . ILE A 1 165 ? 10.938  2.879   6.870   1.00 12.11  ? 153 ILE A CA  1 
ATOM   1144 C  C   . ILE A 1 165 ? 11.169  1.996   5.640   1.00 12.52  ? 153 ILE A C   1 
ATOM   1145 O  O   . ILE A 1 165 ? 10.244  1.357   5.148   1.00 11.56  ? 153 ILE A O   1 
ATOM   1146 C  CB  . ILE A 1 165 ? 10.406  2.026   8.047   1.00 12.48  ? 153 ILE A CB  1 
ATOM   1147 C  CG1 . ILE A 1 165 ? 10.033  2.911   9.253   1.00 13.28  ? 153 ILE A CG1 1 
ATOM   1148 C  CG2 . ILE A 1 165 ? 11.419  0.956   8.411   1.00 12.61  ? 153 ILE A CG2 1 
ATOM   1149 C  CD1 . ILE A 1 165 ? 9.451   2.138   10.449  1.00 12.73  ? 153 ILE A CD1 1 
ATOM   1150 N  N   . ASP A 1 166 ? 12.404  1.986   5.142   1.00 13.33  ? 154 ASP A N   1 
ATOM   1151 C  CA  . ASP A 1 166 ? 12.765  1.099   4.039   1.00 13.85  ? 154 ASP A CA  1 
ATOM   1152 C  C   . ASP A 1 166 ? 12.935  -0.326  4.573   1.00 15.14  ? 154 ASP A C   1 
ATOM   1153 O  O   . ASP A 1 166 ? 13.766  -0.571  5.453   1.00 15.69  ? 154 ASP A O   1 
ATOM   1154 C  CB  . ASP A 1 166 ? 14.049  1.604   3.369   1.00 14.30  ? 154 ASP A CB  1 
ATOM   1155 C  CG  . ASP A 1 166 ? 14.410  0.839   2.095   1.00 16.67  ? 154 ASP A CG  1 
ATOM   1156 O  OD1 . ASP A 1 166 ? 14.149  -0.374  2.010   1.00 18.09  ? 154 ASP A OD1 1 
ATOM   1157 O  OD2 . ASP A 1 166 ? 14.995  1.469   1.183   1.00 20.07  ? 154 ASP A OD2 1 
ATOM   1158 N  N   . LEU A 1 167 ? 12.148  -1.256  4.032   1.00 15.18  ? 155 LEU A N   1 
ATOM   1159 C  CA  . LEU A 1 167 ? 12.141  -2.648  4.491   1.00 16.73  ? 155 LEU A CA  1 
ATOM   1160 C  C   . LEU A 1 167 ? 12.750  -3.633  3.494   1.00 18.46  ? 155 LEU A C   1 
ATOM   1161 O  O   . LEU A 1 167 ? 12.621  -4.850  3.676   1.00 18.99  ? 155 LEU A O   1 
ATOM   1162 C  CB  . LEU A 1 167 ? 10.717  -3.097  4.877   1.00 15.87  ? 155 LEU A CB  1 
ATOM   1163 C  CG  . LEU A 1 167 ? 10.099  -2.320  6.039   1.00 16.01  ? 155 LEU A CG  1 
ATOM   1164 C  CD1 . LEU A 1 167 ? 8.604   -2.548  6.155   1.00 17.32  ? 155 LEU A CD1 1 
ATOM   1165 C  CD2 . LEU A 1 167 ? 10.796  -2.698  7.337   1.00 16.54  ? 155 LEU A CD2 1 
ATOM   1166 N  N   . SER A 1 168 ? 13.423  -3.118  2.468   1.00 20.22  ? 156 SER A N   1 
ATOM   1167 C  CA  . SER A 1 168 ? 14.006  -3.973  1.430   1.00 22.70  ? 156 SER A CA  1 
ATOM   1168 C  C   . SER A 1 168 ? 15.160  -4.851  1.931   1.00 24.32  ? 156 SER A C   1 
ATOM   1169 O  O   . SER A 1 168 ? 15.480  -5.864  1.313   1.00 24.91  ? 156 SER A O   1 
ATOM   1170 C  CB  . SER A 1 168 ? 14.463  -3.144  0.230   1.00 22.36  ? 156 SER A CB  1 
ATOM   1171 O  OG  . SER A 1 168 ? 15.446  -2.202  0.607   1.00 23.21  ? 156 SER A OG  1 
ATOM   1172 N  N   . ASN A 1 169 ? 15.783  -4.462  3.039   1.00 26.65  ? 157 ASN A N   1 
ATOM   1173 C  CA  . ASN A 1 169 ? 16.863  -5.267  3.627   1.00 29.05  ? 157 ASN A CA  1 
ATOM   1174 C  C   . ASN A 1 169 ? 16.379  -6.020  4.871   1.00 30.04  ? 157 ASN A C   1 
ATOM   1175 O  O   . ASN A 1 169 ? 17.176  -6.595  5.621   1.00 30.79  ? 157 ASN A O   1 
ATOM   1176 C  CB  . ASN A 1 169 ? 18.076  -4.386  3.947   1.00 29.81  ? 157 ASN A CB  1 
ATOM   1177 C  CG  . ASN A 1 169 ? 19.383  -4.958  3.408   1.00 32.21  ? 157 ASN A CG  1 
ATOM   1178 O  OD1 . ASN A 1 169 ? 19.565  -6.181  3.323   1.00 35.15  ? 157 ASN A OD1 1 
ATOM   1179 N  ND2 . ASN A 1 169 ? 20.305  -4.068  3.042   1.00 34.55  ? 157 ASN A ND2 1 
ATOM   1180 N  N   . ALA A 1 170 ? 15.061  -6.017  5.066   1.00 30.97  ? 158 ALA A N   1 
ATOM   1181 C  CA  . ALA A 1 170 ? 14.421  -6.677  6.200   1.00 31.83  ? 158 ALA A CA  1 
ATOM   1182 C  C   . ALA A 1 170 ? 13.495  -7.787  5.717   1.00 32.32  ? 158 ALA A C   1 
ATOM   1183 O  O   . ALA A 1 170 ? 12.630  -8.264  6.459   1.00 33.46  ? 158 ALA A O   1 
ATOM   1184 C  CB  . ALA A 1 170 ? 13.649  -5.660  7.040   1.00 31.84  ? 158 ALA A CB  1 
HETATM 1185 CD CD  . CD  B 2 .   ? 10.272  18.747  0.094   1.00 12.27  ? 200 CD  A CD  1 
HETATM 1186 CD CD  . CD  C 2 .   ? -9.644  -7.378  -19.369 1.00 22.22  ? 201 CD  A CD  1 
HETATM 1187 CD CD  . CD  D 2 .   ? -5.849  8.928   -0.237  0.50 17.61  ? 202 CD  A CD  1 
HETATM 1188 CD CD  . CD  E 2 .   ? -3.926  11.537  -1.876  0.50 23.91  ? 373 CD  A CD  1 
HETATM 1189 N  N1  . PRZ F 3 .   ? 0.477   -2.408  3.358   1.00 17.43  ? 300 PRZ A N1  1 
HETATM 1190 C  C2  . PRZ F 3 .   ? -0.868  -2.499  3.232   1.00 17.08  ? 300 PRZ A C2  1 
HETATM 1191 C  C3  . PRZ F 3 .   ? -1.611  -3.049  4.278   1.00 15.96  ? 300 PRZ A C3  1 
HETATM 1192 N  N4  . PRZ F 3 .   ? -0.967  -3.487  5.379   1.00 15.51  ? 300 PRZ A N4  1 
HETATM 1193 C  C5  . PRZ F 3 .   ? 0.361   -3.378  5.495   1.00 17.00  ? 300 PRZ A C5  1 
HETATM 1194 C  C6  . PRZ F 3 .   ? 1.105   -2.834  4.457   1.00 16.03  ? 300 PRZ A C6  1 
HETATM 1195 C  C21 . PRZ F 3 .   ? -1.520  -1.948  1.977   1.00 19.89  ? 300 PRZ A C21 1 
HETATM 1196 C  C22 . PRZ F 3 .   ? -2.030  -2.957  0.973   1.00 22.25  ? 300 PRZ A C22 1 
HETATM 1197 C  C23 . PRZ F 3 .   ? -0.896  -3.608  0.194   1.00 21.80  ? 300 PRZ A C23 1 
HETATM 1198 C  C24 . PRZ F 3 .   ? -2.962  -2.219  0.020   1.00 21.53  ? 300 PRZ A C24 1 
HETATM 1199 O  O31 . PRZ F 3 .   ? -2.970  -3.185  4.173   1.00 17.65  ? 300 PRZ A O31 1 
HETATM 1200 C  C31 . PRZ F 3 .   ? -3.756  -3.714  5.246   1.00 17.87  ? 300 PRZ A C31 1 
HETATM 1201 O  O   . HOH G 4 .   ? 8.874   4.364   17.859  1.00 18.53  ? 374 HOH A O   1 
HETATM 1202 O  O   . HOH G 4 .   ? 6.483   0.849   -17.769 1.00 17.51  ? 375 HOH A O   1 
HETATM 1203 O  O   . HOH G 4 .   ? 1.749   2.994   21.582  1.00 24.34  ? 376 HOH A O   1 
HETATM 1204 O  O   . HOH G 4 .   ? 18.600  -4.396  -3.913  1.00 14.92  ? 377 HOH A O   1 
HETATM 1205 O  O   . HOH G 4 .   ? -6.524  -5.967  16.373  1.00 20.70  ? 378 HOH A O   1 
HETATM 1206 O  O   . HOH G 4 .   ? 7.268   -8.243  0.736   1.00 13.74  ? 379 HOH A O   1 
HETATM 1207 O  O   . HOH G 4 .   ? -12.942 3.598   14.895  1.00 10.80  ? 380 HOH A O   1 
HETATM 1208 O  O   . HOH G 4 .   ? 11.062  18.154  2.297   1.00 15.53  ? 381 HOH A O   1 
HETATM 1209 O  O   . HOH G 4 .   ? -6.653  4.052   13.998  1.00 14.53  ? 382 HOH A O   1 
HETATM 1210 O  O   . HOH G 4 .   ? -2.433  14.893  -0.876  1.00 13.21  ? 383 HOH A O   1 
HETATM 1211 O  O   . HOH G 4 .   ? -9.110  9.853   8.974   1.00 17.75  ? 384 HOH A O   1 
HETATM 1212 O  O   . HOH G 4 .   ? 16.467  10.571  -7.528  1.00 34.11  ? 385 HOH A O   1 
HETATM 1213 O  O   . HOH G 4 .   ? 5.571   -2.232  -20.564 1.00 20.39  ? 386 HOH A O   1 
HETATM 1214 O  O   . HOH G 4 .   ? -10.871 3.732   7.293   1.00 15.56  ? 387 HOH A O   1 
HETATM 1215 O  O   . HOH G 4 .   ? 1.523   -3.340  -21.436 1.00 19.12  ? 388 HOH A O   1 
HETATM 1216 O  O   . HOH G 4 .   ? 11.849  -2.549  -10.844 1.00 20.96  ? 389 HOH A O   1 
HETATM 1217 O  O   . HOH G 4 .   ? -2.981  13.208  3.519   0.50 16.57  ? 390 HOH A O   1 
HETATM 1218 O  O   . HOH G 4 .   ? -5.260  7.060   -14.120 1.00 29.48  ? 391 HOH A O   1 
HETATM 1219 O  O   . HOH G 4 .   ? -4.166  7.122   20.974  1.00 30.90  ? 392 HOH A O   1 
HETATM 1220 O  O   . HOH G 4 .   ? -3.561  2.954   -17.131 1.00 23.97  ? 393 HOH A O   1 
HETATM 1221 O  O   . HOH G 4 .   ? 10.799  -3.741  -8.366  1.00 15.15  ? 394 HOH A O   1 
HETATM 1222 O  O   . HOH G 4 .   ? 4.698   8.859   14.851  1.00 28.89  ? 395 HOH A O   1 
HETATM 1223 O  O   . HOH G 4 .   ? 12.698  -9.109  -13.871 1.00 28.25  ? 396 HOH A O   1 
HETATM 1224 O  O   . HOH G 4 .   ? 10.778  15.538  13.486  1.00 15.58  ? 397 HOH A O   1 
HETATM 1225 O  O   . HOH G 4 .   ? -6.220  9.337   16.045  1.00 20.30  ? 398 HOH A O   1 
HETATM 1226 O  O   . HOH G 4 .   ? -10.536 -10.420 4.499   1.00 31.46  ? 399 HOH A O   1 
HETATM 1227 O  O   . HOH G 4 .   ? -8.633  6.119   1.665   1.00 42.18  ? 400 HOH A O   1 
HETATM 1228 O  O   . HOH G 4 .   ? 1.307   16.104  9.144   1.00 17.00  ? 401 HOH A O   1 
HETATM 1229 O  O   . HOH G 4 .   ? -11.688 -5.880  -10.713 1.00 36.39  ? 402 HOH A O   1 
HETATM 1230 O  O   . HOH G 4 .   ? -1.687  -10.494 -14.558 1.00 26.63  ? 403 HOH A O   1 
HETATM 1231 O  O   . HOH G 4 .   ? -16.628 -6.759  -3.326  1.00 33.99  ? 404 HOH A O   1 
HETATM 1232 O  O   . HOH G 4 .   ? -13.260 1.457   13.283  1.00 12.83  ? 405 HOH A O   1 
HETATM 1233 O  O   . HOH G 4 .   ? -13.489 -6.619  2.683   1.00 23.81  ? 406 HOH A O   1 
HETATM 1234 O  O   . HOH G 4 .   ? -15.260 -9.582  1.138   1.00 47.40  ? 407 HOH A O   1 
HETATM 1235 O  O   . HOH G 4 .   ? 18.932  2.947   -8.059  1.00 20.60  ? 408 HOH A O   1 
HETATM 1236 O  O   . HOH G 4 .   ? -9.772  -0.857  -13.983 1.00 21.58  ? 409 HOH A O   1 
HETATM 1237 O  O   . HOH G 4 .   ? -9.787  -10.394 -15.388 1.00 40.24  ? 410 HOH A O   1 
HETATM 1238 O  O   . HOH G 4 .   ? 13.180  0.276   -10.036 1.00 15.91  ? 411 HOH A O   1 
HETATM 1239 O  O   . HOH G 4 .   ? 13.826  -1.692  13.617  1.00 39.80  ? 412 HOH A O   1 
HETATM 1240 O  O   . HOH G 4 .   ? 14.099  4.292   -11.813 1.00 27.43  ? 413 HOH A O   1 
HETATM 1241 O  O   . HOH G 4 .   ? -14.717 -4.278  3.368   1.00 24.25  ? 414 HOH A O   1 
HETATM 1242 O  O   . HOH G 4 .   ? 6.862   5.655   -15.505 1.00 40.39  ? 415 HOH A O   1 
HETATM 1243 O  O   . HOH G 4 .   ? 17.679  1.116   -4.287  1.00 22.36  ? 416 HOH A O   1 
HETATM 1244 O  O   . HOH G 4 .   ? -1.895  9.184   -12.410 1.00 39.44  ? 417 HOH A O   1 
HETATM 1245 O  O   . HOH G 4 .   ? 9.920   -9.307  -0.455  1.00 31.91  ? 418 HOH A O   1 
HETATM 1246 O  O   . HOH G 4 .   ? 10.011  14.302  0.845   1.00 22.66  ? 419 HOH A O   1 
HETATM 1247 O  O   . HOH G 4 .   ? -2.498  10.419  -7.570  1.00 38.80  ? 420 HOH A O   1 
HETATM 1248 O  O   . HOH G 4 .   ? 15.646  3.961   1.682   1.00 28.80  ? 421 HOH A O   1 
HETATM 1249 O  O   . HOH G 4 .   ? 12.561  14.091  14.893  1.00 46.07  ? 422 HOH A O   1 
HETATM 1250 O  O   . HOH G 4 .   ? -6.463  1.398   19.118  1.00 48.52  ? 423 HOH A O   1 
HETATM 1251 O  O   . HOH G 4 .   ? 13.399  14.811  -5.239  1.00 27.85  ? 424 HOH A O   1 
HETATM 1252 O  O   . HOH G 4 .   ? -7.815  -7.848  12.463  1.00 25.07  ? 425 HOH A O   1 
HETATM 1253 O  O   . HOH G 4 .   ? -11.958 5.731   5.767   1.00 26.12  ? 426 HOH A O   1 
HETATM 1254 O  O   . HOH G 4 .   ? -10.466 -5.532  13.116  1.00 26.00  ? 427 HOH A O   1 
HETATM 1255 O  O   . HOH G 4 .   ? -4.927  0.114   13.931  1.00 15.09  ? 428 HOH A O   1 
HETATM 1256 O  O   . HOH G 4 .   ? 3.203   -1.231  -21.001 1.00 23.05  ? 429 HOH A O   1 
HETATM 1257 O  O   . HOH G 4 .   ? -6.531  6.733   -0.091  1.00 19.75  ? 430 HOH A O   1 
HETATM 1258 O  O   . HOH G 4 .   ? -7.670  -7.876  -20.681 1.00 20.52  ? 431 HOH A O   1 
HETATM 1259 O  O   . HOH G 4 .   ? -11.115 7.531   4.092   1.00 26.17  ? 432 HOH A O   1 
HETATM 1260 O  O   . HOH G 4 .   ? -10.900 -7.130  -21.281 1.00 19.67  ? 433 HOH A O   1 
HETATM 1261 O  O   . HOH G 4 .   ? -12.858 -7.114  5.295   1.00 29.41  ? 434 HOH A O   1 
HETATM 1262 O  O   . HOH G 4 .   ? -14.458 5.903   4.341   1.00 23.23  ? 435 HOH A O   1 
HETATM 1263 O  O   . HOH G 4 .   ? -3.370  10.088  13.257  1.00 20.90  ? 436 HOH A O   1 
HETATM 1264 O  O   . HOH G 4 .   ? 3.821   -5.343  -18.802 1.00 24.44  ? 437 HOH A O   1 
HETATM 1265 O  O   . HOH G 4 .   ? 1.011   -11.061 11.675  1.00 47.63  ? 438 HOH A O   1 
HETATM 1266 O  O   . HOH G 4 .   ? -9.139  4.984   21.488  1.00 19.10  ? 439 HOH A O   1 
HETATM 1267 O  O   . HOH G 4 .   ? 3.734   5.953   16.945  1.00 30.80  ? 440 HOH A O   1 
HETATM 1268 O  O   . HOH G 4 .   ? -2.422  -1.531  16.131  1.00 27.88  ? 441 HOH A O   1 
HETATM 1269 O  O   . HOH G 4 .   ? 11.886  13.689  8.845   1.00 20.25  ? 442 HOH A O   1 
HETATM 1270 O  O   . HOH G 4 .   ? 6.354   6.202   17.953  1.00 46.75  ? 443 HOH A O   1 
HETATM 1271 O  O   . HOH G 4 .   ? 5.661   -16.285 2.440   1.00 40.44  ? 444 HOH A O   1 
HETATM 1272 O  O   . HOH G 4 .   ? 0.933   0.043   17.486  1.00 48.66  ? 445 HOH A O   1 
HETATM 1273 O  O   . HOH G 4 .   ? 10.669  15.570  2.954   1.00 21.27  ? 446 HOH A O   1 
HETATM 1274 O  O   . HOH G 4 .   ? 2.017   13.904  -6.740  1.00 45.06  ? 447 HOH A O   1 
HETATM 1275 O  O   . HOH G 4 .   ? -11.415 -7.273  -18.130 1.00 39.15  ? 448 HOH A O   1 
HETATM 1276 O  O   . HOH G 4 .   ? 8.475   12.676  3.212   1.00 20.74  ? 449 HOH A O   1 
HETATM 1277 O  O   . HOH G 4 .   ? -6.489  10.598  -9.997  1.00 52.74  ? 450 HOH A O   1 
HETATM 1278 O  O   . HOH G 4 .   ? 2.266   -0.991  -18.425 1.00 35.92  ? 451 HOH A O   1 
HETATM 1279 O  O   . HOH G 4 .   ? -11.077 -0.210  -11.726 1.00 24.71  ? 452 HOH A O   1 
HETATM 1280 O  O   . HOH G 4 .   ? 20.063  7.630   -7.693  1.00 30.54  ? 453 HOH A O   1 
HETATM 1281 O  O   . HOH G 4 .   ? 14.941  9.831   3.401   1.00 24.30  ? 454 HOH A O   1 
HETATM 1282 O  O   . HOH G 4 .   ? 5.550   17.251  -4.410  1.00 8.21   ? 455 HOH A O   1 
HETATM 1283 O  O   . HOH G 4 .   ? -8.774  7.591   22.037  1.00 23.98  ? 456 HOH A O   1 
HETATM 1284 O  O   . HOH G 4 .   ? -13.013 7.275   2.460   1.00 30.15  ? 457 HOH A O   1 
HETATM 1285 O  O   . HOH G 4 .   ? 0.414   -2.033  15.893  1.00 22.47  ? 458 HOH A O   1 
HETATM 1286 O  O   . HOH G 4 .   ? 11.392  -0.782  14.539  1.00 43.08  ? 459 HOH A O   1 
HETATM 1287 O  O   . HOH G 4 .   ? 3.843   -7.909  -17.314 1.00 22.61  ? 460 HOH A O   1 
HETATM 1288 O  O   . HOH G 4 .   ? -7.994  -9.414  8.050   1.00 32.46  ? 461 HOH A O   1 
HETATM 1289 O  O   . HOH G 4 .   ? 0.776   -9.521  -14.568 1.00 41.61  ? 462 HOH A O   1 
HETATM 1290 O  O   . HOH G 4 .   ? -14.931 -10.176 -6.567  1.00 30.41  ? 463 HOH A O   1 
HETATM 1291 O  O   . HOH G 4 .   ? 4.479   13.433  -5.827  1.00 38.45  ? 464 HOH A O   1 
HETATM 1292 O  O   . HOH G 4 .   ? 8.726   10.316  14.226  1.00 30.09  ? 465 HOH A O   1 
HETATM 1293 O  O   . HOH G 4 .   ? -3.330  -8.711  -15.999 1.00 26.85  ? 466 HOH A O   1 
HETATM 1294 O  O   . HOH G 4 .   ? 6.559   -19.039 -0.056  1.00 53.12  ? 467 HOH A O   1 
HETATM 1295 O  O   . HOH G 4 .   ? 4.984   -6.814  13.151  1.00 29.19  ? 468 HOH A O   1 
HETATM 1296 O  O   . HOH G 4 .   ? 3.804   1.429   -17.406 1.00 34.26  ? 469 HOH A O   1 
HETATM 1297 O  O   . HOH G 4 .   ? 14.182  -11.568 -1.107  1.00 35.36  ? 470 HOH A O   1 
HETATM 1298 O  O   . HOH G 4 .   ? 12.058  -0.524  11.861  1.00 36.00  ? 471 HOH A O   1 
HETATM 1299 O  O   . HOH G 4 .   ? 5.894   11.528  -6.151  1.00 26.12  ? 472 HOH A O   1 
HETATM 1300 O  O   . HOH G 4 .   ? -10.716 -0.498  -9.193  1.00 25.60  ? 473 HOH A O   1 
HETATM 1301 O  O   . HOH G 4 .   ? -10.771 4.489   -11.610 1.00 25.67  ? 474 HOH A O   1 
HETATM 1302 O  O   . HOH G 4 .   ? -13.918 0.738   -5.856  1.00 28.55  ? 475 HOH A O   1 
HETATM 1303 O  O   . HOH G 4 .   ? 11.070  -6.799  9.972   1.00 40.38  ? 476 HOH A O   1 
HETATM 1304 O  O   . HOH G 4 .   ? 0.886   -5.519  -15.475 1.00 22.37  ? 477 HOH A O   1 
HETATM 1305 O  O   . HOH G 4 .   ? -13.616 -1.209  14.053  1.00 22.54  ? 478 HOH A O   1 
HETATM 1306 O  O   . HOH G 4 .   ? 13.330  10.718  -7.908  1.00 21.25  ? 479 HOH A O   1 
HETATM 1307 O  O   . HOH G 4 .   ? -2.231  11.659  -3.628  1.00 27.74  ? 480 HOH A O   1 
HETATM 1308 O  O   . HOH G 4 .   ? 11.306  -6.542  -0.232  1.00 20.50  ? 481 HOH A O   1 
HETATM 1309 O  O   . HOH G 4 .   ? 19.303  7.462   -10.353 1.00 25.15  ? 482 HOH A O   1 
HETATM 1310 O  O   . HOH G 4 .   ? 5.220   -1.428  17.258  1.00 28.55  ? 483 HOH A O   1 
HETATM 1311 O  O   . HOH G 4 .   ? 12.654  15.597  7.200   1.00 27.69  ? 484 HOH A O   1 
HETATM 1312 O  O   . HOH G 4 .   ? 6.459   16.580  -2.177  1.00 24.84  ? 485 HOH A O   1 
HETATM 1313 O  O   . HOH G 4 .   ? 3.397   -7.553  17.236  1.00 54.70  ? 486 HOH A O   1 
HETATM 1314 O  O   . HOH G 4 .   ? -7.438  8.706   1.445   1.00 25.30  ? 487 HOH A O   1 
HETATM 1315 O  O   . HOH G 4 .   ? 1.783   -9.591  -17.350 1.00 31.61  ? 488 HOH A O   1 
HETATM 1316 O  O   . HOH G 4 .   ? -7.490  9.884   18.353  1.00 31.29  ? 489 HOH A O   1 
HETATM 1317 O  O   . HOH G 4 .   ? -13.027 0.745   -8.332  1.00 28.87  ? 490 HOH A O   1 
HETATM 1318 O  O   . HOH G 4 .   ? 5.974   -8.012  10.820  1.00 29.61  ? 491 HOH A O   1 
HETATM 1319 O  O   . HOH G 4 .   ? 10.729  14.841  5.871   1.00 24.72  ? 492 HOH A O   1 
HETATM 1320 O  O   . HOH G 4 .   ? -4.826  4.239   15.982  1.00 30.02  ? 493 HOH A O   1 
HETATM 1321 O  O   . HOH G 4 .   ? -5.314  11.536  14.797  1.00 30.43  ? 494 HOH A O   1 
HETATM 1322 O  O   . HOH G 4 .   ? 15.598  -2.568  5.169   1.00 29.55  ? 495 HOH A O   1 
HETATM 1323 O  O   . HOH G 4 .   ? 8.921   -7.956  11.059  1.00 35.77  ? 496 HOH A O   1 
HETATM 1324 O  O   . HOH G 4 .   ? -13.424 -11.799 -3.189  1.00 34.73  ? 497 HOH A O   1 
HETATM 1325 O  O   . HOH G 4 .   ? -10.435 -9.213  6.883   1.00 42.76  ? 498 HOH A O   1 
HETATM 1326 O  O   . HOH G 4 .   ? -8.328  -4.044  -2.476  1.00 122.63 ? 499 HOH A O   1 
HETATM 1327 O  O   . HOH G 4 .   ? 19.056  -8.466  -1.390  1.00 27.63  ? 500 HOH A O   1 
HETATM 1328 O  O   . HOH G 4 .   ? -9.376  -13.775 4.387   1.00 56.12  ? 501 HOH A O   1 
HETATM 1329 O  O   . HOH G 4 .   ? 6.633   11.646  -8.459  1.00 30.42  ? 502 HOH A O   1 
HETATM 1330 O  O   . HOH G 4 .   ? -5.903  7.720   -6.010  1.00 45.56  ? 503 HOH A O   1 
HETATM 1331 O  O   . HOH G 4 .   ? 15.292  -6.535  -1.098  1.00 25.29  ? 504 HOH A O   1 
HETATM 1332 O  O   . HOH G 4 .   ? -0.734  14.188  -3.315  1.00 35.24  ? 505 HOH A O   1 
HETATM 1333 O  O   . HOH G 4 .   ? 18.135  12.492  -6.608  1.00 40.64  ? 506 HOH A O   1 
HETATM 1334 O  O   . HOH G 4 .   ? -11.146 -6.754  -13.236 1.00 39.75  ? 507 HOH A O   1 
HETATM 1335 O  O   . HOH G 4 .   ? 12.928  2.047   12.240  1.00 35.14  ? 508 HOH A O   1 
HETATM 1336 O  O   . HOH G 4 .   ? -6.947  -4.909  18.900  1.00 45.30  ? 509 HOH A O   1 
HETATM 1337 O  O   . HOH G 4 .   ? -14.472 -3.768  5.842   1.00 31.46  ? 510 HOH A O   1 
HETATM 1338 O  O   . HOH G 4 .   ? -9.260  -5.336  15.841  1.00 42.08  ? 511 HOH A O   1 
HETATM 1339 O  O   . HOH G 4 .   ? -16.222 4.154   4.575   1.00 45.99  ? 512 HOH A O   1 
HETATM 1340 O  O   . HOH G 4 .   ? -8.285  -11.525 6.469   1.00 36.82  ? 513 HOH A O   1 
HETATM 1341 O  O   . HOH G 4 .   ? -1.998  16.321  -5.602  1.00 34.41  ? 514 HOH A O   1 
HETATM 1342 O  O   . HOH G 4 .   ? -6.847  3.817   20.440  1.00 53.86  ? 515 HOH A O   1 
HETATM 1343 O  O   . HOH G 4 .   ? 7.932   0.564   -20.065 1.00 35.01  ? 516 HOH A O   1 
HETATM 1344 O  O   . HOH G 4 .   ? 13.012  17.482  13.799  1.00 37.49  ? 517 HOH A O   1 
HETATM 1345 O  O   . HOH G 4 .   ? 7.527   0.144   18.357  1.00 27.53  ? 518 HOH A O   1 
HETATM 1346 O  O   . HOH G 4 .   ? 10.064  6.953   -12.104 1.00 34.15  ? 519 HOH A O   1 
HETATM 1347 O  O   . HOH G 4 .   ? -16.806 -2.062  0.250   1.00 38.70  ? 520 HOH A O   1 
HETATM 1348 O  O   . HOH G 4 .   ? 21.378  5.427   -6.141  1.00 34.37  ? 521 HOH A O   1 
HETATM 1349 O  O   . HOH G 4 .   ? -12.012 2.212   -12.544 1.00 35.43  ? 522 HOH A O   1 
HETATM 1350 O  O   . HOH G 4 .   ? -4.835  10.143  -6.181  1.00 35.43  ? 523 HOH A O   1 
HETATM 1351 O  O   . HOH G 4 .   ? 6.136   -12.163 -3.978  1.00 32.16  ? 524 HOH A O   1 
HETATM 1352 O  O   . HOH G 4 .   ? -5.466  -14.926 6.623   1.00 33.67  ? 525 HOH A O   1 
HETATM 1353 O  O   . HOH G 4 .   ? 12.337  -12.596 -2.681  1.00 33.89  ? 526 HOH A O   1 
HETATM 1354 O  O   . HOH G 4 .   ? 13.499  5.276   2.562   1.00 32.81  ? 527 HOH A O   1 
HETATM 1355 O  O   . HOH G 4 .   ? 2.823   -0.612  -23.537 1.00 66.11  ? 528 HOH A O   1 
HETATM 1356 O  O   . HOH G 4 .   ? 0.317   -13.931 -8.209  1.00 40.47  ? 529 HOH A O   1 
HETATM 1357 O  O   . HOH G 4 .   ? 2.832   10.459  -13.158 1.00 49.93  ? 530 HOH A O   1 
HETATM 1358 O  O   . HOH G 4 .   ? 17.792  -10.887 -1.291  1.00 32.32  ? 531 HOH A O   1 
HETATM 1359 O  O   . HOH G 4 .   ? 5.933   11.636  14.526  1.00 51.89  ? 532 HOH A O   1 
HETATM 1360 O  O   . HOH G 4 .   ? 7.355   8.538   15.726  1.00 68.34  ? 533 HOH A O   1 
HETATM 1361 O  O   . HOH G 4 .   ? -9.934  7.481   -0.220  1.00 49.95  ? 534 HOH A O   1 
HETATM 1362 O  O   . HOH G 4 .   ? -3.413  0.272   -19.353 1.00 43.18  ? 535 HOH A O   1 
HETATM 1363 O  O   . HOH G 4 .   ? -3.352  -6.813  -17.682 1.00 42.91  ? 536 HOH A O   1 
HETATM 1364 O  O   . HOH G 4 .   ? 4.246   10.145  -8.533  1.00 48.93  ? 537 HOH A O   1 
HETATM 1365 O  O   . HOH G 4 .   ? 18.201  -2.870  0.059   1.00 43.47  ? 538 HOH A O   1 
HETATM 1366 O  O   . HOH G 4 .   ? 13.546  -1.844  10.025  1.00 41.70  ? 539 HOH A O   1 
HETATM 1367 O  O   . HOH G 4 .   ? -7.626  -9.981  10.944  1.00 46.63  ? 540 HOH A O   1 
HETATM 1368 O  O   . HOH G 4 .   ? 1.038   -19.166 8.365   1.00 53.98  ? 541 HOH A O   1 
HETATM 1369 O  O   . HOH G 4 .   ? -16.626 5.039   -0.607  1.00 94.50  ? 542 HOH A O   1 
HETATM 1370 O  O   . HOH G 4 .   ? 18.597  -8.082  1.485   1.00 60.43  ? 543 HOH A O   1 
HETATM 1371 O  O   . HOH G 4 .   ? 8.286   3.532   -14.808 1.00 36.96  ? 544 HOH A O   1 
HETATM 1372 O  O   . HOH G 4 .   ? -12.975 7.891   -6.799  1.00 60.72  ? 545 HOH A O   1 
HETATM 1373 O  O   . HOH G 4 .   ? 11.302  3.756   17.199  1.00 49.51  ? 546 HOH A O   1 
HETATM 1374 O  O   . HOH G 4 .   ? -4.317  9.116   -2.293  1.00 14.93  ? 547 HOH A O   1 
HETATM 1375 O  O   . HOH G 4 .   ? 13.999  11.377  13.875  1.00 47.91  ? 548 HOH A O   1 
HETATM 1376 O  O   . HOH G 4 .   ? 11.630  12.910  -6.862  1.00 26.35  ? 549 HOH A O   1 
HETATM 1377 O  O   . HOH G 4 .   ? 11.063  -13.106 -5.218  1.00 21.29  ? 550 HOH A O   1 
HETATM 1378 O  O   . HOH G 4 .   ? -1.143  17.009  -3.221  1.00 30.15  ? 551 HOH A O   1 
HETATM 1379 O  O   . HOH G 4 .   ? -5.314  -8.334  -18.496 1.00 35.67  ? 552 HOH A O   1 
HETATM 1380 O  O   . HOH G 4 .   ? 18.544  8.484   -12.835 1.00 61.96  ? 553 HOH A O   1 
HETATM 1381 O  O   . HOH G 4 .   ? -5.924  8.936   -3.903  1.00 33.17  ? 554 HOH A O   1 
HETATM 1382 O  O   . HOH G 4 .   ? 8.812   13.298  -7.289  1.00 31.22  ? 555 HOH A O   1 
HETATM 1383 O  O   . HOH G 4 .   ? -7.626  -15.971 5.176   1.00 41.60  ? 556 HOH A O   1 
HETATM 1384 O  O   . HOH G 4 .   ? -8.654  0.384   -7.996  1.00 82.03  ? 557 HOH A O   1 
HETATM 1385 O  O   . HOH G 4 .   ? -8.600  -14.048 1.857   1.00 38.81  ? 558 HOH A O   1 
HETATM 1386 O  O   . HOH G 4 .   ? -11.834 -14.358 -2.483  1.00 45.56  ? 559 HOH A O   1 
HETATM 1387 O  O   . HOH G 4 .   ? 8.388   -13.764 -4.859  1.00 45.57  ? 560 HOH A O   1 
HETATM 1388 O  O   . HOH G 4 .   ? 7.266   -11.096 -1.095  1.00 39.09  ? 561 HOH A O   1 
HETATM 1389 O  O   . HOH G 4 .   ? -16.673 -0.215  2.853   1.00 40.77  ? 562 HOH A O   1 
HETATM 1390 O  O   . HOH G 4 .   ? 9.246   17.330  3.847   1.00 40.66  ? 563 HOH A O   1 
HETATM 1391 O  O   . HOH G 4 .   ? -17.395 -12.946 -8.359  1.00 48.97  ? 564 HOH A O   1 
HETATM 1392 O  O   . HOH G 4 .   ? 1.241   -12.288 8.387   1.00 84.64  ? 565 HOH A O   1 
HETATM 1393 O  O   . HOH G 4 .   ? -3.408  -17.538 4.304   1.00 43.46  ? 566 HOH A O   1 
HETATM 1394 O  O   . HOH G 4 .   ? 12.796  16.094  1.527   1.00 49.64  ? 567 HOH A O   1 
HETATM 1395 O  O   . HOH G 4 .   ? -16.828 -9.533  -4.755  1.00 58.46  ? 568 HOH A O   1 
HETATM 1396 O  O   . HOH G 4 .   ? 4.429   1.687   -20.092 1.00 51.16  ? 569 HOH A O   1 
HETATM 1397 O  O   . HOH G 4 .   ? -15.356 4.741   1.770   1.00 49.79  ? 570 HOH A O   1 
HETATM 1398 O  O   . HOH G 4 .   ? -16.881 2.323   2.877   1.00 42.96  ? 571 HOH A O   1 
HETATM 1399 O  O   . HOH G 4 .   ? -15.562 -10.451 -1.532  1.00 40.65  ? 572 HOH A O   1 
HETATM 1400 O  O   . HOH G 4 .   ? -0.494  11.514  -6.180  1.00 53.25  ? 573 HOH A O   1 
HETATM 1401 O  O   . HOH G 4 .   ? 0.067   -1.994  -23.256 1.00 45.20  ? 574 HOH A O   1 
HETATM 1402 O  O   . HOH G 4 .   ? 1.719   -3.795  -17.414 1.00 39.49  ? 575 HOH A O   1 
HETATM 1403 O  O   . HOH G 4 .   ? 17.031  -3.559  7.126   1.00 58.22  ? 576 HOH A O   1 
HETATM 1404 O  O   . HOH G 4 .   ? 15.274  13.377  -0.758  1.00 171.91 ? 577 HOH A O   1 
HETATM 1405 O  O   . HOH G 4 .   ? 20.774  6.379   -4.009  1.00 117.25 ? 578 HOH A O   1 
HETATM 1406 O  O   . HOH G 4 .   ? 12.871  10.314  -10.578 1.00 39.10  ? 579 HOH A O   1 
HETATM 1407 O  O   . HOH G 4 .   ? 7.677   -15.108 -7.068  1.00 30.44  ? 580 HOH A O   1 
HETATM 1408 O  O   . HOH G 4 .   ? -18.088 -0.701  5.093   1.00 43.89  ? 581 HOH A O   1 
HETATM 1409 O  O   . HOH G 4 .   ? -5.181  -3.321  20.262  1.00 49.47  ? 582 HOH A O   1 
HETATM 1410 O  O   . HOH G 4 .   ? -15.601 5.459   8.244   1.00 15.83  ? 583 HOH A O   1 
HETATM 1411 O  O   . HOH G 4 .   ? 11.412  -5.373  19.482  1.00 48.27  ? 584 HOH A O   1 
HETATM 1412 O  O   . HOH G 4 .   ? -3.446  -14.510 18.634  1.00 59.30  ? 585 HOH A O   1 
HETATM 1413 O  O   . HOH G 4 .   ? 9.081   -16.289 -5.182  1.00 49.98  ? 586 HOH A O   1 
HETATM 1414 O  O   . HOH G 4 .   ? 6.920   1.456   20.791  1.00 46.06  ? 587 HOH A O   1 
HETATM 1415 O  O   . HOH G 4 .   ? 0.022   -15.116 2.243   1.00 46.45  ? 588 HOH A O   1 
HETATM 1416 O  O   . HOH G 4 .   ? 13.037  17.875  -4.621  1.00 40.42  ? 589 HOH A O   1 
HETATM 1417 O  O   . HOH G 4 .   ? 6.617   2.722   -21.342 1.00 41.25  ? 590 HOH A O   1 
HETATM 1418 O  O   . HOH G 4 .   ? -0.862  10.509  13.949  1.00 43.04  ? 591 HOH A O   1 
HETATM 1419 O  O   . HOH G 4 .   ? 2.051   11.185  -7.478  1.00 41.39  ? 592 HOH A O   1 
HETATM 1420 O  O   . HOH G 4 .   ? -10.077 -14.980 -0.349  1.00 49.45  ? 593 HOH A O   1 
HETATM 1421 O  O   . HOH G 4 .   ? 9.464   18.562  -2.120  1.00 12.63  ? 594 HOH A O   1 
HETATM 1422 O  O   . HOH G 4 .   ? -9.890  -13.532 7.416   1.00 62.62  ? 595 HOH A O   1 
HETATM 1423 O  O   . HOH G 4 .   ? -16.302 7.783   -8.025  1.00 50.08  ? 596 HOH A O   1 
HETATM 1424 O  O   . HOH G 4 .   ? 4.014   -17.310 0.648   1.00 24.29  ? 597 HOH A O   1 
HETATM 1425 O  O   . HOH G 4 .   ? 17.896  5.477   -9.367  1.00 25.53  ? 598 HOH A O   1 
# 
loop_
_pdbx_poly_seq_scheme.asym_id 
_pdbx_poly_seq_scheme.entity_id 
_pdbx_poly_seq_scheme.seq_id 
_pdbx_poly_seq_scheme.mon_id 
_pdbx_poly_seq_scheme.ndb_seq_num 
_pdbx_poly_seq_scheme.pdb_seq_num 
_pdbx_poly_seq_scheme.auth_seq_num 
_pdbx_poly_seq_scheme.pdb_mon_id 
_pdbx_poly_seq_scheme.auth_mon_id 
_pdbx_poly_seq_scheme.pdb_strand_id 
_pdbx_poly_seq_scheme.pdb_ins_code 
_pdbx_poly_seq_scheme.hetero 
A 1 1   MET 1   -11 ?   ?   ?   A . n 
A 1 2   ARG 2   -10 ?   ?   ?   A . n 
A 1 3   GLY 3   -9  ?   ?   ?   A . n 
A 1 4   SER 4   -8  ?   ?   ?   A . n 
A 1 5   HIS 5   -7  ?   ?   ?   A . n 
A 1 6   HIS 6   -6  ?   ?   ?   A . n 
A 1 7   HIS 7   -5  ?   ?   ?   A . n 
A 1 8   HIS 8   -4  ?   ?   ?   A . n 
A 1 9   HIS 9   -3  ?   ?   ?   A . n 
A 1 10  HIS 10  -2  ?   ?   ?   A . n 
A 1 11  GLY 11  -1  ?   ?   ?   A . n 
A 1 12  SER 12  0   ?   ?   ?   A . n 
A 1 13  GLU 13  1   1   GLU ALA A . n 
A 1 14  GLU 14  2   2   GLU GLU A . n 
A 1 15  ALA 15  3   3   ALA ALA A . n 
A 1 16  SER 16  4   4   SER SER A . n 
A 1 17  SER 17  5   5   SER SER A . n 
A 1 18  THR 18  6   6   THR THR A . n 
A 1 19  GLY 19  7   7   GLY GLY A . n 
A 1 20  ARG 20  8   8   ARG ALA A . n 
A 1 21  ASN 21  9   9   ASN ASN A . n 
A 1 22  PHE 22  10  10  PHE PHE A . n 
A 1 23  ASN 23  11  11  ASN ASN A . n 
A 1 24  VAL 24  12  12  VAL VAL A . n 
A 1 25  GLU 25  13  13  GLU GLU A . n 
A 1 26  LYS 26  14  14  LYS LYS A . n 
A 1 27  ILE 27  15  15  ILE ILE A . n 
A 1 28  ASN 28  16  16  ASN ASN A . n 
A 1 29  GLY 29  17  17  GLY GLY A . n 
A 1 30  GLU 30  18  18  GLU GLU A . n 
A 1 31  TRP 31  19  19  TRP TRP A . n 
A 1 32  HIS 32  20  20  HIS HIS A . n 
A 1 33  THR 33  21  21  THR THR A . n 
A 1 34  ILE 34  22  22  ILE ILE A . n 
A 1 35  ILE 35  23  23  ILE ILE A . n 
A 1 36  LEU 36  24  24  LEU LEU A . n 
A 1 37  ALA 37  25  25  ALA ALA A . n 
A 1 38  SER 38  26  26  SER SER A . n 
A 1 39  ASP 39  27  27  ASP ASP A . n 
A 1 40  LYS 40  28  28  LYS LYS A . n 
A 1 41  ARG 41  29  29  ARG ARG A . n 
A 1 42  GLU 42  30  30  GLU GLU A . n 
A 1 43  LYS 43  31  31  LYS LYS A . n 
A 1 44  ILE 44  32  32  ILE ILE A . n 
A 1 45  GLU 45  33  33  GLU GLU A . n 
A 1 46  ASP 46  34  34  ASP ASP A . n 
A 1 47  ASN 47  35  35  ASN ASN A . n 
A 1 48  GLY 48  36  36  GLY GLY A . n 
A 1 49  ASN 49  37  37  ASN ASN A . n 
A 1 50  PHE 50  38  38  PHE PHE A . n 
A 1 51  ARG 51  39  39  ARG ARG A . n 
A 1 52  LEU 52  40  40  LEU LEU A . n 
A 1 53  PHE 53  41  41  PHE PHE A . n 
A 1 54  LEU 54  42  42  LEU LEU A . n 
A 1 55  GLU 55  43  43  GLU GLU A . n 
A 1 56  GLN 56  44  44  GLN GLN A . n 
A 1 57  ILE 57  45  45  ILE ILE A . n 
A 1 58  HIS 58  46  46  HIS HIS A . n 
A 1 59  VAL 59  47  47  VAL VAL A . n 
A 1 60  LEU 60  48  48  LEU LEU A . n 
A 1 61  GLU 61  49  49  GLU GLU A . n 
A 1 62  LYS 62  50  50  LYS LYS A . n 
A 1 63  SER 63  51  51  SER SER A . n 
A 1 64  LEU 64  52  52  LEU LEU A . n 
A 1 65  VAL 65  53  53  VAL VAL A . n 
A 1 66  LEU 66  54  54  LEU LEU A . n 
A 1 67  LYS 67  55  55  LYS LYS A . n 
A 1 68  PHE 68  56  56  PHE PHE A . n 
A 1 69  HIS 69  57  57  HIS HIS A . n 
A 1 70  GLY 70  58  58  GLY GLY A . n 
A 1 71  ARG 71  59  ?   ?   ?   A . n 
A 1 72  VAL 72  60  ?   ?   ?   A . n 
A 1 73  ARG 73  61  ?   ?   ?   A . n 
A 1 74  LEU 74  62  ?   ?   ?   A . n 
A 1 75  LEU 75  63  ?   ?   ?   A . n 
A 1 76  ASN 76  64  ?   ?   ?   A . n 
A 1 77  ASN 77  65  ?   ?   ?   A . n 
A 1 78  TRP 78  66  ?   ?   ?   A . n 
A 1 79  ASP 79  67  ?   ?   ?   A . n 
A 1 80  CYS 80  68  ?   ?   ?   A . n 
A 1 81  SER 81  69  69  SER SER A . n 
A 1 82  GLU 82  70  70  GLU GLU A . n 
A 1 83  LEU 83  71  71  LEU LEU A . n 
A 1 84  SER 84  72  72  SER SER A . n 
A 1 85  MET 85  73  73  MET MET A . n 
A 1 86  VAL 86  74  74  VAL VAL A . n 
A 1 87  ALA 87  75  75  ALA ALA A . n 
A 1 88  ASP 88  76  76  ASP ASP A . n 
A 1 89  LYS 89  77  77  LYS LYS A . n 
A 1 90  THR 90  78  78  THR THR A . n 
A 1 91  GLU 91  79  79  GLU GLU A . n 
A 1 92  LYS 92  80  80  LYS LYS A . n 
A 1 93  ALA 93  81  81  ALA ALA A . n 
A 1 94  GLY 94  82  82  GLY GLY A . n 
A 1 95  GLU 95  83  83  GLU GLU A . n 
A 1 96  TYR 96  84  84  TYR TYR A . n 
A 1 97  SER 97  85  85  SER SER A . n 
A 1 98  VAL 98  86  86  VAL VAL A . n 
A 1 99  THR 99  87  87  THR THR A . n 
A 1 100 TYR 100 88  88  TYR TYR A . n 
A 1 101 ASP 101 89  89  ASP ASP A . n 
A 1 102 GLY 102 90  90  GLY GLY A . n 
A 1 103 PHE 103 91  91  PHE PHE A . n 
A 1 104 ASN 104 92  92  ASN ASN A . n 
A 1 105 THR 105 93  93  THR THR A . n 
A 1 106 PHE 106 94  94  PHE PHE A . n 
A 1 107 THR 107 95  95  THR THR A . n 
A 1 108 ILE 108 96  96  ILE ILE A . n 
A 1 109 PRO 109 97  97  PRO PRO A . n 
A 1 110 LYS 110 98  98  LYS LYS A . n 
A 1 111 THR 111 99  99  THR THR A . n 
A 1 112 ASP 112 100 100 ASP ASP A . n 
A 1 113 TYR 113 101 101 TYR TYR A . n 
A 1 114 ASP 114 102 102 ASP ASP A . n 
A 1 115 ASN 115 103 103 ASN ASN A . n 
A 1 116 PHE 116 104 104 PHE PHE A . n 
A 1 117 LEU 117 105 105 LEU LEU A . n 
A 1 118 MET 118 106 106 MET MET A . n 
A 1 119 ALA 119 107 107 ALA ALA A . n 
A 1 120 HIS 120 108 108 HIS HIS A . n 
A 1 121 LEU 121 109 109 LEU LEU A . n 
A 1 122 ILE 122 110 110 ILE ILE A . n 
A 1 123 ASN 123 111 111 ASN ASN A . n 
A 1 124 GLU 124 112 112 GLU GLU A . n 
A 1 125 LYS 125 113 113 LYS LYS A . n 
A 1 126 ASP 126 114 114 ASP ASP A . n 
A 1 127 GLY 127 115 115 GLY GLY A . n 
A 1 128 GLU 128 116 116 GLU GLU A . n 
A 1 129 THR 129 117 117 THR THR A . n 
A 1 130 PHE 130 118 118 PHE PHE A . n 
A 1 131 GLN 131 119 119 GLN GLN A . n 
A 1 132 LEU 132 120 120 LEU LEU A . n 
A 1 133 MET 133 121 121 MET MET A . n 
A 1 134 GLY 134 122 122 GLY GLY A . n 
A 1 135 LEU 135 123 123 LEU LEU A . n 
A 1 136 TYR 136 124 124 TYR TYR A . n 
A 1 137 GLY 137 125 125 GLY GLY A . n 
A 1 138 ARG 138 126 126 ARG ARG A . n 
A 1 139 GLU 139 127 127 GLU GLU A . n 
A 1 140 PRO 140 128 128 PRO PRO A . n 
A 1 141 ASP 141 129 129 ASP ASP A . n 
A 1 142 LEU 142 130 130 LEU LEU A . n 
A 1 143 SER 143 131 131 SER SER A . n 
A 1 144 SER 144 132 132 SER SER A . n 
A 1 145 ASP 145 133 133 ASP ASP A . n 
A 1 146 ILE 146 134 134 ILE ILE A . n 
A 1 147 LYS 147 135 135 LYS LYS A . n 
A 1 148 GLU 148 136 136 GLU GLU A . n 
A 1 149 ARG 149 137 137 ARG ARG A . n 
A 1 150 PHE 150 138 138 PHE PHE A . n 
A 1 151 ALA 151 139 139 ALA ALA A . n 
A 1 152 GLN 152 140 140 GLN GLN A . n 
A 1 153 LEU 153 141 141 LEU LEU A . n 
A 1 154 CYS 154 142 142 CYS CYS A . n 
A 1 155 GLU 155 143 143 GLU GLU A . n 
A 1 156 GLU 156 144 144 GLU GLU A . n 
A 1 157 HIS 157 145 145 HIS HIS A . n 
A 1 158 GLY 158 146 146 GLY GLY A . n 
A 1 159 ILE 159 147 147 ILE ILE A . n 
A 1 160 LEU 160 148 148 LEU LEU A . n 
A 1 161 ARG 161 149 149 ARG ARG A . n 
A 1 162 GLU 162 150 150 GLU GLU A . n 
A 1 163 ASN 163 151 151 ASN ASN A . n 
A 1 164 ILE 164 152 152 ILE ILE A . n 
A 1 165 ILE 165 153 153 ILE ILE A . n 
A 1 166 ASP 166 154 154 ASP ASP A . n 
A 1 167 LEU 167 155 155 LEU LEU A . n 
A 1 168 SER 168 156 156 SER SER A . n 
A 1 169 ASN 169 157 157 ASN ASN A . n 
A 1 170 ALA 170 158 158 ALA ALA A . n 
A 1 171 ASN 171 159 ?   ?   ?   A . n 
A 1 172 ARG 172 160 ?   ?   ?   A . n 
A 1 173 CYS 173 161 ?   ?   ?   A . n 
A 1 174 LEU 174 162 ?   ?   ?   A . n 
A 1 175 GLN 175 163 ?   ?   ?   A . n 
A 1 176 ALA 176 164 ?   ?   ?   A . n 
A 1 177 ARG 177 165 ?   ?   ?   A . n 
A 1 178 GLU 178 166 ?   ?   ?   A . n 
# 
loop_
_pdbx_nonpoly_scheme.asym_id 
_pdbx_nonpoly_scheme.entity_id 
_pdbx_nonpoly_scheme.mon_id 
_pdbx_nonpoly_scheme.ndb_seq_num 
_pdbx_nonpoly_scheme.pdb_seq_num 
_pdbx_nonpoly_scheme.auth_seq_num 
_pdbx_nonpoly_scheme.pdb_mon_id 
_pdbx_nonpoly_scheme.auth_mon_id 
_pdbx_nonpoly_scheme.pdb_strand_id 
_pdbx_nonpoly_scheme.pdb_ins_code 
B 2 CD  1   200 200 CD  CD  A . 
C 2 CD  1   201 201 CD  CD  A . 
D 2 CD  1   202 202 CD  CD  A . 
E 2 CD  1   373 373 CD  CD  A . 
F 3 PRZ 1   300 300 PRZ PRZ A . 
G 4 HOH 1   374 1   HOH HOH A . 
G 4 HOH 2   375 2   HOH HOH A . 
G 4 HOH 3   376 3   HOH HOH A . 
G 4 HOH 4   377 4   HOH HOH A . 
G 4 HOH 5   378 5   HOH HOH A . 
G 4 HOH 6   379 6   HOH HOH A . 
G 4 HOH 7   380 8   HOH HOH A . 
G 4 HOH 8   381 10  HOH HOH A . 
G 4 HOH 9   382 11  HOH HOH A . 
G 4 HOH 10  383 12  HOH HOH A . 
G 4 HOH 11  384 13  HOH HOH A . 
G 4 HOH 12  385 15  HOH HOH A . 
G 4 HOH 13  386 16  HOH HOH A . 
G 4 HOH 14  387 17  HOH HOH A . 
G 4 HOH 15  388 18  HOH HOH A . 
G 4 HOH 16  389 19  HOH HOH A . 
G 4 HOH 17  390 20  HOH HOH A . 
G 4 HOH 18  391 21  HOH HOH A . 
G 4 HOH 19  392 22  HOH HOH A . 
G 4 HOH 20  393 24  HOH HOH A . 
G 4 HOH 21  394 25  HOH HOH A . 
G 4 HOH 22  395 26  HOH HOH A . 
G 4 HOH 23  396 27  HOH HOH A . 
G 4 HOH 24  397 28  HOH HOH A . 
G 4 HOH 25  398 29  HOH HOH A . 
G 4 HOH 26  399 30  HOH HOH A . 
G 4 HOH 27  400 31  HOH HOH A . 
G 4 HOH 28  401 32  HOH HOH A . 
G 4 HOH 29  402 33  HOH HOH A . 
G 4 HOH 30  403 34  HOH HOH A . 
G 4 HOH 31  404 35  HOH HOH A . 
G 4 HOH 32  405 36  HOH HOH A . 
G 4 HOH 33  406 37  HOH HOH A . 
G 4 HOH 34  407 38  HOH HOH A . 
G 4 HOH 35  408 39  HOH HOH A . 
G 4 HOH 36  409 41  HOH HOH A . 
G 4 HOH 37  410 42  HOH HOH A . 
G 4 HOH 38  411 43  HOH HOH A . 
G 4 HOH 39  412 44  HOH HOH A . 
G 4 HOH 40  413 46  HOH HOH A . 
G 4 HOH 41  414 47  HOH HOH A . 
G 4 HOH 42  415 48  HOH HOH A . 
G 4 HOH 43  416 49  HOH HOH A . 
G 4 HOH 44  417 50  HOH HOH A . 
G 4 HOH 45  418 51  HOH HOH A . 
G 4 HOH 46  419 52  HOH HOH A . 
G 4 HOH 47  420 53  HOH HOH A . 
G 4 HOH 48  421 55  HOH HOH A . 
G 4 HOH 49  422 56  HOH HOH A . 
G 4 HOH 50  423 57  HOH HOH A . 
G 4 HOH 51  424 58  HOH HOH A . 
G 4 HOH 52  425 60  HOH HOH A . 
G 4 HOH 53  426 61  HOH HOH A . 
G 4 HOH 54  427 63  HOH HOH A . 
G 4 HOH 55  428 65  HOH HOH A . 
G 4 HOH 56  429 66  HOH HOH A . 
G 4 HOH 57  430 67  HOH HOH A . 
G 4 HOH 58  431 68  HOH HOH A . 
G 4 HOH 59  432 69  HOH HOH A . 
G 4 HOH 60  433 70  HOH HOH A . 
G 4 HOH 61  434 71  HOH HOH A . 
G 4 HOH 62  435 72  HOH HOH A . 
G 4 HOH 63  436 73  HOH HOH A . 
G 4 HOH 64  437 74  HOH HOH A . 
G 4 HOH 65  438 75  HOH HOH A . 
G 4 HOH 66  439 76  HOH HOH A . 
G 4 HOH 67  440 77  HOH HOH A . 
G 4 HOH 68  441 78  HOH HOH A . 
G 4 HOH 69  442 79  HOH HOH A . 
G 4 HOH 70  443 80  HOH HOH A . 
G 4 HOH 71  444 81  HOH HOH A . 
G 4 HOH 72  445 82  HOH HOH A . 
G 4 HOH 73  446 83  HOH HOH A . 
G 4 HOH 74  447 84  HOH HOH A . 
G 4 HOH 75  448 85  HOH HOH A . 
G 4 HOH 76  449 86  HOH HOH A . 
G 4 HOH 77  450 87  HOH HOH A . 
G 4 HOH 78  451 88  HOH HOH A . 
G 4 HOH 79  452 89  HOH HOH A . 
G 4 HOH 80  453 91  HOH HOH A . 
G 4 HOH 81  454 92  HOH HOH A . 
G 4 HOH 82  455 93  HOH HOH A . 
G 4 HOH 83  456 95  HOH HOH A . 
G 4 HOH 84  457 96  HOH HOH A . 
G 4 HOH 85  458 97  HOH HOH A . 
G 4 HOH 86  459 98  HOH HOH A . 
G 4 HOH 87  460 99  HOH HOH A . 
G 4 HOH 88  461 100 HOH HOH A . 
G 4 HOH 89  462 101 HOH HOH A . 
G 4 HOH 90  463 102 HOH HOH A . 
G 4 HOH 91  464 103 HOH HOH A . 
G 4 HOH 92  465 104 HOH HOH A . 
G 4 HOH 93  466 105 HOH HOH A . 
G 4 HOH 94  467 106 HOH HOH A . 
G 4 HOH 95  468 107 HOH HOH A . 
G 4 HOH 96  469 109 HOH HOH A . 
G 4 HOH 97  470 110 HOH HOH A . 
G 4 HOH 98  471 111 HOH HOH A . 
G 4 HOH 99  472 112 HOH HOH A . 
G 4 HOH 100 473 113 HOH HOH A . 
G 4 HOH 101 474 114 HOH HOH A . 
G 4 HOH 102 475 115 HOH HOH A . 
G 4 HOH 103 476 116 HOH HOH A . 
G 4 HOH 104 477 301 HOH HOH A . 
G 4 HOH 105 478 302 HOH HOH A . 
G 4 HOH 106 479 303 HOH HOH A . 
G 4 HOH 107 480 304 HOH HOH A . 
G 4 HOH 108 481 305 HOH HOH A . 
G 4 HOH 109 482 306 HOH HOH A . 
G 4 HOH 110 483 307 HOH HOH A . 
G 4 HOH 111 484 308 HOH HOH A . 
G 4 HOH 112 485 309 HOH HOH A . 
G 4 HOH 113 486 310 HOH HOH A . 
G 4 HOH 114 487 311 HOH HOH A . 
G 4 HOH 115 488 312 HOH HOH A . 
G 4 HOH 116 489 313 HOH HOH A . 
G 4 HOH 117 490 314 HOH HOH A . 
G 4 HOH 118 491 315 HOH HOH A . 
G 4 HOH 119 492 316 HOH HOH A . 
G 4 HOH 120 493 317 HOH HOH A . 
G 4 HOH 121 494 318 HOH HOH A . 
G 4 HOH 122 495 319 HOH HOH A . 
G 4 HOH 123 496 320 HOH HOH A . 
G 4 HOH 124 497 321 HOH HOH A . 
G 4 HOH 125 498 322 HOH HOH A . 
G 4 HOH 126 499 323 HOH HOH A . 
G 4 HOH 127 500 324 HOH HOH A . 
G 4 HOH 128 501 325 HOH HOH A . 
G 4 HOH 129 502 326 HOH HOH A . 
G 4 HOH 130 503 327 HOH HOH A . 
G 4 HOH 131 504 328 HOH HOH A . 
G 4 HOH 132 505 329 HOH HOH A . 
G 4 HOH 133 506 330 HOH HOH A . 
G 4 HOH 134 507 331 HOH HOH A . 
G 4 HOH 135 508 332 HOH HOH A . 
G 4 HOH 136 509 333 HOH HOH A . 
G 4 HOH 137 510 334 HOH HOH A . 
G 4 HOH 138 511 335 HOH HOH A . 
G 4 HOH 139 512 336 HOH HOH A . 
G 4 HOH 140 513 337 HOH HOH A . 
G 4 HOH 141 514 338 HOH HOH A . 
G 4 HOH 142 515 339 HOH HOH A . 
G 4 HOH 143 516 340 HOH HOH A . 
G 4 HOH 144 517 341 HOH HOH A . 
G 4 HOH 145 518 342 HOH HOH A . 
G 4 HOH 146 519 343 HOH HOH A . 
G 4 HOH 147 520 344 HOH HOH A . 
G 4 HOH 148 521 345 HOH HOH A . 
G 4 HOH 149 522 346 HOH HOH A . 
G 4 HOH 150 523 347 HOH HOH A . 
G 4 HOH 151 524 348 HOH HOH A . 
G 4 HOH 152 525 349 HOH HOH A . 
G 4 HOH 153 526 350 HOH HOH A . 
G 4 HOH 154 527 351 HOH HOH A . 
G 4 HOH 155 528 352 HOH HOH A . 
G 4 HOH 156 529 353 HOH HOH A . 
G 4 HOH 157 530 354 HOH HOH A . 
G 4 HOH 158 531 355 HOH HOH A . 
G 4 HOH 159 532 356 HOH HOH A . 
G 4 HOH 160 533 357 HOH HOH A . 
G 4 HOH 161 534 358 HOH HOH A . 
G 4 HOH 162 535 359 HOH HOH A . 
G 4 HOH 163 536 360 HOH HOH A . 
G 4 HOH 164 537 361 HOH HOH A . 
G 4 HOH 165 538 362 HOH HOH A . 
G 4 HOH 166 539 363 HOH HOH A . 
G 4 HOH 167 540 364 HOH HOH A . 
G 4 HOH 168 541 365 HOH HOH A . 
G 4 HOH 169 542 366 HOH HOH A . 
G 4 HOH 170 543 367 HOH HOH A . 
G 4 HOH 171 544 368 HOH HOH A . 
G 4 HOH 172 545 369 HOH HOH A . 
G 4 HOH 173 546 370 HOH HOH A . 
G 4 HOH 174 547 371 HOH HOH A . 
G 4 HOH 175 548 372 HOH HOH A . 
G 4 HOH 176 549 374 HOH HOH A . 
G 4 HOH 177 550 375 HOH HOH A . 
G 4 HOH 178 551 376 HOH HOH A . 
G 4 HOH 179 552 377 HOH HOH A . 
G 4 HOH 180 553 378 HOH HOH A . 
G 4 HOH 181 554 379 HOH HOH A . 
G 4 HOH 182 555 380 HOH HOH A . 
G 4 HOH 183 556 381 HOH HOH A . 
G 4 HOH 184 557 382 HOH HOH A . 
G 4 HOH 185 558 383 HOH HOH A . 
G 4 HOH 186 559 384 HOH HOH A . 
G 4 HOH 187 560 385 HOH HOH A . 
G 4 HOH 188 561 386 HOH HOH A . 
G 4 HOH 189 562 387 HOH HOH A . 
G 4 HOH 190 563 388 HOH HOH A . 
G 4 HOH 191 564 389 HOH HOH A . 
G 4 HOH 192 565 390 HOH HOH A . 
G 4 HOH 193 566 391 HOH HOH A . 
G 4 HOH 194 567 392 HOH HOH A . 
G 4 HOH 195 568 393 HOH HOH A . 
G 4 HOH 196 569 394 HOH HOH A . 
G 4 HOH 197 570 395 HOH HOH A . 
G 4 HOH 198 571 397 HOH HOH A . 
G 4 HOH 199 572 398 HOH HOH A . 
G 4 HOH 200 573 399 HOH HOH A . 
G 4 HOH 201 574 400 HOH HOH A . 
G 4 HOH 202 575 401 HOH HOH A . 
G 4 HOH 203 576 402 HOH HOH A . 
G 4 HOH 204 577 404 HOH HOH A . 
G 4 HOH 205 578 405 HOH HOH A . 
G 4 HOH 206 579 406 HOH HOH A . 
G 4 HOH 207 580 408 HOH HOH A . 
G 4 HOH 208 581 409 HOH HOH A . 
G 4 HOH 209 582 410 HOH HOH A . 
G 4 HOH 210 583 411 HOH HOH A . 
G 4 HOH 211 584 412 HOH HOH A . 
G 4 HOH 212 585 413 HOH HOH A . 
G 4 HOH 213 586 414 HOH HOH A . 
G 4 HOH 214 587 415 HOH HOH A . 
G 4 HOH 215 588 416 HOH HOH A . 
G 4 HOH 216 589 417 HOH HOH A . 
G 4 HOH 217 590 418 HOH HOH A . 
G 4 HOH 218 591 419 HOH HOH A . 
G 4 HOH 219 592 420 HOH HOH A . 
G 4 HOH 220 593 421 HOH HOH A . 
G 4 HOH 221 594 422 HOH HOH A . 
G 4 HOH 222 595 423 HOH HOH A . 
G 4 HOH 223 596 424 HOH HOH A . 
G 4 HOH 224 597 425 HOH HOH A . 
G 4 HOH 225 598 426 HOH HOH A . 
# 
_pdbx_struct_assembly.id                   1 
_pdbx_struct_assembly.details              author_defined_assembly 
_pdbx_struct_assembly.method_details       ? 
_pdbx_struct_assembly.oligomeric_details   monomeric 
_pdbx_struct_assembly.oligomeric_count     1 
# 
_pdbx_struct_assembly_gen.assembly_id       1 
_pdbx_struct_assembly_gen.oper_expression   1 
_pdbx_struct_assembly_gen.asym_id_list      A,B,C,D,E,F,G 
# 
_pdbx_struct_oper_list.id                   1 
_pdbx_struct_oper_list.type                 'identity operation' 
_pdbx_struct_oper_list.name                 1_555 
_pdbx_struct_oper_list.symmetry_operation   x,y,z 
_pdbx_struct_oper_list.matrix[1][1]         1.0000000000 
_pdbx_struct_oper_list.matrix[1][2]         0.0000000000 
_pdbx_struct_oper_list.matrix[1][3]         0.0000000000 
_pdbx_struct_oper_list.vector[1]            0.0000000000 
_pdbx_struct_oper_list.matrix[2][1]         0.0000000000 
_pdbx_struct_oper_list.matrix[2][2]         1.0000000000 
_pdbx_struct_oper_list.matrix[2][3]         0.0000000000 
_pdbx_struct_oper_list.vector[2]            0.0000000000 
_pdbx_struct_oper_list.matrix[3][1]         0.0000000000 
_pdbx_struct_oper_list.matrix[3][2]         0.0000000000 
_pdbx_struct_oper_list.matrix[3][3]         1.0000000000 
_pdbx_struct_oper_list.vector[3]            0.0000000000 
# 
_pdbx_struct_special_symmetry.id              1 
_pdbx_struct_special_symmetry.PDB_model_num   1 
_pdbx_struct_special_symmetry.auth_asym_id    A 
_pdbx_struct_special_symmetry.auth_comp_id    HOH 
_pdbx_struct_special_symmetry.auth_seq_id     390 
_pdbx_struct_special_symmetry.PDB_ins_code    ? 
_pdbx_struct_special_symmetry.label_asym_id   G 
_pdbx_struct_special_symmetry.label_comp_id   HOH 
_pdbx_struct_special_symmetry.label_seq_id    . 
# 
loop_
_pdbx_audit_revision_history.ordinal 
_pdbx_audit_revision_history.data_content_type 
_pdbx_audit_revision_history.major_revision 
_pdbx_audit_revision_history.minor_revision 
_pdbx_audit_revision_history.revision_date 
1 'Structure model' 1 0 2007-10-30 
2 'Structure model' 1 1 2011-07-13 
3 'Structure model' 1 2 2017-08-23 
4 'Structure model' 1 3 2023-10-25 
# 
_pdbx_audit_revision_details.ordinal             1 
_pdbx_audit_revision_details.revision_ordinal    1 
_pdbx_audit_revision_details.data_content_type   'Structure model' 
_pdbx_audit_revision_details.provider            repository 
_pdbx_audit_revision_details.type                'Initial release' 
_pdbx_audit_revision_details.description         ? 
_pdbx_audit_revision_details.details             ? 
# 
loop_
_pdbx_audit_revision_group.ordinal 
_pdbx_audit_revision_group.revision_ordinal 
_pdbx_audit_revision_group.data_content_type 
_pdbx_audit_revision_group.group 
1 2 'Structure model' 'Version format compliance' 
2 3 'Structure model' 'Source and taxonomy'       
3 4 'Structure model' 'Data collection'           
4 4 'Structure model' 'Database references'       
5 4 'Structure model' 'Derived calculations'      
6 4 'Structure model' 'Refinement description'    
# 
loop_
_pdbx_audit_revision_category.ordinal 
_pdbx_audit_revision_category.revision_ordinal 
_pdbx_audit_revision_category.data_content_type 
_pdbx_audit_revision_category.category 
1 3 'Structure model' entity_src_gen                
2 4 'Structure model' chem_comp_atom                
3 4 'Structure model' chem_comp_bond                
4 4 'Structure model' database_2                    
5 4 'Structure model' pdbx_initial_refinement_model 
6 4 'Structure model' struct_ref_seq_dif            
7 4 'Structure model' struct_site                   
# 
loop_
_pdbx_audit_revision_item.ordinal 
_pdbx_audit_revision_item.revision_ordinal 
_pdbx_audit_revision_item.data_content_type 
_pdbx_audit_revision_item.item 
1 4 'Structure model' '_database_2.pdbx_DOI'                
2 4 'Structure model' '_database_2.pdbx_database_accession' 
3 4 'Structure model' '_struct_ref_seq_dif.details'         
4 4 'Structure model' '_struct_site.pdbx_auth_asym_id'      
5 4 'Structure model' '_struct_site.pdbx_auth_comp_id'      
6 4 'Structure model' '_struct_site.pdbx_auth_seq_id'       
# 
loop_
_software.name 
_software.classification 
_software.version 
_software.citation_id 
_software.pdbx_ordinal 
REFMAC refinement        5.2.0019 ? 1 
ADSC   'data collection' Quantum  ? 2 
MOSFLM 'data reduction'  .        ? 3 
SCALA  'data scaling'    .        ? 4 
CNS    phasing           .        ? 5 
# 
_pdbx_database_remark.id     999 
_pdbx_database_remark.text   
;SEQUENCE 
UniProt(P11589) shows "Conflict(K -> Q)".
;
# 
loop_
_pdbx_validate_close_contact.id 
_pdbx_validate_close_contact.PDB_model_num 
_pdbx_validate_close_contact.auth_atom_id_1 
_pdbx_validate_close_contact.auth_asym_id_1 
_pdbx_validate_close_contact.auth_comp_id_1 
_pdbx_validate_close_contact.auth_seq_id_1 
_pdbx_validate_close_contact.PDB_ins_code_1 
_pdbx_validate_close_contact.label_alt_id_1 
_pdbx_validate_close_contact.auth_atom_id_2 
_pdbx_validate_close_contact.auth_asym_id_2 
_pdbx_validate_close_contact.auth_comp_id_2 
_pdbx_validate_close_contact.auth_seq_id_2 
_pdbx_validate_close_contact.PDB_ins_code_2 
_pdbx_validate_close_contact.label_alt_id_2 
_pdbx_validate_close_contact.dist 
1 1 CD  A CD  201 ? ? O A HOH 448 ? ? 2.16 
2 1 OE1 A GLU 30  ? ? O A HOH 376 ? ? 2.17 
# 
loop_
_pdbx_validate_torsion.id 
_pdbx_validate_torsion.PDB_model_num 
_pdbx_validate_torsion.auth_comp_id 
_pdbx_validate_torsion.auth_asym_id 
_pdbx_validate_torsion.auth_seq_id 
_pdbx_validate_torsion.PDB_ins_code 
_pdbx_validate_torsion.label_alt_id 
_pdbx_validate_torsion.phi 
_pdbx_validate_torsion.psi 
1 1 THR A 78  ? ? -100.64 -169.81 
2 1 TYR A 88  ? ? -166.60 118.29  
3 1 TYR A 101 ? ? 66.02   -39.14  
4 1 ASN A 103 ? ? -127.00 -54.97  
5 1 PRO A 128 ? ? -68.03  2.06    
# 
_pdbx_validate_peptide_omega.id               1 
_pdbx_validate_peptide_omega.PDB_model_num    1 
_pdbx_validate_peptide_omega.auth_comp_id_1   PHE 
_pdbx_validate_peptide_omega.auth_asym_id_1   A 
_pdbx_validate_peptide_omega.auth_seq_id_1    56 
_pdbx_validate_peptide_omega.PDB_ins_code_1   ? 
_pdbx_validate_peptide_omega.label_alt_id_1   ? 
_pdbx_validate_peptide_omega.auth_comp_id_2   HIS 
_pdbx_validate_peptide_omega.auth_asym_id_2   A 
_pdbx_validate_peptide_omega.auth_seq_id_2    57 
_pdbx_validate_peptide_omega.PDB_ins_code_2   ? 
_pdbx_validate_peptide_omega.label_alt_id_2   ? 
_pdbx_validate_peptide_omega.omega            149.67 
# 
loop_
_pdbx_unobs_or_zero_occ_atoms.id 
_pdbx_unobs_or_zero_occ_atoms.PDB_model_num 
_pdbx_unobs_or_zero_occ_atoms.polymer_flag 
_pdbx_unobs_or_zero_occ_atoms.occupancy_flag 
_pdbx_unobs_or_zero_occ_atoms.auth_asym_id 
_pdbx_unobs_or_zero_occ_atoms.auth_comp_id 
_pdbx_unobs_or_zero_occ_atoms.auth_seq_id 
_pdbx_unobs_or_zero_occ_atoms.PDB_ins_code 
_pdbx_unobs_or_zero_occ_atoms.auth_atom_id 
_pdbx_unobs_or_zero_occ_atoms.label_alt_id 
_pdbx_unobs_or_zero_occ_atoms.label_asym_id 
_pdbx_unobs_or_zero_occ_atoms.label_comp_id 
_pdbx_unobs_or_zero_occ_atoms.label_seq_id 
_pdbx_unobs_or_zero_occ_atoms.label_atom_id 
1  1 Y 1 A GLU 1 ? CG  ? A GLU 13 CG  
2  1 Y 1 A GLU 1 ? CD  ? A GLU 13 CD  
3  1 Y 1 A GLU 1 ? OE1 ? A GLU 13 OE1 
4  1 Y 1 A GLU 1 ? OE2 ? A GLU 13 OE2 
5  1 Y 1 A ARG 8 ? CG  ? A ARG 20 CG  
6  1 Y 1 A ARG 8 ? CD  ? A ARG 20 CD  
7  1 Y 1 A ARG 8 ? NE  ? A ARG 20 NE  
8  1 Y 1 A ARG 8 ? CZ  ? A ARG 20 CZ  
9  1 Y 1 A ARG 8 ? NH1 ? A ARG 20 NH1 
10 1 Y 1 A ARG 8 ? NH2 ? A ARG 20 NH2 
# 
loop_
_pdbx_unobs_or_zero_occ_residues.id 
_pdbx_unobs_or_zero_occ_residues.PDB_model_num 
_pdbx_unobs_or_zero_occ_residues.polymer_flag 
_pdbx_unobs_or_zero_occ_residues.occupancy_flag 
_pdbx_unobs_or_zero_occ_residues.auth_asym_id 
_pdbx_unobs_or_zero_occ_residues.auth_comp_id 
_pdbx_unobs_or_zero_occ_residues.auth_seq_id 
_pdbx_unobs_or_zero_occ_residues.PDB_ins_code 
_pdbx_unobs_or_zero_occ_residues.label_asym_id 
_pdbx_unobs_or_zero_occ_residues.label_comp_id 
_pdbx_unobs_or_zero_occ_residues.label_seq_id 
1  1 Y 1 A MET -11 ? A MET 1   
2  1 Y 1 A ARG -10 ? A ARG 2   
3  1 Y 1 A GLY -9  ? A GLY 3   
4  1 Y 1 A SER -8  ? A SER 4   
5  1 Y 1 A HIS -7  ? A HIS 5   
6  1 Y 1 A HIS -6  ? A HIS 6   
7  1 Y 1 A HIS -5  ? A HIS 7   
8  1 Y 1 A HIS -4  ? A HIS 8   
9  1 Y 1 A HIS -3  ? A HIS 9   
10 1 Y 1 A HIS -2  ? A HIS 10  
11 1 Y 1 A GLY -1  ? A GLY 11  
12 1 Y 1 A SER 0   ? A SER 12  
13 1 Y 1 A ARG 59  ? A ARG 71  
14 1 Y 1 A VAL 60  ? A VAL 72  
15 1 Y 1 A ARG 61  ? A ARG 73  
16 1 Y 1 A LEU 62  ? A LEU 74  
17 1 Y 1 A LEU 63  ? A LEU 75  
18 1 Y 1 A ASN 64  ? A ASN 76  
19 1 Y 1 A ASN 65  ? A ASN 77  
20 1 Y 1 A TRP 66  ? A TRP 78  
21 1 Y 1 A ASP 67  ? A ASP 79  
22 1 Y 1 A CYS 68  ? A CYS 80  
23 1 Y 1 A ASN 159 ? A ASN 171 
24 1 Y 1 A ARG 160 ? A ARG 172 
25 1 Y 1 A CYS 161 ? A CYS 173 
26 1 Y 1 A LEU 162 ? A LEU 174 
27 1 Y 1 A GLN 163 ? A GLN 175 
28 1 Y 1 A ALA 164 ? A ALA 176 
29 1 Y 1 A ARG 165 ? A ARG 177 
30 1 Y 1 A GLU 166 ? A GLU 178 
# 
loop_
_chem_comp_atom.comp_id 
_chem_comp_atom.atom_id 
_chem_comp_atom.type_symbol 
_chem_comp_atom.pdbx_aromatic_flag 
_chem_comp_atom.pdbx_stereo_config 
_chem_comp_atom.pdbx_ordinal 
ALA N    N  N N 1   
ALA CA   C  N S 2   
ALA C    C  N N 3   
ALA O    O  N N 4   
ALA CB   C  N N 5   
ALA OXT  O  N N 6   
ALA H    H  N N 7   
ALA H2   H  N N 8   
ALA HA   H  N N 9   
ALA HB1  H  N N 10  
ALA HB2  H  N N 11  
ALA HB3  H  N N 12  
ALA HXT  H  N N 13  
ARG N    N  N N 14  
ARG CA   C  N S 15  
ARG C    C  N N 16  
ARG O    O  N N 17  
ARG CB   C  N N 18  
ARG CG   C  N N 19  
ARG CD   C  N N 20  
ARG NE   N  N N 21  
ARG CZ   C  N N 22  
ARG NH1  N  N N 23  
ARG NH2  N  N N 24  
ARG OXT  O  N N 25  
ARG H    H  N N 26  
ARG H2   H  N N 27  
ARG HA   H  N N 28  
ARG HB2  H  N N 29  
ARG HB3  H  N N 30  
ARG HG2  H  N N 31  
ARG HG3  H  N N 32  
ARG HD2  H  N N 33  
ARG HD3  H  N N 34  
ARG HE   H  N N 35  
ARG HH11 H  N N 36  
ARG HH12 H  N N 37  
ARG HH21 H  N N 38  
ARG HH22 H  N N 39  
ARG HXT  H  N N 40  
ASN N    N  N N 41  
ASN CA   C  N S 42  
ASN C    C  N N 43  
ASN O    O  N N 44  
ASN CB   C  N N 45  
ASN CG   C  N N 46  
ASN OD1  O  N N 47  
ASN ND2  N  N N 48  
ASN OXT  O  N N 49  
ASN H    H  N N 50  
ASN H2   H  N N 51  
ASN HA   H  N N 52  
ASN HB2  H  N N 53  
ASN HB3  H  N N 54  
ASN HD21 H  N N 55  
ASN HD22 H  N N 56  
ASN HXT  H  N N 57  
ASP N    N  N N 58  
ASP CA   C  N S 59  
ASP C    C  N N 60  
ASP O    O  N N 61  
ASP CB   C  N N 62  
ASP CG   C  N N 63  
ASP OD1  O  N N 64  
ASP OD2  O  N N 65  
ASP OXT  O  N N 66  
ASP H    H  N N 67  
ASP H2   H  N N 68  
ASP HA   H  N N 69  
ASP HB2  H  N N 70  
ASP HB3  H  N N 71  
ASP HD2  H  N N 72  
ASP HXT  H  N N 73  
CD  CD   CD N N 74  
CYS N    N  N N 75  
CYS CA   C  N R 76  
CYS C    C  N N 77  
CYS O    O  N N 78  
CYS CB   C  N N 79  
CYS SG   S  N N 80  
CYS OXT  O  N N 81  
CYS H    H  N N 82  
CYS H2   H  N N 83  
CYS HA   H  N N 84  
CYS HB2  H  N N 85  
CYS HB3  H  N N 86  
CYS HG   H  N N 87  
CYS HXT  H  N N 88  
GLN N    N  N N 89  
GLN CA   C  N S 90  
GLN C    C  N N 91  
GLN O    O  N N 92  
GLN CB   C  N N 93  
GLN CG   C  N N 94  
GLN CD   C  N N 95  
GLN OE1  O  N N 96  
GLN NE2  N  N N 97  
GLN OXT  O  N N 98  
GLN H    H  N N 99  
GLN H2   H  N N 100 
GLN HA   H  N N 101 
GLN HB2  H  N N 102 
GLN HB3  H  N N 103 
GLN HG2  H  N N 104 
GLN HG3  H  N N 105 
GLN HE21 H  N N 106 
GLN HE22 H  N N 107 
GLN HXT  H  N N 108 
GLU N    N  N N 109 
GLU CA   C  N S 110 
GLU C    C  N N 111 
GLU O    O  N N 112 
GLU CB   C  N N 113 
GLU CG   C  N N 114 
GLU CD   C  N N 115 
GLU OE1  O  N N 116 
GLU OE2  O  N N 117 
GLU OXT  O  N N 118 
GLU H    H  N N 119 
GLU H2   H  N N 120 
GLU HA   H  N N 121 
GLU HB2  H  N N 122 
GLU HB3  H  N N 123 
GLU HG2  H  N N 124 
GLU HG3  H  N N 125 
GLU HE2  H  N N 126 
GLU HXT  H  N N 127 
GLY N    N  N N 128 
GLY CA   C  N N 129 
GLY C    C  N N 130 
GLY O    O  N N 131 
GLY OXT  O  N N 132 
GLY H    H  N N 133 
GLY H2   H  N N 134 
GLY HA2  H  N N 135 
GLY HA3  H  N N 136 
GLY HXT  H  N N 137 
HIS N    N  N N 138 
HIS CA   C  N S 139 
HIS C    C  N N 140 
HIS O    O  N N 141 
HIS CB   C  N N 142 
HIS CG   C  Y N 143 
HIS ND1  N  Y N 144 
HIS CD2  C  Y N 145 
HIS CE1  C  Y N 146 
HIS NE2  N  Y N 147 
HIS OXT  O  N N 148 
HIS H    H  N N 149 
HIS H2   H  N N 150 
HIS HA   H  N N 151 
HIS HB2  H  N N 152 
HIS HB3  H  N N 153 
HIS HD1  H  N N 154 
HIS HD2  H  N N 155 
HIS HE1  H  N N 156 
HIS HE2  H  N N 157 
HIS HXT  H  N N 158 
HOH O    O  N N 159 
HOH H1   H  N N 160 
HOH H2   H  N N 161 
ILE N    N  N N 162 
ILE CA   C  N S 163 
ILE C    C  N N 164 
ILE O    O  N N 165 
ILE CB   C  N S 166 
ILE CG1  C  N N 167 
ILE CG2  C  N N 168 
ILE CD1  C  N N 169 
ILE OXT  O  N N 170 
ILE H    H  N N 171 
ILE H2   H  N N 172 
ILE HA   H  N N 173 
ILE HB   H  N N 174 
ILE HG12 H  N N 175 
ILE HG13 H  N N 176 
ILE HG21 H  N N 177 
ILE HG22 H  N N 178 
ILE HG23 H  N N 179 
ILE HD11 H  N N 180 
ILE HD12 H  N N 181 
ILE HD13 H  N N 182 
ILE HXT  H  N N 183 
LEU N    N  N N 184 
LEU CA   C  N S 185 
LEU C    C  N N 186 
LEU O    O  N N 187 
LEU CB   C  N N 188 
LEU CG   C  N N 189 
LEU CD1  C  N N 190 
LEU CD2  C  N N 191 
LEU OXT  O  N N 192 
LEU H    H  N N 193 
LEU H2   H  N N 194 
LEU HA   H  N N 195 
LEU HB2  H  N N 196 
LEU HB3  H  N N 197 
LEU HG   H  N N 198 
LEU HD11 H  N N 199 
LEU HD12 H  N N 200 
LEU HD13 H  N N 201 
LEU HD21 H  N N 202 
LEU HD22 H  N N 203 
LEU HD23 H  N N 204 
LEU HXT  H  N N 205 
LYS N    N  N N 206 
LYS CA   C  N S 207 
LYS C    C  N N 208 
LYS O    O  N N 209 
LYS CB   C  N N 210 
LYS CG   C  N N 211 
LYS CD   C  N N 212 
LYS CE   C  N N 213 
LYS NZ   N  N N 214 
LYS OXT  O  N N 215 
LYS H    H  N N 216 
LYS H2   H  N N 217 
LYS HA   H  N N 218 
LYS HB2  H  N N 219 
LYS HB3  H  N N 220 
LYS HG2  H  N N 221 
LYS HG3  H  N N 222 
LYS HD2  H  N N 223 
LYS HD3  H  N N 224 
LYS HE2  H  N N 225 
LYS HE3  H  N N 226 
LYS HZ1  H  N N 227 
LYS HZ2  H  N N 228 
LYS HZ3  H  N N 229 
LYS HXT  H  N N 230 
MET N    N  N N 231 
MET CA   C  N S 232 
MET C    C  N N 233 
MET O    O  N N 234 
MET CB   C  N N 235 
MET CG   C  N N 236 
MET SD   S  N N 237 
MET CE   C  N N 238 
MET OXT  O  N N 239 
MET H    H  N N 240 
MET H2   H  N N 241 
MET HA   H  N N 242 
MET HB2  H  N N 243 
MET HB3  H  N N 244 
MET HG2  H  N N 245 
MET HG3  H  N N 246 
MET HE1  H  N N 247 
MET HE2  H  N N 248 
MET HE3  H  N N 249 
MET HXT  H  N N 250 
PHE N    N  N N 251 
PHE CA   C  N S 252 
PHE C    C  N N 253 
PHE O    O  N N 254 
PHE CB   C  N N 255 
PHE CG   C  Y N 256 
PHE CD1  C  Y N 257 
PHE CD2  C  Y N 258 
PHE CE1  C  Y N 259 
PHE CE2  C  Y N 260 
PHE CZ   C  Y N 261 
PHE OXT  O  N N 262 
PHE H    H  N N 263 
PHE H2   H  N N 264 
PHE HA   H  N N 265 
PHE HB2  H  N N 266 
PHE HB3  H  N N 267 
PHE HD1  H  N N 268 
PHE HD2  H  N N 269 
PHE HE1  H  N N 270 
PHE HE2  H  N N 271 
PHE HZ   H  N N 272 
PHE HXT  H  N N 273 
PRO N    N  N N 274 
PRO CA   C  N S 275 
PRO C    C  N N 276 
PRO O    O  N N 277 
PRO CB   C  N N 278 
PRO CG   C  N N 279 
PRO CD   C  N N 280 
PRO OXT  O  N N 281 
PRO H    H  N N 282 
PRO HA   H  N N 283 
PRO HB2  H  N N 284 
PRO HB3  H  N N 285 
PRO HG2  H  N N 286 
PRO HG3  H  N N 287 
PRO HD2  H  N N 288 
PRO HD3  H  N N 289 
PRO HXT  H  N N 290 
PRZ N1   N  Y N 291 
PRZ C2   C  Y N 292 
PRZ C3   C  Y N 293 
PRZ N4   N  Y N 294 
PRZ C5   C  Y N 295 
PRZ C6   C  Y N 296 
PRZ C21  C  N N 297 
PRZ C22  C  N N 298 
PRZ C23  C  N N 299 
PRZ C24  C  N N 300 
PRZ O31  O  N N 301 
PRZ C31  C  N N 302 
PRZ H5   H  N N 303 
PRZ H6   H  N N 304 
PRZ H212 H  N N 305 
PRZ H211 H  N N 306 
PRZ H22  H  N N 307 
PRZ H233 H  N N 308 
PRZ H232 H  N N 309 
PRZ H231 H  N N 310 
PRZ H243 H  N N 311 
PRZ H242 H  N N 312 
PRZ H241 H  N N 313 
PRZ H313 H  N N 314 
PRZ H312 H  N N 315 
PRZ H311 H  N N 316 
SER N    N  N N 317 
SER CA   C  N S 318 
SER C    C  N N 319 
SER O    O  N N 320 
SER CB   C  N N 321 
SER OG   O  N N 322 
SER OXT  O  N N 323 
SER H    H  N N 324 
SER H2   H  N N 325 
SER HA   H  N N 326 
SER HB2  H  N N 327 
SER HB3  H  N N 328 
SER HG   H  N N 329 
SER HXT  H  N N 330 
THR N    N  N N 331 
THR CA   C  N S 332 
THR C    C  N N 333 
THR O    O  N N 334 
THR CB   C  N R 335 
THR OG1  O  N N 336 
THR CG2  C  N N 337 
THR OXT  O  N N 338 
THR H    H  N N 339 
THR H2   H  N N 340 
THR HA   H  N N 341 
THR HB   H  N N 342 
THR HG1  H  N N 343 
THR HG21 H  N N 344 
THR HG22 H  N N 345 
THR HG23 H  N N 346 
THR HXT  H  N N 347 
TRP N    N  N N 348 
TRP CA   C  N S 349 
TRP C    C  N N 350 
TRP O    O  N N 351 
TRP CB   C  N N 352 
TRP CG   C  Y N 353 
TRP CD1  C  Y N 354 
TRP CD2  C  Y N 355 
TRP NE1  N  Y N 356 
TRP CE2  C  Y N 357 
TRP CE3  C  Y N 358 
TRP CZ2  C  Y N 359 
TRP CZ3  C  Y N 360 
TRP CH2  C  Y N 361 
TRP OXT  O  N N 362 
TRP H    H  N N 363 
TRP H2   H  N N 364 
TRP HA   H  N N 365 
TRP HB2  H  N N 366 
TRP HB3  H  N N 367 
TRP HD1  H  N N 368 
TRP HE1  H  N N 369 
TRP HE3  H  N N 370 
TRP HZ2  H  N N 371 
TRP HZ3  H  N N 372 
TRP HH2  H  N N 373 
TRP HXT  H  N N 374 
TYR N    N  N N 375 
TYR CA   C  N S 376 
TYR C    C  N N 377 
TYR O    O  N N 378 
TYR CB   C  N N 379 
TYR CG   C  Y N 380 
TYR CD1  C  Y N 381 
TYR CD2  C  Y N 382 
TYR CE1  C  Y N 383 
TYR CE2  C  Y N 384 
TYR CZ   C  Y N 385 
TYR OH   O  N N 386 
TYR OXT  O  N N 387 
TYR H    H  N N 388 
TYR H2   H  N N 389 
TYR HA   H  N N 390 
TYR HB2  H  N N 391 
TYR HB3  H  N N 392 
TYR HD1  H  N N 393 
TYR HD2  H  N N 394 
TYR HE1  H  N N 395 
TYR HE2  H  N N 396 
TYR HH   H  N N 397 
TYR HXT  H  N N 398 
VAL N    N  N N 399 
VAL CA   C  N S 400 
VAL C    C  N N 401 
VAL O    O  N N 402 
VAL CB   C  N N 403 
VAL CG1  C  N N 404 
VAL CG2  C  N N 405 
VAL OXT  O  N N 406 
VAL H    H  N N 407 
VAL H2   H  N N 408 
VAL HA   H  N N 409 
VAL HB   H  N N 410 
VAL HG11 H  N N 411 
VAL HG12 H  N N 412 
VAL HG13 H  N N 413 
VAL HG21 H  N N 414 
VAL HG22 H  N N 415 
VAL HG23 H  N N 416 
VAL HXT  H  N N 417 
# 
loop_
_chem_comp_bond.comp_id 
_chem_comp_bond.atom_id_1 
_chem_comp_bond.atom_id_2 
_chem_comp_bond.value_order 
_chem_comp_bond.pdbx_aromatic_flag 
_chem_comp_bond.pdbx_stereo_config 
_chem_comp_bond.pdbx_ordinal 
ALA N   CA   sing N N 1   
ALA N   H    sing N N 2   
ALA N   H2   sing N N 3   
ALA CA  C    sing N N 4   
ALA CA  CB   sing N N 5   
ALA CA  HA   sing N N 6   
ALA C   O    doub N N 7   
ALA C   OXT  sing N N 8   
ALA CB  HB1  sing N N 9   
ALA CB  HB2  sing N N 10  
ALA CB  HB3  sing N N 11  
ALA OXT HXT  sing N N 12  
ARG N   CA   sing N N 13  
ARG N   H    sing N N 14  
ARG N   H2   sing N N 15  
ARG CA  C    sing N N 16  
ARG CA  CB   sing N N 17  
ARG CA  HA   sing N N 18  
ARG C   O    doub N N 19  
ARG C   OXT  sing N N 20  
ARG CB  CG   sing N N 21  
ARG CB  HB2  sing N N 22  
ARG CB  HB3  sing N N 23  
ARG CG  CD   sing N N 24  
ARG CG  HG2  sing N N 25  
ARG CG  HG3  sing N N 26  
ARG CD  NE   sing N N 27  
ARG CD  HD2  sing N N 28  
ARG CD  HD3  sing N N 29  
ARG NE  CZ   sing N N 30  
ARG NE  HE   sing N N 31  
ARG CZ  NH1  sing N N 32  
ARG CZ  NH2  doub N N 33  
ARG NH1 HH11 sing N N 34  
ARG NH1 HH12 sing N N 35  
ARG NH2 HH21 sing N N 36  
ARG NH2 HH22 sing N N 37  
ARG OXT HXT  sing N N 38  
ASN N   CA   sing N N 39  
ASN N   H    sing N N 40  
ASN N   H2   sing N N 41  
ASN CA  C    sing N N 42  
ASN CA  CB   sing N N 43  
ASN CA  HA   sing N N 44  
ASN C   O    doub N N 45  
ASN C   OXT  sing N N 46  
ASN CB  CG   sing N N 47  
ASN CB  HB2  sing N N 48  
ASN CB  HB3  sing N N 49  
ASN CG  OD1  doub N N 50  
ASN CG  ND2  sing N N 51  
ASN ND2 HD21 sing N N 52  
ASN ND2 HD22 sing N N 53  
ASN OXT HXT  sing N N 54  
ASP N   CA   sing N N 55  
ASP N   H    sing N N 56  
ASP N   H2   sing N N 57  
ASP CA  C    sing N N 58  
ASP CA  CB   sing N N 59  
ASP CA  HA   sing N N 60  
ASP C   O    doub N N 61  
ASP C   OXT  sing N N 62  
ASP CB  CG   sing N N 63  
ASP CB  HB2  sing N N 64  
ASP CB  HB3  sing N N 65  
ASP CG  OD1  doub N N 66  
ASP CG  OD2  sing N N 67  
ASP OD2 HD2  sing N N 68  
ASP OXT HXT  sing N N 69  
CYS N   CA   sing N N 70  
CYS N   H    sing N N 71  
CYS N   H2   sing N N 72  
CYS CA  C    sing N N 73  
CYS CA  CB   sing N N 74  
CYS CA  HA   sing N N 75  
CYS C   O    doub N N 76  
CYS C   OXT  sing N N 77  
CYS CB  SG   sing N N 78  
CYS CB  HB2  sing N N 79  
CYS CB  HB3  sing N N 80  
CYS SG  HG   sing N N 81  
CYS OXT HXT  sing N N 82  
GLN N   CA   sing N N 83  
GLN N   H    sing N N 84  
GLN N   H2   sing N N 85  
GLN CA  C    sing N N 86  
GLN CA  CB   sing N N 87  
GLN CA  HA   sing N N 88  
GLN C   O    doub N N 89  
GLN C   OXT  sing N N 90  
GLN CB  CG   sing N N 91  
GLN CB  HB2  sing N N 92  
GLN CB  HB3  sing N N 93  
GLN CG  CD   sing N N 94  
GLN CG  HG2  sing N N 95  
GLN CG  HG3  sing N N 96  
GLN CD  OE1  doub N N 97  
GLN CD  NE2  sing N N 98  
GLN NE2 HE21 sing N N 99  
GLN NE2 HE22 sing N N 100 
GLN OXT HXT  sing N N 101 
GLU N   CA   sing N N 102 
GLU N   H    sing N N 103 
GLU N   H2   sing N N 104 
GLU CA  C    sing N N 105 
GLU CA  CB   sing N N 106 
GLU CA  HA   sing N N 107 
GLU C   O    doub N N 108 
GLU C   OXT  sing N N 109 
GLU CB  CG   sing N N 110 
GLU CB  HB2  sing N N 111 
GLU CB  HB3  sing N N 112 
GLU CG  CD   sing N N 113 
GLU CG  HG2  sing N N 114 
GLU CG  HG3  sing N N 115 
GLU CD  OE1  doub N N 116 
GLU CD  OE2  sing N N 117 
GLU OE2 HE2  sing N N 118 
GLU OXT HXT  sing N N 119 
GLY N   CA   sing N N 120 
GLY N   H    sing N N 121 
GLY N   H2   sing N N 122 
GLY CA  C    sing N N 123 
GLY CA  HA2  sing N N 124 
GLY CA  HA3  sing N N 125 
GLY C   O    doub N N 126 
GLY C   OXT  sing N N 127 
GLY OXT HXT  sing N N 128 
HIS N   CA   sing N N 129 
HIS N   H    sing N N 130 
HIS N   H2   sing N N 131 
HIS CA  C    sing N N 132 
HIS CA  CB   sing N N 133 
HIS CA  HA   sing N N 134 
HIS C   O    doub N N 135 
HIS C   OXT  sing N N 136 
HIS CB  CG   sing N N 137 
HIS CB  HB2  sing N N 138 
HIS CB  HB3  sing N N 139 
HIS CG  ND1  sing Y N 140 
HIS CG  CD2  doub Y N 141 
HIS ND1 CE1  doub Y N 142 
HIS ND1 HD1  sing N N 143 
HIS CD2 NE2  sing Y N 144 
HIS CD2 HD2  sing N N 145 
HIS CE1 NE2  sing Y N 146 
HIS CE1 HE1  sing N N 147 
HIS NE2 HE2  sing N N 148 
HIS OXT HXT  sing N N 149 
HOH O   H1   sing N N 150 
HOH O   H2   sing N N 151 
ILE N   CA   sing N N 152 
ILE N   H    sing N N 153 
ILE N   H2   sing N N 154 
ILE CA  C    sing N N 155 
ILE CA  CB   sing N N 156 
ILE CA  HA   sing N N 157 
ILE C   O    doub N N 158 
ILE C   OXT  sing N N 159 
ILE CB  CG1  sing N N 160 
ILE CB  CG2  sing N N 161 
ILE CB  HB   sing N N 162 
ILE CG1 CD1  sing N N 163 
ILE CG1 HG12 sing N N 164 
ILE CG1 HG13 sing N N 165 
ILE CG2 HG21 sing N N 166 
ILE CG2 HG22 sing N N 167 
ILE CG2 HG23 sing N N 168 
ILE CD1 HD11 sing N N 169 
ILE CD1 HD12 sing N N 170 
ILE CD1 HD13 sing N N 171 
ILE OXT HXT  sing N N 172 
LEU N   CA   sing N N 173 
LEU N   H    sing N N 174 
LEU N   H2   sing N N 175 
LEU CA  C    sing N N 176 
LEU CA  CB   sing N N 177 
LEU CA  HA   sing N N 178 
LEU C   O    doub N N 179 
LEU C   OXT  sing N N 180 
LEU CB  CG   sing N N 181 
LEU CB  HB2  sing N N 182 
LEU CB  HB3  sing N N 183 
LEU CG  CD1  sing N N 184 
LEU CG  CD2  sing N N 185 
LEU CG  HG   sing N N 186 
LEU CD1 HD11 sing N N 187 
LEU CD1 HD12 sing N N 188 
LEU CD1 HD13 sing N N 189 
LEU CD2 HD21 sing N N 190 
LEU CD2 HD22 sing N N 191 
LEU CD2 HD23 sing N N 192 
LEU OXT HXT  sing N N 193 
LYS N   CA   sing N N 194 
LYS N   H    sing N N 195 
LYS N   H2   sing N N 196 
LYS CA  C    sing N N 197 
LYS CA  CB   sing N N 198 
LYS CA  HA   sing N N 199 
LYS C   O    doub N N 200 
LYS C   OXT  sing N N 201 
LYS CB  CG   sing N N 202 
LYS CB  HB2  sing N N 203 
LYS CB  HB3  sing N N 204 
LYS CG  CD   sing N N 205 
LYS CG  HG2  sing N N 206 
LYS CG  HG3  sing N N 207 
LYS CD  CE   sing N N 208 
LYS CD  HD2  sing N N 209 
LYS CD  HD3  sing N N 210 
LYS CE  NZ   sing N N 211 
LYS CE  HE2  sing N N 212 
LYS CE  HE3  sing N N 213 
LYS NZ  HZ1  sing N N 214 
LYS NZ  HZ2  sing N N 215 
LYS NZ  HZ3  sing N N 216 
LYS OXT HXT  sing N N 217 
MET N   CA   sing N N 218 
MET N   H    sing N N 219 
MET N   H2   sing N N 220 
MET CA  C    sing N N 221 
MET CA  CB   sing N N 222 
MET CA  HA   sing N N 223 
MET C   O    doub N N 224 
MET C   OXT  sing N N 225 
MET CB  CG   sing N N 226 
MET CB  HB2  sing N N 227 
MET CB  HB3  sing N N 228 
MET CG  SD   sing N N 229 
MET CG  HG2  sing N N 230 
MET CG  HG3  sing N N 231 
MET SD  CE   sing N N 232 
MET CE  HE1  sing N N 233 
MET CE  HE2  sing N N 234 
MET CE  HE3  sing N N 235 
MET OXT HXT  sing N N 236 
PHE N   CA   sing N N 237 
PHE N   H    sing N N 238 
PHE N   H2   sing N N 239 
PHE CA  C    sing N N 240 
PHE CA  CB   sing N N 241 
PHE CA  HA   sing N N 242 
PHE C   O    doub N N 243 
PHE C   OXT  sing N N 244 
PHE CB  CG   sing N N 245 
PHE CB  HB2  sing N N 246 
PHE CB  HB3  sing N N 247 
PHE CG  CD1  doub Y N 248 
PHE CG  CD2  sing Y N 249 
PHE CD1 CE1  sing Y N 250 
PHE CD1 HD1  sing N N 251 
PHE CD2 CE2  doub Y N 252 
PHE CD2 HD2  sing N N 253 
PHE CE1 CZ   doub Y N 254 
PHE CE1 HE1  sing N N 255 
PHE CE2 CZ   sing Y N 256 
PHE CE2 HE2  sing N N 257 
PHE CZ  HZ   sing N N 258 
PHE OXT HXT  sing N N 259 
PRO N   CA   sing N N 260 
PRO N   CD   sing N N 261 
PRO N   H    sing N N 262 
PRO CA  C    sing N N 263 
PRO CA  CB   sing N N 264 
PRO CA  HA   sing N N 265 
PRO C   O    doub N N 266 
PRO C   OXT  sing N N 267 
PRO CB  CG   sing N N 268 
PRO CB  HB2  sing N N 269 
PRO CB  HB3  sing N N 270 
PRO CG  CD   sing N N 271 
PRO CG  HG2  sing N N 272 
PRO CG  HG3  sing N N 273 
PRO CD  HD2  sing N N 274 
PRO CD  HD3  sing N N 275 
PRO OXT HXT  sing N N 276 
PRZ N1  C2   doub Y N 277 
PRZ N1  C6   sing Y N 278 
PRZ C2  C3   sing Y N 279 
PRZ C2  C21  sing N N 280 
PRZ C3  N4   doub Y N 281 
PRZ C3  O31  sing N N 282 
PRZ N4  C5   sing Y N 283 
PRZ C5  C6   doub Y N 284 
PRZ C5  H5   sing N N 285 
PRZ C6  H6   sing N N 286 
PRZ C21 C22  sing N N 287 
PRZ C21 H212 sing N N 288 
PRZ C21 H211 sing N N 289 
PRZ C22 C23  sing N N 290 
PRZ C22 C24  sing N N 291 
PRZ C22 H22  sing N N 292 
PRZ C23 H233 sing N N 293 
PRZ C23 H232 sing N N 294 
PRZ C23 H231 sing N N 295 
PRZ C24 H243 sing N N 296 
PRZ C24 H242 sing N N 297 
PRZ C24 H241 sing N N 298 
PRZ O31 C31  sing N N 299 
PRZ C31 H313 sing N N 300 
PRZ C31 H312 sing N N 301 
PRZ C31 H311 sing N N 302 
SER N   CA   sing N N 303 
SER N   H    sing N N 304 
SER N   H2   sing N N 305 
SER CA  C    sing N N 306 
SER CA  CB   sing N N 307 
SER CA  HA   sing N N 308 
SER C   O    doub N N 309 
SER C   OXT  sing N N 310 
SER CB  OG   sing N N 311 
SER CB  HB2  sing N N 312 
SER CB  HB3  sing N N 313 
SER OG  HG   sing N N 314 
SER OXT HXT  sing N N 315 
THR N   CA   sing N N 316 
THR N   H    sing N N 317 
THR N   H2   sing N N 318 
THR CA  C    sing N N 319 
THR CA  CB   sing N N 320 
THR CA  HA   sing N N 321 
THR C   O    doub N N 322 
THR C   OXT  sing N N 323 
THR CB  OG1  sing N N 324 
THR CB  CG2  sing N N 325 
THR CB  HB   sing N N 326 
THR OG1 HG1  sing N N 327 
THR CG2 HG21 sing N N 328 
THR CG2 HG22 sing N N 329 
THR CG2 HG23 sing N N 330 
THR OXT HXT  sing N N 331 
TRP N   CA   sing N N 332 
TRP N   H    sing N N 333 
TRP N   H2   sing N N 334 
TRP CA  C    sing N N 335 
TRP CA  CB   sing N N 336 
TRP CA  HA   sing N N 337 
TRP C   O    doub N N 338 
TRP C   OXT  sing N N 339 
TRP CB  CG   sing N N 340 
TRP CB  HB2  sing N N 341 
TRP CB  HB3  sing N N 342 
TRP CG  CD1  doub Y N 343 
TRP CG  CD2  sing Y N 344 
TRP CD1 NE1  sing Y N 345 
TRP CD1 HD1  sing N N 346 
TRP CD2 CE2  doub Y N 347 
TRP CD2 CE3  sing Y N 348 
TRP NE1 CE2  sing Y N 349 
TRP NE1 HE1  sing N N 350 
TRP CE2 CZ2  sing Y N 351 
TRP CE3 CZ3  doub Y N 352 
TRP CE3 HE3  sing N N 353 
TRP CZ2 CH2  doub Y N 354 
TRP CZ2 HZ2  sing N N 355 
TRP CZ3 CH2  sing Y N 356 
TRP CZ3 HZ3  sing N N 357 
TRP CH2 HH2  sing N N 358 
TRP OXT HXT  sing N N 359 
TYR N   CA   sing N N 360 
TYR N   H    sing N N 361 
TYR N   H2   sing N N 362 
TYR CA  C    sing N N 363 
TYR CA  CB   sing N N 364 
TYR CA  HA   sing N N 365 
TYR C   O    doub N N 366 
TYR C   OXT  sing N N 367 
TYR CB  CG   sing N N 368 
TYR CB  HB2  sing N N 369 
TYR CB  HB3  sing N N 370 
TYR CG  CD1  doub Y N 371 
TYR CG  CD2  sing Y N 372 
TYR CD1 CE1  sing Y N 373 
TYR CD1 HD1  sing N N 374 
TYR CD2 CE2  doub Y N 375 
TYR CD2 HD2  sing N N 376 
TYR CE1 CZ   doub Y N 377 
TYR CE1 HE1  sing N N 378 
TYR CE2 CZ   sing Y N 379 
TYR CE2 HE2  sing N N 380 
TYR CZ  OH   sing N N 381 
TYR OH  HH   sing N N 382 
TYR OXT HXT  sing N N 383 
VAL N   CA   sing N N 384 
VAL N   H    sing N N 385 
VAL N   H2   sing N N 386 
VAL CA  C    sing N N 387 
VAL CA  CB   sing N N 388 
VAL CA  HA   sing N N 389 
VAL C   O    doub N N 390 
VAL C   OXT  sing N N 391 
VAL CB  CG1  sing N N 392 
VAL CB  CG2  sing N N 393 
VAL CB  HB   sing N N 394 
VAL CG1 HG11 sing N N 395 
VAL CG1 HG12 sing N N 396 
VAL CG1 HG13 sing N N 397 
VAL CG2 HG21 sing N N 398 
VAL CG2 HG22 sing N N 399 
VAL CG2 HG23 sing N N 400 
VAL OXT HXT  sing N N 401 
# 
loop_
_pdbx_entity_nonpoly.entity_id 
_pdbx_entity_nonpoly.name 
_pdbx_entity_nonpoly.comp_id 
2 'CADMIUM ION'                CD  
3 2-ISOBUTYL-3-METHOXYPYRAZINE PRZ 
4 water                        HOH 
# 
_pdbx_initial_refinement_model.id               1 
_pdbx_initial_refinement_model.entity_id_list   ? 
_pdbx_initial_refinement_model.type             'experimental model' 
_pdbx_initial_refinement_model.source_name      PDB 
_pdbx_initial_refinement_model.accession_code   1QY0 
_pdbx_initial_refinement_model.details          ? 
# 
